data_7PRD
#
_entry.id   7PRD
#
_entity_poly.entity_id   1
_entity_poly.type   'polypeptide(L)'
_entity_poly.pdbx_seq_one_letter_code
;TANTASQQLSLDPKQRSKQILSNLKKSPPLNLNISLPTDLTSTDPAKQQAALFQVIAALQKHFKTNMENVNYDLLQKQVK
YIMDSNMLNLPQFQHLPQEEKMSAILAMLNSNSDTALSVPPHDST
;
_entity_poly.pdbx_strand_id   A
#
# COMPACT_ATOMS: atom_id res chain seq x y z
N THR A 1 -30.54 9.58 -11.62
CA THR A 1 -30.33 9.18 -10.23
C THR A 1 -29.01 9.71 -9.68
N ALA A 2 -29.05 10.23 -8.46
CA ALA A 2 -27.85 10.77 -7.83
C ALA A 2 -28.02 10.86 -6.32
N ASN A 3 -26.90 10.85 -5.60
CA ASN A 3 -26.93 10.93 -4.15
C ASN A 3 -26.57 12.33 -3.67
N THR A 4 -27.42 12.92 -2.84
CA THR A 4 -27.18 14.26 -2.32
C THR A 4 -25.93 14.29 -1.46
N ALA A 5 -25.95 13.57 -0.34
CA ALA A 5 -24.81 13.53 0.57
C ALA A 5 -24.79 12.23 1.35
N SER A 6 -23.60 11.82 1.79
CA SER A 6 -23.43 10.59 2.55
C SER A 6 -22.17 10.64 3.41
N GLN A 7 -22.32 10.37 4.69
CA GLN A 7 -21.19 10.38 5.61
C GLN A 7 -20.38 9.10 5.50
N GLN A 8 -19.10 9.17 5.83
CA GLN A 8 -18.22 8.01 5.76
C GLN A 8 -17.91 7.48 7.16
N LEU A 9 -17.55 6.20 7.24
CA LEU A 9 -17.22 5.58 8.52
C LEU A 9 -16.09 4.58 8.35
N SER A 10 -15.16 4.59 9.31
CA SER A 10 -14.02 3.68 9.27
C SER A 10 -13.47 3.45 10.67
N LEU A 11 -13.66 2.24 11.19
CA LEU A 11 -13.19 1.90 12.52
C LEU A 11 -12.02 0.92 12.45
N ASP A 12 -12.12 -0.04 11.54
CA ASP A 12 -11.07 -1.03 11.36
C ASP A 12 -10.40 -0.89 9.99
N PRO A 13 -9.19 -1.44 9.86
CA PRO A 13 -8.43 -1.37 8.61
C PRO A 13 -9.05 -2.24 7.50
N LYS A 14 -9.55 -3.41 7.89
CA LYS A 14 -10.18 -4.32 6.94
C LYS A 14 -11.40 -3.67 6.29
N GLN A 15 -12.07 -2.81 7.04
CA GLN A 15 -13.27 -2.13 6.53
C GLN A 15 -12.89 -0.91 5.71
N ARG A 16 -12.09 -0.02 6.31
CA ARG A 16 -11.66 1.19 5.64
C ARG A 16 -10.98 0.87 4.31
N SER A 17 -10.31 -0.28 4.26
CA SER A 17 -9.61 -0.71 3.06
C SER A 17 -10.53 -0.64 1.85
N LYS A 18 -11.82 -0.90 2.08
CA LYS A 18 -12.80 -0.86 1.00
C LYS A 18 -13.13 0.57 0.61
N GLN A 19 -13.16 1.46 1.60
CA GLN A 19 -13.46 2.87 1.36
C GLN A 19 -12.30 3.57 0.67
N ILE A 20 -11.09 3.37 1.21
CA ILE A 20 -9.90 3.98 0.64
C ILE A 20 -9.76 3.65 -0.83
N LEU A 21 -10.05 2.39 -1.19
CA LEU A 21 -9.96 1.95 -2.56
C LEU A 21 -10.97 2.67 -3.45
N SER A 22 -12.13 2.97 -2.89
CA SER A 22 -13.19 3.66 -3.63
C SER A 22 -12.75 5.08 -3.99
N ASN A 23 -11.96 5.69 -3.11
CA ASN A 23 -11.48 7.05 -3.34
C ASN A 23 -9.96 7.06 -3.49
N LEU A 24 -9.42 6.00 -4.08
CA LEU A 24 -7.98 5.89 -4.29
C LEU A 24 -7.51 6.85 -5.38
N LYS A 25 -8.26 6.91 -6.48
CA LYS A 25 -7.92 7.79 -7.58
C LYS A 25 -7.69 9.22 -7.10
N LYS A 26 -8.41 9.59 -6.05
CA LYS A 26 -8.29 10.93 -5.48
C LYS A 26 -6.81 11.30 -5.25
N SER A 27 -6.02 10.30 -4.89
CA SER A 27 -4.60 10.51 -4.64
C SER A 27 -3.93 11.22 -5.81
N PRO A 28 -2.82 11.91 -5.54
CA PRO A 28 -2.07 12.64 -6.56
C PRO A 28 -1.36 11.71 -7.53
N PRO A 29 -0.96 12.26 -8.69
CA PRO A 29 -0.27 11.49 -9.73
C PRO A 29 1.15 11.10 -9.31
N LEU A 30 1.38 9.80 -9.16
CA LEU A 30 2.68 9.29 -8.77
C LEU A 30 3.07 8.07 -9.59
N ASN A 31 4.18 8.18 -10.31
CA ASN A 31 4.66 7.08 -11.14
C ASN A 31 5.71 6.25 -10.41
N LEU A 32 5.28 5.14 -9.83
CA LEU A 32 6.18 4.26 -9.10
C LEU A 32 6.87 3.27 -10.03
N ASN A 33 6.07 2.63 -10.89
CA ASN A 33 6.60 1.66 -11.84
C ASN A 33 7.16 0.44 -11.12
N ILE A 34 6.41 -0.06 -10.14
CA ILE A 34 6.83 -1.23 -9.38
C ILE A 34 6.01 -2.46 -9.75
N SER A 35 6.62 -3.34 -10.53
CA SER A 35 5.94 -4.57 -10.96
C SER A 35 5.35 -5.31 -9.78
N LEU A 36 4.20 -5.95 -10.00
CA LEU A 36 3.52 -6.70 -8.95
C LEU A 36 3.49 -8.19 -9.28
N PRO A 37 4.44 -8.94 -8.71
CA PRO A 37 4.54 -10.39 -8.92
C PRO A 37 3.41 -11.15 -8.25
N THR A 38 2.97 -12.23 -8.88
CA THR A 38 1.89 -13.05 -8.35
C THR A 38 2.14 -13.39 -6.88
N ASP A 39 3.39 -13.63 -6.53
CA ASP A 39 3.75 -13.96 -5.17
C ASP A 39 3.12 -12.98 -4.18
N LEU A 40 3.16 -11.70 -4.52
CA LEU A 40 2.59 -10.67 -3.67
C LEU A 40 1.13 -10.95 -3.37
N THR A 41 0.41 -11.43 -4.38
CA THR A 41 -1.01 -11.74 -4.22
C THR A 41 -1.25 -13.24 -4.28
N SER A 42 -0.24 -14.02 -3.88
CA SER A 42 -0.33 -15.47 -3.89
C SER A 42 -1.50 -15.94 -3.03
N THR A 43 -1.66 -17.26 -2.93
CA THR A 43 -2.74 -17.84 -2.14
C THR A 43 -2.28 -18.15 -0.73
N ASP A 44 -0.98 -18.41 -0.58
CA ASP A 44 -0.41 -18.72 0.73
C ASP A 44 0.27 -17.49 1.34
N PRO A 45 0.38 -17.47 2.67
CA PRO A 45 1.01 -16.37 3.39
C PRO A 45 2.51 -16.30 3.16
N ALA A 46 3.15 -17.45 3.06
CA ALA A 46 4.59 -17.53 2.84
C ALA A 46 4.99 -16.70 1.63
N LYS A 47 4.37 -16.98 0.48
CA LYS A 47 4.65 -16.26 -0.75
C LYS A 47 4.15 -14.83 -0.67
N GLN A 48 2.98 -14.64 -0.06
CA GLN A 48 2.39 -13.32 0.07
C GLN A 48 3.34 -12.37 0.79
N GLN A 49 3.82 -12.79 1.96
CA GLN A 49 4.74 -11.97 2.74
C GLN A 49 6.08 -11.83 2.04
N ALA A 50 6.63 -12.96 1.61
CA ALA A 50 7.92 -12.98 0.92
C ALA A 50 7.97 -11.91 -0.17
N ALA A 51 6.90 -11.82 -0.96
CA ALA A 51 6.83 -10.84 -2.03
C ALA A 51 6.66 -9.43 -1.48
N LEU A 52 5.78 -9.29 -0.49
CA LEU A 52 5.52 -7.99 0.12
C LEU A 52 6.83 -7.29 0.49
N PHE A 53 7.70 -8.01 1.18
CA PHE A 53 8.99 -7.46 1.59
C PHE A 53 9.78 -6.98 0.38
N GLN A 54 9.62 -7.65 -0.74
CA GLN A 54 10.31 -7.29 -1.97
C GLN A 54 9.80 -5.96 -2.51
N VAL A 55 8.50 -5.91 -2.78
CA VAL A 55 7.89 -4.69 -3.31
C VAL A 55 8.14 -3.50 -2.39
N ILE A 56 8.05 -3.74 -1.08
CA ILE A 56 8.26 -2.68 -0.09
C ILE A 56 9.71 -2.20 -0.13
N ALA A 57 10.64 -3.14 -0.23
CA ALA A 57 12.06 -2.81 -0.27
C ALA A 57 12.37 -1.88 -1.45
N ALA A 58 11.99 -2.31 -2.64
CA ALA A 58 12.23 -1.52 -3.85
C ALA A 58 11.59 -0.14 -3.74
N LEU A 59 10.37 -0.11 -3.20
CA LEU A 59 9.64 1.15 -3.03
C LEU A 59 10.34 2.05 -2.02
N GLN A 60 10.81 1.45 -0.93
CA GLN A 60 11.50 2.21 0.11
C GLN A 60 12.70 2.95 -0.45
N LYS A 61 13.55 2.22 -1.17
CA LYS A 61 14.74 2.82 -1.77
C LYS A 61 14.37 3.88 -2.79
N HIS A 62 13.53 3.50 -3.77
CA HIS A 62 13.10 4.44 -4.80
C HIS A 62 12.48 5.68 -4.18
N PHE A 63 11.97 5.54 -2.96
CA PHE A 63 11.36 6.67 -2.26
C PHE A 63 12.41 7.59 -1.66
N LYS A 64 13.18 7.06 -0.72
CA LYS A 64 14.23 7.83 -0.07
C LYS A 64 15.40 8.08 -1.02
N THR A 65 16.02 7.00 -1.49
CA THR A 65 17.14 7.10 -2.40
C THR A 65 17.44 5.75 -3.06
N ASN A 66 17.78 5.79 -4.34
CA ASN A 66 18.10 4.58 -5.08
C ASN A 66 19.19 3.78 -4.39
N MET A 67 20.12 4.49 -3.75
CA MET A 67 21.21 3.85 -3.03
C MET A 67 20.92 3.74 -1.54
N GLU A 68 19.67 4.00 -1.17
CA GLU A 68 19.25 3.94 0.23
C GLU A 68 19.16 2.49 0.71
N ASN A 69 19.09 2.31 2.02
CA ASN A 69 19.00 0.99 2.60
C ASN A 69 17.54 0.55 2.73
N VAL A 70 17.33 -0.66 3.22
CA VAL A 70 15.98 -1.20 3.40
C VAL A 70 15.56 -1.19 4.86
N ASN A 71 14.80 -0.18 5.25
CA ASN A 71 14.33 -0.06 6.62
C ASN A 71 13.55 -1.30 7.05
N TYR A 72 14.23 -2.21 7.75
CA TYR A 72 13.61 -3.44 8.21
C TYR A 72 12.63 -3.16 9.35
N ASP A 73 13.07 -2.35 10.32
CA ASP A 73 12.22 -2.00 11.45
C ASP A 73 10.88 -1.46 11.00
N LEU A 74 10.92 -0.47 10.10
CA LEU A 74 9.70 0.14 9.58
C LEU A 74 8.96 -0.82 8.65
N LEU A 75 9.72 -1.69 7.99
CA LEU A 75 9.14 -2.67 7.08
C LEU A 75 8.08 -3.52 7.77
N GLN A 76 8.39 -3.94 9.00
CA GLN A 76 7.45 -4.76 9.77
C GLN A 76 6.09 -4.07 9.89
N LYS A 77 6.12 -2.74 10.03
CA LYS A 77 4.89 -1.97 10.16
C LYS A 77 4.17 -1.88 8.81
N GLN A 78 4.88 -1.43 7.79
CA GLN A 78 4.31 -1.30 6.46
C GLN A 78 3.74 -2.63 5.97
N VAL A 79 4.45 -3.71 6.27
CA VAL A 79 4.03 -5.04 5.86
C VAL A 79 2.86 -5.52 6.71
N LYS A 80 2.95 -5.29 8.02
CA LYS A 80 1.90 -5.70 8.94
C LYS A 80 0.55 -5.14 8.51
N TYR A 81 0.53 -3.86 8.15
CA TYR A 81 -0.69 -3.21 7.71
C TYR A 81 -1.38 -4.00 6.60
N ILE A 82 -0.67 -4.19 5.50
CA ILE A 82 -1.21 -4.94 4.37
C ILE A 82 -1.67 -6.33 4.79
N MET A 83 -0.87 -6.98 5.64
CA MET A 83 -1.20 -8.32 6.13
C MET A 83 -2.57 -8.32 6.81
N ASP A 84 -2.72 -7.49 7.83
CA ASP A 84 -3.98 -7.40 8.56
C ASP A 84 -5.11 -6.95 7.64
N SER A 85 -4.83 -5.96 6.80
CA SER A 85 -5.83 -5.43 5.88
C SER A 85 -6.32 -6.53 4.94
N ASN A 86 -5.43 -7.45 4.58
CA ASN A 86 -5.78 -8.55 3.69
C ASN A 86 -6.15 -8.03 2.31
N MET A 87 -5.61 -6.87 1.95
CA MET A 87 -5.89 -6.26 0.65
C MET A 87 -5.43 -7.18 -0.48
N LEU A 88 -4.34 -7.89 -0.26
CA LEU A 88 -3.80 -8.80 -1.27
C LEU A 88 -4.82 -9.89 -1.61
N ASN A 89 -5.44 -10.45 -0.58
CA ASN A 89 -6.44 -11.50 -0.78
C ASN A 89 -7.78 -10.90 -1.19
N LEU A 90 -8.07 -9.70 -0.69
CA LEU A 90 -9.33 -9.02 -1.01
C LEU A 90 -9.56 -8.99 -2.52
N PRO A 91 -10.77 -9.37 -2.94
CA PRO A 91 -11.14 -9.39 -4.36
C PRO A 91 -11.28 -7.99 -4.93
N GLN A 92 -11.76 -7.06 -4.11
CA GLN A 92 -11.94 -5.67 -4.54
C GLN A 92 -10.64 -5.09 -5.07
N PHE A 93 -9.54 -5.42 -4.40
CA PHE A 93 -8.22 -4.92 -4.79
C PHE A 93 -7.60 -5.83 -5.85
N GLN A 94 -7.90 -7.12 -5.77
CA GLN A 94 -7.36 -8.08 -6.73
C GLN A 94 -7.92 -7.82 -8.13
N HIS A 95 -9.06 -7.15 -8.19
CA HIS A 95 -9.69 -6.84 -9.47
C HIS A 95 -8.97 -5.70 -10.17
N LEU A 96 -8.44 -4.76 -9.39
CA LEU A 96 -7.72 -3.62 -9.93
C LEU A 96 -6.51 -4.07 -10.74
N PRO A 97 -6.14 -3.27 -11.75
CA PRO A 97 -5.00 -3.57 -12.62
C PRO A 97 -3.67 -3.42 -11.88
N GLN A 98 -2.67 -4.22 -12.29
CA GLN A 98 -1.35 -4.17 -11.67
C GLN A 98 -0.90 -2.73 -11.46
N GLU A 99 -1.28 -1.86 -12.39
CA GLU A 99 -0.90 -0.45 -12.32
C GLU A 99 -1.59 0.23 -11.13
N GLU A 100 -2.92 0.22 -11.14
CA GLU A 100 -3.69 0.84 -10.07
C GLU A 100 -3.36 0.20 -8.72
N LYS A 101 -3.25 -1.12 -8.71
CA LYS A 101 -2.92 -1.85 -7.48
C LYS A 101 -1.76 -1.19 -6.75
N MET A 102 -0.73 -0.81 -7.50
CA MET A 102 0.44 -0.17 -6.91
C MET A 102 0.05 1.10 -6.16
N SER A 103 -0.80 1.91 -6.78
CA SER A 103 -1.24 3.15 -6.18
C SER A 103 -2.04 2.88 -4.90
N ALA A 104 -2.92 1.90 -4.96
CA ALA A 104 -3.74 1.54 -3.81
C ALA A 104 -2.88 1.06 -2.65
N ILE A 105 -1.95 0.14 -2.95
CA ILE A 105 -1.06 -0.40 -1.93
C ILE A 105 -0.25 0.71 -1.26
N LEU A 106 0.43 1.51 -2.07
CA LEU A 106 1.24 2.60 -1.56
C LEU A 106 0.39 3.60 -0.79
N ALA A 107 -0.70 4.05 -1.43
CA ALA A 107 -1.61 5.01 -0.82
C ALA A 107 -2.03 4.55 0.58
N MET A 108 -2.53 3.33 0.66
CA MET A 108 -2.97 2.77 1.94
C MET A 108 -1.81 2.71 2.93
N LEU A 109 -0.62 2.38 2.42
CA LEU A 109 0.56 2.29 3.27
C LEU A 109 0.81 3.60 4.01
N ASN A 110 0.32 4.69 3.45
CA ASN A 110 0.48 6.01 4.06
C ASN A 110 -0.71 6.34 4.97
N SER A 111 -1.37 5.30 5.47
CA SER A 111 -2.53 5.48 6.35
C SER A 111 -2.10 5.41 7.81
N ASN A 112 -1.12 4.56 8.11
CA ASN A 112 -0.63 4.40 9.47
C ASN A 112 0.62 5.24 9.69
N SER A 113 0.84 5.65 10.93
CA SER A 113 2.00 6.47 11.28
C SER A 113 3.29 5.67 11.14
N ASP A 114 3.31 4.47 11.73
CA ASP A 114 4.48 3.61 11.67
C ASP A 114 4.92 3.40 10.22
N THR A 115 3.96 3.17 9.33
CA THR A 115 4.25 2.96 7.93
C THR A 115 4.10 4.26 7.13
N ALA A 116 4.36 5.38 7.79
CA ALA A 116 4.26 6.68 7.14
C ALA A 116 5.57 7.06 6.46
N LEU A 117 6.36 6.05 6.11
CA LEU A 117 7.65 6.28 5.46
C LEU A 117 7.47 7.08 4.17
N SER A 118 6.25 7.05 3.64
CA SER A 118 5.94 7.77 2.41
C SER A 118 6.45 9.21 2.46
N VAL A 119 6.55 9.74 3.68
CA VAL A 119 7.02 11.11 3.88
C VAL A 119 8.38 11.32 3.23
N PRO A 120 8.50 12.41 2.46
CA PRO A 120 9.75 12.75 1.77
C PRO A 120 10.84 13.19 2.73
N PRO A 121 12.09 13.26 2.22
CA PRO A 121 13.24 13.66 3.01
C PRO A 121 13.21 15.14 3.38
N HIS A 122 14.33 15.64 3.90
CA HIS A 122 14.43 17.04 4.29
C HIS A 122 15.73 17.65 3.78
N ASP A 123 15.73 18.07 2.52
CA ASP A 123 16.91 18.67 1.92
C ASP A 123 17.45 19.80 2.79
N SER A 124 18.68 19.67 3.25
CA SER A 124 19.32 20.67 4.09
C SER A 124 20.72 20.99 3.60
N THR A 125 21.15 22.23 3.82
CA THR A 125 22.48 22.66 3.40
C THR A 125 23.44 22.71 4.59
N THR A 1 -26.73 10.83 -2.87
CA THR A 1 -28.06 11.21 -3.31
C THR A 1 -28.91 11.70 -2.15
N ALA A 2 -29.08 10.84 -1.15
CA ALA A 2 -29.88 11.19 0.03
C ALA A 2 -29.11 12.14 0.94
N ASN A 3 -28.04 11.63 1.54
CA ASN A 3 -27.22 12.43 2.45
C ASN A 3 -25.87 12.77 1.81
N THR A 4 -25.55 14.06 1.80
CA THR A 4 -24.30 14.52 1.22
C THR A 4 -23.37 15.10 2.28
N ALA A 5 -22.96 14.26 3.23
CA ALA A 5 -22.08 14.69 4.30
C ALA A 5 -20.95 13.69 4.51
N SER A 6 -19.85 14.15 5.10
CA SER A 6 -18.70 13.30 5.36
C SER A 6 -18.71 12.79 6.80
N GLN A 7 -18.95 11.49 6.96
CA GLN A 7 -19.00 10.88 8.28
C GLN A 7 -18.06 9.68 8.35
N GLN A 8 -17.87 9.16 9.56
CA GLN A 8 -17.00 8.00 9.77
C GLN A 8 -17.82 6.72 9.88
N LEU A 9 -17.76 5.89 8.85
CA LEU A 9 -18.48 4.63 8.84
C LEU A 9 -17.59 3.47 9.25
N SER A 10 -16.41 3.39 8.62
CA SER A 10 -15.46 2.33 8.93
C SER A 10 -14.36 2.84 9.85
N LEU A 11 -13.95 1.98 10.80
CA LEU A 11 -12.92 2.34 11.76
C LEU A 11 -11.73 1.39 11.64
N ASP A 12 -12.02 0.13 11.37
CA ASP A 12 -10.98 -0.89 11.23
C ASP A 12 -10.31 -0.81 9.86
N PRO A 13 -9.07 -1.31 9.77
CA PRO A 13 -8.30 -1.30 8.53
C PRO A 13 -8.86 -2.27 7.49
N LYS A 14 -9.29 -3.44 7.96
CA LYS A 14 -9.86 -4.46 7.08
C LYS A 14 -11.13 -3.95 6.42
N GLN A 15 -11.91 -3.16 7.16
CA GLN A 15 -13.16 -2.62 6.65
C GLN A 15 -12.90 -1.45 5.71
N ARG A 16 -12.18 -0.44 6.21
CA ARG A 16 -11.86 0.74 5.42
C ARG A 16 -11.16 0.35 4.13
N SER A 17 -10.38 -0.72 4.18
CA SER A 17 -9.65 -1.19 3.00
C SER A 17 -10.59 -1.35 1.81
N LYS A 18 -11.83 -1.73 2.10
CA LYS A 18 -12.82 -1.92 1.04
C LYS A 18 -13.33 -0.58 0.51
N GLN A 19 -13.43 0.41 1.40
CA GLN A 19 -13.89 1.73 1.03
C GLN A 19 -12.83 2.47 0.22
N ILE A 20 -11.60 2.47 0.73
CA ILE A 20 -10.49 3.14 0.06
C ILE A 20 -10.35 2.64 -1.38
N LEU A 21 -10.47 1.34 -1.56
CA LEU A 21 -10.35 0.74 -2.89
C LEU A 21 -11.49 1.18 -3.79
N SER A 22 -12.66 1.42 -3.19
CA SER A 22 -13.83 1.84 -3.95
C SER A 22 -13.60 3.22 -4.56
N ASN A 23 -12.86 4.07 -3.85
CA ASN A 23 -12.57 5.42 -4.31
C ASN A 23 -11.07 5.61 -4.53
N LEU A 24 -10.40 4.55 -4.97
CA LEU A 24 -8.96 4.61 -5.21
C LEU A 24 -8.67 5.01 -6.65
N LYS A 25 -9.60 4.72 -7.55
CA LYS A 25 -9.45 5.05 -8.95
C LYS A 25 -8.97 6.49 -9.12
N LYS A 26 -9.43 7.37 -8.23
CA LYS A 26 -9.05 8.78 -8.29
C LYS A 26 -7.89 9.05 -7.35
N SER A 27 -6.72 8.52 -7.69
CA SER A 27 -5.52 8.70 -6.88
C SER A 27 -4.59 9.73 -7.52
N PRO A 28 -3.67 10.28 -6.70
CA PRO A 28 -2.71 11.27 -7.16
C PRO A 28 -1.66 10.68 -8.10
N PRO A 29 -0.89 11.56 -8.76
CA PRO A 29 0.15 11.14 -9.70
C PRO A 29 1.34 10.50 -8.99
N LEU A 30 1.73 9.31 -9.45
CA LEU A 30 2.85 8.59 -8.86
C LEU A 30 3.57 7.75 -9.91
N ASN A 31 4.82 8.10 -10.18
CA ASN A 31 5.63 7.38 -11.16
C ASN A 31 6.80 6.68 -10.50
N LEU A 32 6.72 5.35 -10.42
CA LEU A 32 7.78 4.56 -9.80
C LEU A 32 8.30 3.50 -10.76
N ASN A 33 7.40 2.94 -11.57
CA ASN A 33 7.76 1.93 -12.54
C ASN A 33 8.21 0.64 -11.84
N ILE A 34 7.42 0.21 -10.87
CA ILE A 34 7.73 -1.01 -10.12
C ILE A 34 6.73 -2.12 -10.42
N SER A 35 7.19 -3.15 -11.12
CA SER A 35 6.32 -4.27 -11.47
C SER A 35 5.86 -5.01 -10.22
N LEU A 36 4.78 -5.77 -10.37
CA LEU A 36 4.23 -6.53 -9.25
C LEU A 36 4.36 -8.04 -9.49
N PRO A 37 5.21 -8.69 -8.68
CA PRO A 37 5.45 -10.12 -8.78
C PRO A 37 4.24 -10.95 -8.34
N THR A 38 4.01 -12.06 -9.04
CA THR A 38 2.88 -12.93 -8.72
C THR A 38 2.84 -13.26 -7.23
N ASP A 39 4.02 -13.33 -6.61
CA ASP A 39 4.13 -13.63 -5.19
C ASP A 39 3.16 -12.76 -4.38
N LEU A 40 3.12 -11.47 -4.70
CA LEU A 40 2.25 -10.53 -4.01
C LEU A 40 0.80 -10.99 -4.07
N THR A 41 0.41 -11.58 -5.20
CA THR A 41 -0.96 -12.06 -5.38
C THR A 41 -1.00 -13.58 -5.35
N SER A 42 -0.05 -14.19 -4.64
CA SER A 42 0.02 -15.64 -4.53
C SER A 42 -1.22 -16.20 -3.84
N THR A 43 -1.20 -17.49 -3.55
CA THR A 43 -2.32 -18.15 -2.88
C THR A 43 -1.90 -18.71 -1.53
N ASP A 44 -0.90 -18.09 -0.92
CA ASP A 44 -0.41 -18.53 0.38
C ASP A 44 0.17 -17.35 1.16
N PRO A 45 0.23 -17.50 2.49
CA PRO A 45 0.76 -16.47 3.39
C PRO A 45 2.27 -16.29 3.24
N ALA A 46 2.96 -17.39 2.97
CA ALA A 46 4.41 -17.36 2.80
C ALA A 46 4.80 -16.47 1.62
N LYS A 47 4.24 -16.76 0.45
CA LYS A 47 4.53 -15.99 -0.75
C LYS A 47 4.00 -14.57 -0.63
N GLN A 48 2.81 -14.44 -0.04
CA GLN A 48 2.19 -13.13 0.14
C GLN A 48 3.10 -12.20 0.92
N GLN A 49 3.56 -12.65 2.08
CA GLN A 49 4.43 -11.85 2.93
C GLN A 49 5.79 -11.62 2.24
N ALA A 50 6.40 -12.70 1.77
CA ALA A 50 7.69 -12.61 1.09
C ALA A 50 7.67 -11.52 0.02
N ALA A 51 6.56 -11.44 -0.71
CA ALA A 51 6.43 -10.43 -1.76
C ALA A 51 6.29 -9.04 -1.17
N LEU A 52 5.39 -8.89 -0.21
CA LEU A 52 5.15 -7.61 0.44
C LEU A 52 6.47 -6.98 0.91
N PHE A 53 7.17 -7.69 1.80
CA PHE A 53 8.44 -7.20 2.33
C PHE A 53 9.37 -6.76 1.20
N GLN A 54 9.34 -7.51 0.09
CA GLN A 54 10.17 -7.19 -1.06
C GLN A 54 9.79 -5.84 -1.66
N VAL A 55 8.52 -5.72 -2.05
CA VAL A 55 8.02 -4.49 -2.63
C VAL A 55 8.28 -3.29 -1.72
N ILE A 56 7.82 -3.40 -0.48
CA ILE A 56 8.00 -2.34 0.50
C ILE A 56 9.47 -1.95 0.63
N ALA A 57 10.32 -2.95 0.82
CA ALA A 57 11.75 -2.71 0.95
C ALA A 57 12.28 -1.88 -0.20
N ALA A 58 11.80 -2.16 -1.40
CA ALA A 58 12.21 -1.44 -2.60
C ALA A 58 11.80 0.03 -2.53
N LEU A 59 10.56 0.28 -2.11
CA LEU A 59 10.04 1.63 -2.00
C LEU A 59 10.92 2.47 -1.07
N GLN A 60 11.21 1.93 0.10
CA GLN A 60 12.04 2.62 1.09
C GLN A 60 13.45 2.85 0.54
N LYS A 61 14.00 1.82 -0.10
CA LYS A 61 15.34 1.91 -0.67
C LYS A 61 15.47 3.14 -1.56
N HIS A 62 14.58 3.25 -2.55
CA HIS A 62 14.61 4.38 -3.47
C HIS A 62 14.13 5.65 -2.78
N PHE A 63 13.21 5.50 -1.84
CA PHE A 63 12.68 6.64 -1.10
C PHE A 63 13.75 7.30 -0.25
N LYS A 64 14.75 6.51 0.13
CA LYS A 64 15.85 7.01 0.96
C LYS A 64 17.03 7.44 0.09
N THR A 65 17.56 6.51 -0.68
CA THR A 65 18.68 6.79 -1.56
C THR A 65 19.20 5.52 -2.23
N ASN A 66 19.91 5.69 -3.35
CA ASN A 66 20.45 4.55 -4.08
C ASN A 66 21.37 3.71 -3.19
N MET A 67 21.85 4.32 -2.10
CA MET A 67 22.73 3.64 -1.17
C MET A 67 22.15 2.30 -0.75
N GLU A 68 20.83 2.17 -0.86
CA GLU A 68 20.15 0.95 -0.48
C GLU A 68 20.00 0.85 1.03
N ASN A 69 18.78 1.07 1.52
CA ASN A 69 18.51 1.01 2.95
C ASN A 69 17.16 0.34 3.22
N VAL A 70 17.06 -0.35 4.36
CA VAL A 70 15.84 -1.03 4.74
C VAL A 70 15.43 -0.69 6.17
N ASN A 71 14.31 -0.01 6.31
CA ASN A 71 13.81 0.37 7.63
C ASN A 71 12.84 -0.67 8.18
N TYR A 72 13.39 -1.77 8.68
CA TYR A 72 12.58 -2.85 9.23
C TYR A 72 11.62 -2.32 10.29
N ASP A 73 12.08 -1.33 11.05
CA ASP A 73 11.26 -0.73 12.11
C ASP A 73 9.91 -0.28 11.56
N LEU A 74 9.95 0.43 10.43
CA LEU A 74 8.73 0.93 9.81
C LEU A 74 8.09 -0.14 8.92
N LEU A 75 8.94 -0.97 8.32
CA LEU A 75 8.48 -2.04 7.44
C LEU A 75 7.46 -2.93 8.16
N GLN A 76 7.78 -3.29 9.39
CA GLN A 76 6.91 -4.14 10.19
C GLN A 76 5.49 -3.56 10.25
N LYS A 77 5.40 -2.25 10.42
CA LYS A 77 4.11 -1.57 10.49
C LYS A 77 3.46 -1.51 9.11
N GLN A 78 4.21 -1.05 8.12
CA GLN A 78 3.71 -0.94 6.76
C GLN A 78 3.17 -2.27 6.27
N VAL A 79 3.87 -3.36 6.60
CA VAL A 79 3.47 -4.70 6.20
C VAL A 79 2.25 -5.16 7.00
N LYS A 80 2.30 -4.97 8.32
CA LYS A 80 1.20 -5.37 9.20
C LYS A 80 -0.12 -4.81 8.70
N TYR A 81 -0.12 -3.53 8.35
CA TYR A 81 -1.32 -2.87 7.86
C TYR A 81 -1.93 -3.64 6.69
N ILE A 82 -1.13 -3.85 5.65
CA ILE A 82 -1.58 -4.59 4.47
C ILE A 82 -2.12 -5.96 4.85
N MET A 83 -1.41 -6.64 5.75
CA MET A 83 -1.80 -7.97 6.19
C MET A 83 -3.24 -7.96 6.72
N ASP A 84 -3.49 -7.11 7.71
CA ASP A 84 -4.82 -7.00 8.29
C ASP A 84 -5.85 -6.58 7.25
N SER A 85 -5.43 -5.72 6.33
CA SER A 85 -6.32 -5.25 5.27
C SER A 85 -6.68 -6.38 4.31
N ASN A 86 -5.75 -7.30 4.10
CA ASN A 86 -5.97 -8.43 3.22
C ASN A 86 -6.14 -7.95 1.77
N MET A 87 -5.54 -6.82 1.45
CA MET A 87 -5.62 -6.26 0.10
C MET A 87 -5.10 -7.25 -0.93
N LEU A 88 -4.04 -7.97 -0.57
CA LEU A 88 -3.44 -8.96 -1.46
C LEU A 88 -4.49 -9.94 -1.97
N ASN A 89 -5.29 -10.47 -1.05
CA ASN A 89 -6.33 -11.43 -1.40
C ASN A 89 -7.57 -10.70 -1.92
N LEU A 90 -7.76 -9.47 -1.47
CA LEU A 90 -8.91 -8.67 -1.88
C LEU A 90 -9.08 -8.70 -3.40
N PRO A 91 -10.33 -8.87 -3.85
CA PRO A 91 -10.66 -8.91 -5.29
C PRO A 91 -10.48 -7.56 -5.96
N GLN A 92 -10.71 -6.49 -5.21
CA GLN A 92 -10.57 -5.14 -5.75
C GLN A 92 -9.14 -4.87 -6.20
N PHE A 93 -8.19 -5.52 -5.53
CA PHE A 93 -6.79 -5.35 -5.87
C PHE A 93 -6.37 -6.27 -7.01
N GLN A 94 -6.92 -7.48 -7.00
CA GLN A 94 -6.61 -8.46 -8.04
C GLN A 94 -7.28 -8.08 -9.36
N HIS A 95 -8.41 -7.40 -9.27
CA HIS A 95 -9.14 -6.98 -10.46
C HIS A 95 -8.46 -5.77 -11.11
N LEU A 96 -7.88 -4.91 -10.29
CA LEU A 96 -7.21 -3.72 -10.79
C LEU A 96 -5.94 -4.09 -11.54
N PRO A 97 -5.49 -3.19 -12.43
CA PRO A 97 -4.29 -3.40 -13.24
C PRO A 97 -3.03 -3.33 -12.40
N GLN A 98 -1.94 -3.89 -12.92
CA GLN A 98 -0.66 -3.90 -12.23
C GLN A 98 -0.19 -2.47 -11.94
N GLU A 99 -0.49 -1.57 -12.87
CA GLU A 99 -0.11 -0.17 -12.72
C GLU A 99 -0.83 0.48 -11.55
N GLU A 100 -2.17 0.49 -11.61
CA GLU A 100 -2.97 1.08 -10.55
C GLU A 100 -2.70 0.39 -9.21
N LYS A 101 -2.39 -0.90 -9.27
CA LYS A 101 -2.12 -1.68 -8.08
C LYS A 101 -1.11 -0.96 -7.17
N MET A 102 0.02 -0.58 -7.77
CA MET A 102 1.06 0.12 -7.02
C MET A 102 0.50 1.34 -6.29
N SER A 103 -0.19 2.19 -7.04
CA SER A 103 -0.79 3.39 -6.47
C SER A 103 -1.73 3.04 -5.31
N ALA A 104 -2.41 1.92 -5.44
CA ALA A 104 -3.35 1.47 -4.42
C ALA A 104 -2.61 1.14 -3.12
N ILE A 105 -1.59 0.29 -3.22
CA ILE A 105 -0.81 -0.10 -2.05
C ILE A 105 -0.20 1.12 -1.36
N LEU A 106 0.40 2.00 -2.15
CA LEU A 106 1.00 3.21 -1.61
C LEU A 106 -0.02 4.08 -0.89
N ALA A 107 -1.12 4.37 -1.58
CA ALA A 107 -2.18 5.17 -1.01
C ALA A 107 -2.68 4.58 0.31
N MET A 108 -2.95 3.29 0.32
CA MET A 108 -3.43 2.62 1.51
C MET A 108 -2.42 2.76 2.65
N LEU A 109 -1.14 2.64 2.33
CA LEU A 109 -0.08 2.76 3.32
C LEU A 109 -0.08 4.15 3.95
N ASN A 110 -0.69 5.10 3.26
CA ASN A 110 -0.77 6.48 3.75
C ASN A 110 -2.00 6.68 4.63
N SER A 111 -2.50 5.60 5.21
CA SER A 111 -3.67 5.65 6.05
C SER A 111 -3.28 5.76 7.52
N ASN A 112 -2.18 5.09 7.88
CA ASN A 112 -1.69 5.11 9.26
C ASN A 112 -0.45 5.98 9.38
N SER A 113 -0.28 6.60 10.55
CA SER A 113 0.88 7.46 10.79
C SER A 113 2.17 6.65 10.83
N ASP A 114 2.14 5.55 11.58
CA ASP A 114 3.31 4.68 11.69
C ASP A 114 3.82 4.26 10.32
N THR A 115 2.89 3.91 9.43
CA THR A 115 3.25 3.49 8.08
C THR A 115 3.16 4.66 7.10
N ALA A 116 3.42 5.87 7.61
CA ALA A 116 3.38 7.06 6.77
C ALA A 116 4.71 7.28 6.07
N LEU A 117 5.53 6.24 6.00
CA LEU A 117 6.83 6.32 5.36
C LEU A 117 6.69 6.70 3.89
N SER A 118 5.52 6.41 3.31
CA SER A 118 5.25 6.71 1.91
C SER A 118 5.62 8.16 1.59
N VAL A 119 5.55 9.02 2.60
CA VAL A 119 5.87 10.43 2.42
C VAL A 119 7.26 10.60 1.83
N PRO A 120 7.36 11.40 0.76
CA PRO A 120 8.63 11.67 0.09
C PRO A 120 9.57 12.52 0.93
N PRO A 121 10.85 12.59 0.52
CA PRO A 121 11.87 13.37 1.22
C PRO A 121 11.64 14.87 1.11
N HIS A 122 12.28 15.64 1.99
CA HIS A 122 12.15 17.09 1.97
C HIS A 122 13.52 17.76 2.01
N ASP A 123 14.02 18.15 0.84
CA ASP A 123 15.32 18.80 0.74
C ASP A 123 15.21 20.27 1.11
N SER A 124 16.20 20.76 1.84
CA SER A 124 16.23 22.16 2.28
C SER A 124 17.02 23.01 1.29
N THR A 125 18.11 22.45 0.77
CA THR A 125 18.95 23.17 -0.17
C THR A 125 18.47 22.97 -1.60
N THR A 1 -29.99 -1.08 -5.47
CA THR A 1 -29.87 0.36 -5.64
C THR A 1 -30.77 1.10 -4.65
N ALA A 2 -30.16 1.97 -3.84
CA ALA A 2 -30.90 2.74 -2.85
C ALA A 2 -30.40 4.18 -2.80
N ASN A 3 -31.25 5.07 -2.29
CA ASN A 3 -30.88 6.48 -2.18
C ASN A 3 -30.33 6.80 -0.79
N THR A 4 -29.07 7.22 -0.74
CA THR A 4 -28.42 7.55 0.52
C THR A 4 -27.71 8.89 0.43
N ALA A 5 -27.72 9.65 1.52
CA ALA A 5 -27.07 10.94 1.56
C ALA A 5 -25.55 10.79 1.61
N SER A 6 -24.84 11.87 1.29
CA SER A 6 -23.38 11.85 1.29
C SER A 6 -22.83 11.74 2.71
N GLN A 7 -22.20 10.61 3.00
CA GLN A 7 -21.63 10.38 4.33
C GLN A 7 -20.34 9.58 4.24
N GLN A 8 -19.59 9.56 5.32
CA GLN A 8 -18.32 8.83 5.36
C GLN A 8 -18.18 8.04 6.67
N LEU A 9 -17.43 6.95 6.61
CA LEU A 9 -17.23 6.11 7.79
C LEU A 9 -16.01 5.21 7.61
N SER A 10 -15.05 5.32 8.52
CA SER A 10 -13.83 4.51 8.46
C SER A 10 -13.15 4.45 9.82
N LEU A 11 -13.24 3.30 10.47
CA LEU A 11 -12.64 3.10 11.78
C LEU A 11 -11.50 2.09 11.71
N ASP A 12 -11.67 1.08 10.87
CA ASP A 12 -10.65 0.04 10.71
C ASP A 12 -10.00 0.13 9.33
N PRO A 13 -8.81 -0.47 9.20
CA PRO A 13 -8.06 -0.47 7.93
C PRO A 13 -8.72 -1.33 6.86
N LYS A 14 -9.25 -2.48 7.28
CA LYS A 14 -9.91 -3.39 6.36
C LYS A 14 -11.12 -2.73 5.71
N GLN A 15 -11.80 -1.88 6.47
CA GLN A 15 -12.98 -1.18 5.97
C GLN A 15 -12.57 0.03 5.11
N ARG A 16 -11.75 0.90 5.69
CA ARG A 16 -11.29 2.09 4.97
C ARG A 16 -10.64 1.71 3.65
N SER A 17 -10.00 0.55 3.62
CA SER A 17 -9.33 0.07 2.42
C SER A 17 -10.26 0.14 1.21
N LYS A 18 -11.55 -0.08 1.46
CA LYS A 18 -12.55 -0.04 0.40
C LYS A 18 -12.84 1.39 -0.03
N GLN A 19 -12.84 2.30 0.95
CA GLN A 19 -13.11 3.71 0.68
C GLN A 19 -11.94 4.36 -0.03
N ILE A 20 -10.74 4.16 0.50
CA ILE A 20 -9.53 4.73 -0.08
C ILE A 20 -9.40 4.34 -1.55
N LEU A 21 -9.68 3.07 -1.86
CA LEU A 21 -9.60 2.58 -3.22
C LEU A 21 -10.68 3.22 -4.10
N SER A 22 -11.84 3.45 -3.52
CA SER A 22 -12.96 4.05 -4.25
C SER A 22 -12.63 5.49 -4.63
N ASN A 23 -11.93 6.19 -3.75
CA ASN A 23 -11.55 7.58 -4.00
C ASN A 23 -10.03 7.73 -4.10
N LEU A 24 -9.38 6.71 -4.65
CA LEU A 24 -7.93 6.72 -4.80
C LEU A 24 -7.49 7.82 -5.77
N LYS A 25 -8.31 8.06 -6.79
CA LYS A 25 -8.02 9.08 -7.79
C LYS A 25 -7.70 10.41 -7.12
N LYS A 26 -8.39 10.69 -6.01
CA LYS A 26 -8.18 11.93 -5.27
C LYS A 26 -6.70 12.14 -4.98
N SER A 27 -6.07 11.14 -4.38
CA SER A 27 -4.65 11.23 -4.04
C SER A 27 -3.82 11.61 -5.27
N PRO A 28 -2.59 12.10 -5.02
CA PRO A 28 -1.68 12.51 -6.09
C PRO A 28 -1.14 11.32 -6.87
N PRO A 29 -0.50 11.60 -8.01
CA PRO A 29 0.07 10.57 -8.88
C PRO A 29 1.29 9.90 -8.25
N LEU A 30 1.56 8.67 -8.68
CA LEU A 30 2.69 7.91 -8.15
C LEU A 30 3.29 7.01 -9.23
N ASN A 31 4.42 7.42 -9.78
CA ASN A 31 5.08 6.65 -10.82
C ASN A 31 6.43 6.11 -10.33
N LEU A 32 6.48 4.82 -10.02
CA LEU A 32 7.71 4.20 -9.54
C LEU A 32 8.13 3.06 -10.47
N ASN A 33 7.15 2.38 -11.06
CA ASN A 33 7.44 1.28 -11.96
C ASN A 33 8.03 0.09 -11.22
N ILE A 34 7.25 -0.46 -10.28
CA ILE A 34 7.71 -1.60 -9.50
C ILE A 34 6.71 -2.76 -9.58
N SER A 35 6.88 -3.58 -10.61
CA SER A 35 5.99 -4.73 -10.81
C SER A 35 6.02 -5.66 -9.60
N LEU A 36 4.92 -6.35 -9.37
CA LEU A 36 4.81 -7.27 -8.24
C LEU A 36 4.70 -8.72 -8.73
N PRO A 37 5.43 -9.62 -8.06
CA PRO A 37 5.43 -11.05 -8.41
C PRO A 37 4.10 -11.73 -8.08
N THR A 38 3.84 -12.86 -8.72
CA THR A 38 2.62 -13.60 -8.50
C THR A 38 2.34 -13.80 -7.02
N ASP A 39 3.41 -13.98 -6.25
CA ASP A 39 3.30 -14.19 -4.81
C ASP A 39 2.42 -13.11 -4.18
N LEU A 40 2.59 -11.87 -4.63
CA LEU A 40 1.81 -10.75 -4.11
C LEU A 40 0.31 -11.04 -4.22
N THR A 41 -0.09 -11.69 -5.30
CA THR A 41 -1.49 -12.03 -5.53
C THR A 41 -1.71 -13.54 -5.46
N SER A 42 -0.86 -14.22 -4.70
CA SER A 42 -0.96 -15.67 -4.56
C SER A 42 -2.27 -16.06 -3.89
N THR A 43 -2.42 -17.35 -3.59
CA THR A 43 -3.63 -17.86 -2.96
C THR A 43 -3.33 -18.38 -1.56
N ASP A 44 -2.29 -17.84 -0.94
CA ASP A 44 -1.90 -18.26 0.41
C ASP A 44 -1.21 -17.10 1.15
N PRO A 45 -1.23 -17.17 2.48
CA PRO A 45 -0.63 -16.16 3.34
C PRO A 45 0.90 -16.17 3.26
N ALA A 46 1.48 -17.36 3.18
CA ALA A 46 2.93 -17.51 3.10
C ALA A 46 3.49 -16.73 1.91
N LYS A 47 2.95 -17.01 0.73
CA LYS A 47 3.40 -16.34 -0.49
C LYS A 47 3.03 -14.86 -0.46
N GLN A 48 1.85 -14.56 0.07
CA GLN A 48 1.37 -13.19 0.15
C GLN A 48 2.35 -12.33 0.96
N GLN A 49 2.67 -12.78 2.16
CA GLN A 49 3.59 -12.05 3.03
C GLN A 49 4.99 -12.00 2.43
N ALA A 50 5.48 -13.17 2.03
CA ALA A 50 6.81 -13.27 1.43
C ALA A 50 7.00 -12.23 0.33
N ALA A 51 6.00 -12.09 -0.52
CA ALA A 51 6.05 -11.13 -1.61
C ALA A 51 5.97 -9.69 -1.10
N LEU A 52 5.12 -9.48 -0.11
CA LEU A 52 4.94 -8.16 0.48
C LEU A 52 6.29 -7.57 0.89
N PHE A 53 7.08 -8.35 1.61
CA PHE A 53 8.39 -7.91 2.07
C PHE A 53 9.21 -7.33 0.92
N GLN A 54 9.25 -8.07 -0.19
CA GLN A 54 9.99 -7.64 -1.37
C GLN A 54 9.43 -6.32 -1.91
N VAL A 55 8.11 -6.26 -2.05
CA VAL A 55 7.46 -5.07 -2.55
C VAL A 55 7.84 -3.83 -1.74
N ILE A 56 7.60 -3.89 -0.44
CA ILE A 56 7.93 -2.79 0.45
C ILE A 56 9.38 -2.38 0.31
N ALA A 57 10.27 -3.36 0.33
CA ALA A 57 11.71 -3.11 0.20
C ALA A 57 12.00 -2.25 -1.03
N ALA A 58 11.39 -2.61 -2.15
CA ALA A 58 11.58 -1.86 -3.39
C ALA A 58 11.18 -0.40 -3.22
N LEU A 59 10.06 -0.17 -2.56
CA LEU A 59 9.57 1.19 -2.33
C LEU A 59 10.57 1.99 -1.51
N GLN A 60 11.02 1.41 -0.40
CA GLN A 60 11.98 2.07 0.47
C GLN A 60 13.20 2.55 -0.31
N LYS A 61 13.78 1.64 -1.09
CA LYS A 61 14.95 1.96 -1.90
C LYS A 61 14.62 3.04 -2.93
N HIS A 62 13.41 2.99 -3.46
CA HIS A 62 12.98 3.97 -4.46
C HIS A 62 12.75 5.33 -3.82
N PHE A 63 12.48 5.33 -2.51
CA PHE A 63 12.24 6.57 -1.79
C PHE A 63 13.55 7.26 -1.43
N LYS A 64 14.46 6.51 -0.81
CA LYS A 64 15.76 7.03 -0.41
C LYS A 64 16.77 6.91 -1.56
N THR A 65 17.04 5.67 -1.96
CA THR A 65 17.99 5.42 -3.04
C THR A 65 18.16 3.92 -3.28
N ASN A 66 18.36 3.55 -4.53
CA ASN A 66 18.55 2.15 -4.89
C ASN A 66 19.65 1.51 -4.05
N MET A 67 20.69 2.28 -3.76
CA MET A 67 21.80 1.80 -2.96
C MET A 67 21.38 1.58 -1.51
N GLU A 68 20.41 2.36 -1.05
CA GLU A 68 19.91 2.25 0.31
C GLU A 68 19.54 0.80 0.64
N ASN A 69 19.28 0.54 1.92
CA ASN A 69 18.92 -0.80 2.36
C ASN A 69 17.43 -0.87 2.72
N VAL A 70 16.99 -2.05 3.15
CA VAL A 70 15.59 -2.24 3.52
C VAL A 70 15.44 -2.23 5.04
N ASN A 71 15.04 -1.08 5.57
CA ASN A 71 14.85 -0.94 7.01
C ASN A 71 13.85 -1.97 7.54
N TYR A 72 14.38 -3.07 8.08
CA TYR A 72 13.54 -4.13 8.61
C TYR A 72 12.69 -3.62 9.78
N ASP A 73 13.26 -2.73 10.57
CA ASP A 73 12.57 -2.16 11.73
C ASP A 73 11.22 -1.59 11.32
N LEU A 74 11.24 -0.64 10.39
CA LEU A 74 10.02 -0.01 9.91
C LEU A 74 9.26 -0.93 8.97
N LEU A 75 10.00 -1.79 8.28
CA LEU A 75 9.40 -2.73 7.33
C LEU A 75 8.33 -3.58 8.02
N GLN A 76 8.63 -4.05 9.22
CA GLN A 76 7.69 -4.86 9.99
C GLN A 76 6.34 -4.17 10.10
N LYS A 77 6.36 -2.86 10.34
CA LYS A 77 5.14 -2.09 10.46
C LYS A 77 4.47 -1.89 9.11
N GLN A 78 5.26 -1.48 8.11
CA GLN A 78 4.75 -1.25 6.77
C GLN A 78 4.06 -2.50 6.23
N VAL A 79 4.68 -3.65 6.47
CA VAL A 79 4.13 -4.93 6.02
C VAL A 79 2.91 -5.33 6.84
N LYS A 80 3.04 -5.22 8.16
CA LYS A 80 1.95 -5.57 9.06
C LYS A 80 0.66 -4.85 8.67
N TYR A 81 0.77 -3.56 8.36
CA TYR A 81 -0.38 -2.77 7.97
C TYR A 81 -1.14 -3.43 6.82
N ILE A 82 -0.43 -3.66 5.72
CA ILE A 82 -1.03 -4.29 4.54
C ILE A 82 -1.64 -5.64 4.89
N MET A 83 -0.95 -6.40 5.74
CA MET A 83 -1.43 -7.71 6.16
C MET A 83 -2.82 -7.61 6.78
N ASP A 84 -2.96 -6.70 7.74
CA ASP A 84 -4.24 -6.50 8.42
C ASP A 84 -5.31 -6.04 7.43
N SER A 85 -4.93 -5.12 6.54
CA SER A 85 -5.87 -4.60 5.55
C SER A 85 -6.36 -5.71 4.63
N ASN A 86 -5.51 -6.69 4.39
CA ASN A 86 -5.86 -7.82 3.53
C ASN A 86 -6.10 -7.35 2.09
N MET A 87 -5.45 -6.25 1.72
CA MET A 87 -5.58 -5.70 0.38
C MET A 87 -5.31 -6.77 -0.68
N LEU A 88 -4.30 -7.60 -0.42
CA LEU A 88 -3.93 -8.66 -1.35
C LEU A 88 -5.15 -9.48 -1.75
N ASN A 89 -5.94 -9.88 -0.75
CA ASN A 89 -7.14 -10.67 -0.99
C ASN A 89 -8.31 -9.78 -1.40
N LEU A 90 -8.28 -8.53 -0.95
CA LEU A 90 -9.33 -7.58 -1.27
C LEU A 90 -9.64 -7.58 -2.77
N PRO A 91 -10.93 -7.55 -3.10
CA PRO A 91 -11.38 -7.54 -4.50
C PRO A 91 -11.06 -6.23 -5.21
N GLN A 92 -10.99 -5.15 -4.44
CA GLN A 92 -10.69 -3.83 -4.99
C GLN A 92 -9.30 -3.80 -5.59
N PHE A 93 -8.39 -4.59 -5.03
CA PHE A 93 -7.02 -4.65 -5.51
C PHE A 93 -6.91 -5.50 -6.77
N GLN A 94 -7.52 -6.68 -6.73
CA GLN A 94 -7.50 -7.59 -7.88
C GLN A 94 -8.34 -7.02 -9.03
N HIS A 95 -9.33 -6.22 -8.69
CA HIS A 95 -10.20 -5.62 -9.70
C HIS A 95 -9.50 -4.46 -10.40
N LEU A 96 -8.67 -3.74 -9.65
CA LEU A 96 -7.94 -2.61 -10.20
C LEU A 96 -6.74 -3.07 -11.01
N PRO A 97 -6.29 -2.22 -11.95
CA PRO A 97 -5.14 -2.51 -12.81
C PRO A 97 -3.82 -2.54 -12.04
N GLN A 98 -2.82 -3.18 -12.62
CA GLN A 98 -1.51 -3.27 -11.98
C GLN A 98 -0.98 -1.89 -11.61
N GLU A 99 -1.27 -0.91 -12.46
CA GLU A 99 -0.83 0.46 -12.23
C GLU A 99 -1.49 1.04 -10.99
N GLU A 100 -2.83 1.10 -11.01
CA GLU A 100 -3.59 1.64 -9.89
C GLU A 100 -3.29 0.87 -8.60
N LYS A 101 -3.07 -0.43 -8.75
CA LYS A 101 -2.77 -1.28 -7.60
C LYS A 101 -1.63 -0.70 -6.77
N MET A 102 -0.47 -0.52 -7.40
CA MET A 102 0.70 0.04 -6.72
C MET A 102 0.35 1.36 -6.04
N SER A 103 -0.31 2.24 -6.79
CA SER A 103 -0.70 3.55 -6.26
C SER A 103 -1.51 3.40 -4.99
N ALA A 104 -2.41 2.41 -4.98
CA ALA A 104 -3.25 2.16 -3.83
C ALA A 104 -2.44 1.68 -2.64
N ILE A 105 -1.51 0.76 -2.89
CA ILE A 105 -0.67 0.22 -1.83
C ILE A 105 0.11 1.33 -1.13
N LEU A 106 0.85 2.12 -1.91
CA LEU A 106 1.63 3.22 -1.37
C LEU A 106 0.73 4.30 -0.78
N ALA A 107 -0.44 4.49 -1.39
CA ALA A 107 -1.39 5.48 -0.92
C ALA A 107 -1.78 5.23 0.53
N MET A 108 -2.26 4.02 0.81
CA MET A 108 -2.67 3.65 2.16
C MET A 108 -1.46 3.48 3.07
N LEU A 109 -0.32 3.12 2.47
CA LEU A 109 0.91 2.93 3.24
C LEU A 109 1.27 4.19 4.00
N ASN A 110 0.81 5.33 3.51
CA ASN A 110 1.10 6.61 4.15
C ASN A 110 -0.04 7.00 5.10
N SER A 111 -0.78 6.00 5.57
CA SER A 111 -1.89 6.25 6.48
C SER A 111 -1.43 6.16 7.93
N ASN A 112 -0.49 5.27 8.20
CA ASN A 112 0.04 5.09 9.55
C ASN A 112 1.36 5.83 9.72
N SER A 113 1.61 6.31 10.94
CA SER A 113 2.84 7.03 11.23
C SER A 113 4.05 6.10 11.15
N ASP A 114 3.97 4.98 11.87
CA ASP A 114 5.06 4.02 11.88
C ASP A 114 5.47 3.63 10.46
N THR A 115 4.48 3.43 9.60
CA THR A 115 4.73 3.07 8.21
C THR A 115 4.73 4.30 7.30
N ALA A 116 5.10 5.44 7.88
CA ALA A 116 5.14 6.68 7.12
C ALA A 116 6.53 6.92 6.52
N LEU A 117 7.30 5.84 6.40
CA LEU A 117 8.64 5.92 5.85
C LEU A 117 8.61 6.45 4.41
N SER A 118 7.52 6.15 3.70
CA SER A 118 7.37 6.59 2.32
C SER A 118 7.59 8.09 2.20
N VAL A 119 7.33 8.80 3.29
CA VAL A 119 7.50 10.26 3.32
C VAL A 119 8.90 10.65 2.88
N PRO A 120 8.98 11.59 1.92
CA PRO A 120 10.26 12.08 1.39
C PRO A 120 11.03 12.91 2.41
N PRO A 121 12.30 13.19 2.11
CA PRO A 121 13.18 13.98 2.99
C PRO A 121 12.76 15.45 3.03
N HIS A 122 13.61 16.28 3.64
CA HIS A 122 13.33 17.70 3.75
C HIS A 122 14.48 18.52 3.15
N ASP A 123 14.16 19.29 2.12
CA ASP A 123 15.16 20.13 1.45
C ASP A 123 15.01 21.58 1.86
N SER A 124 16.10 22.34 1.76
CA SER A 124 16.10 23.75 2.13
C SER A 124 15.79 24.62 0.91
N THR A 125 15.51 25.90 1.17
CA THR A 125 15.20 26.84 0.10
C THR A 125 16.31 27.87 -0.07
N THR A 1 -29.00 -11.74 -3.13
CA THR A 1 -27.96 -12.25 -2.24
C THR A 1 -27.21 -11.11 -1.56
N ALA A 2 -27.02 -10.02 -2.29
CA ALA A 2 -26.31 -8.85 -1.76
C ALA A 2 -27.07 -8.25 -0.58
N ASN A 3 -26.48 -7.22 0.02
CA ASN A 3 -27.10 -6.56 1.16
C ASN A 3 -27.01 -5.04 1.02
N THR A 4 -27.58 -4.32 1.99
CA THR A 4 -27.56 -2.87 1.98
C THR A 4 -27.07 -2.31 3.31
N ALA A 5 -26.42 -1.15 3.26
CA ALA A 5 -25.91 -0.51 4.46
C ALA A 5 -26.06 1.00 4.39
N SER A 6 -26.33 1.62 5.53
CA SER A 6 -26.50 3.07 5.60
C SER A 6 -25.16 3.79 5.43
N GLN A 7 -25.13 4.77 4.54
CA GLN A 7 -23.92 5.54 4.28
C GLN A 7 -23.37 6.14 5.58
N GLN A 8 -22.23 5.66 6.03
CA GLN A 8 -21.61 6.15 7.25
C GLN A 8 -20.11 6.37 7.05
N LEU A 9 -19.71 7.63 6.99
CA LEU A 9 -18.31 7.98 6.80
C LEU A 9 -17.49 7.63 8.04
N SER A 10 -16.65 6.61 7.92
CA SER A 10 -15.82 6.18 9.04
C SER A 10 -14.48 6.91 9.03
N LEU A 11 -13.62 6.56 9.98
CA LEU A 11 -12.30 7.19 10.08
C LEU A 11 -11.20 6.13 10.08
N ASP A 12 -11.48 4.99 10.70
CA ASP A 12 -10.51 3.90 10.76
C ASP A 12 -9.97 3.57 9.37
N PRO A 13 -8.77 2.97 9.32
CA PRO A 13 -8.12 2.59 8.06
C PRO A 13 -8.83 1.44 7.38
N LYS A 14 -9.28 0.47 8.16
CA LYS A 14 -9.97 -0.69 7.61
C LYS A 14 -11.25 -0.27 6.88
N GLN A 15 -12.00 0.64 7.49
CA GLN A 15 -13.23 1.13 6.89
C GLN A 15 -12.94 2.04 5.70
N ARG A 16 -12.16 3.08 5.94
CA ARG A 16 -11.79 4.03 4.89
C ARG A 16 -11.17 3.31 3.70
N SER A 17 -10.46 2.22 3.97
CA SER A 17 -9.82 1.45 2.92
C SER A 17 -10.80 1.09 1.81
N LYS A 18 -12.06 0.89 2.19
CA LYS A 18 -13.10 0.56 1.23
C LYS A 18 -13.50 1.77 0.41
N GLN A 19 -13.50 2.94 1.05
CA GLN A 19 -13.86 4.18 0.38
C GLN A 19 -12.76 4.62 -0.58
N ILE A 20 -11.54 4.63 -0.10
CA ILE A 20 -10.40 5.03 -0.92
C ILE A 20 -10.33 4.22 -2.20
N LEU A 21 -10.53 2.91 -2.07
CA LEU A 21 -10.49 2.02 -3.22
C LEU A 21 -11.60 2.34 -4.21
N SER A 22 -12.74 2.77 -3.67
CA SER A 22 -13.90 3.12 -4.51
C SER A 22 -13.59 4.35 -5.36
N ASN A 23 -12.76 5.25 -4.83
CA ASN A 23 -12.40 6.46 -5.54
C ASN A 23 -10.93 6.43 -5.95
N LEU A 24 -10.42 5.23 -6.22
CA LEU A 24 -9.03 5.06 -6.63
C LEU A 24 -8.82 5.58 -8.05
N LYS A 25 -9.83 5.42 -8.90
CA LYS A 25 -9.75 5.87 -10.29
C LYS A 25 -9.26 7.32 -10.36
N LYS A 26 -9.72 8.13 -9.42
CA LYS A 26 -9.33 9.54 -9.39
C LYS A 26 -8.11 9.74 -8.50
N SER A 27 -6.94 9.33 -8.99
CA SER A 27 -5.70 9.45 -8.25
C SER A 27 -4.78 10.49 -8.88
N PRO A 28 -3.81 10.98 -8.10
CA PRO A 28 -2.85 11.98 -8.57
C PRO A 28 -1.88 11.41 -9.60
N PRO A 29 -1.13 12.30 -10.27
CA PRO A 29 -0.16 11.92 -11.29
C PRO A 29 1.06 11.22 -10.70
N LEU A 30 0.98 9.89 -10.64
CA LEU A 30 2.07 9.08 -10.10
C LEU A 30 2.46 7.97 -11.06
N ASN A 31 3.74 7.94 -11.44
CA ASN A 31 4.24 6.93 -12.36
C ASN A 31 5.49 6.25 -11.80
N LEU A 32 5.32 5.01 -11.34
CA LEU A 32 6.43 4.25 -10.77
C LEU A 32 6.83 3.11 -11.69
N ASN A 33 5.85 2.52 -12.37
CA ASN A 33 6.10 1.42 -13.28
C ASN A 33 6.72 0.23 -12.55
N ILE A 34 6.21 -0.05 -11.36
CA ILE A 34 6.71 -1.16 -10.55
C ILE A 34 5.82 -2.38 -10.69
N SER A 35 6.31 -3.41 -11.37
CA SER A 35 5.56 -4.64 -11.57
C SER A 35 5.06 -5.19 -10.23
N LEU A 36 3.86 -5.76 -10.26
CA LEU A 36 3.27 -6.33 -9.05
C LEU A 36 3.14 -7.85 -9.17
N PRO A 37 3.93 -8.56 -8.35
CA PRO A 37 3.94 -10.03 -8.34
C PRO A 37 2.65 -10.60 -7.75
N THR A 38 2.21 -11.73 -8.30
CA THR A 38 1.00 -12.38 -7.82
C THR A 38 1.00 -12.53 -6.30
N ASP A 39 2.20 -12.70 -5.74
CA ASP A 39 2.34 -12.85 -4.30
C ASP A 39 1.55 -11.77 -3.56
N LEU A 40 1.65 -10.54 -4.03
CA LEU A 40 0.94 -9.42 -3.41
C LEU A 40 -0.56 -9.70 -3.33
N THR A 41 -1.10 -10.35 -4.36
CA THR A 41 -2.51 -10.67 -4.40
C THR A 41 -2.73 -12.18 -4.24
N SER A 42 -1.80 -12.82 -3.54
CA SER A 42 -1.89 -14.26 -3.30
C SER A 42 -3.10 -14.59 -2.43
N THR A 43 -3.17 -15.84 -1.97
CA THR A 43 -4.26 -16.29 -1.12
C THR A 43 -3.74 -16.81 0.21
N ASP A 44 -2.62 -16.28 0.67
CA ASP A 44 -2.03 -16.69 1.94
C ASP A 44 -1.25 -15.54 2.56
N PRO A 45 -1.05 -15.62 3.89
CA PRO A 45 -0.31 -14.60 4.64
C PRO A 45 1.17 -14.60 4.33
N ALA A 46 1.72 -15.79 4.09
CA ALA A 46 3.14 -15.92 3.76
C ALA A 46 3.49 -15.18 2.48
N LYS A 47 2.77 -15.49 1.41
CA LYS A 47 3.00 -14.85 0.12
C LYS A 47 2.62 -13.37 0.17
N GLN A 48 1.55 -13.07 0.89
CA GLN A 48 1.09 -11.69 1.02
C GLN A 48 2.16 -10.81 1.66
N GLN A 49 2.66 -11.25 2.81
CA GLN A 49 3.70 -10.49 3.53
C GLN A 49 4.98 -10.43 2.70
N ALA A 50 5.41 -11.58 2.19
CA ALA A 50 6.62 -11.65 1.40
C ALA A 50 6.61 -10.63 0.26
N ALA A 51 5.47 -10.54 -0.43
CA ALA A 51 5.32 -9.59 -1.53
C ALA A 51 5.36 -8.16 -1.03
N LEU A 52 4.59 -7.89 0.01
CA LEU A 52 4.54 -6.54 0.60
C LEU A 52 5.94 -6.00 0.86
N PHE A 53 6.70 -6.72 1.66
CA PHE A 53 8.06 -6.31 1.99
C PHE A 53 8.85 -5.99 0.73
N GLN A 54 8.71 -6.83 -0.29
CA GLN A 54 9.41 -6.64 -1.54
C GLN A 54 8.99 -5.33 -2.20
N VAL A 55 7.68 -5.10 -2.26
CA VAL A 55 7.14 -3.88 -2.87
C VAL A 55 7.74 -2.64 -2.22
N ILE A 56 7.60 -2.54 -0.91
CA ILE A 56 8.12 -1.40 -0.16
C ILE A 56 9.60 -1.20 -0.45
N ALA A 57 10.38 -2.27 -0.30
CA ALA A 57 11.81 -2.20 -0.55
C ALA A 57 12.11 -1.60 -1.92
N ALA A 58 11.28 -1.94 -2.89
CA ALA A 58 11.46 -1.43 -4.25
C ALA A 58 11.26 0.08 -4.31
N LEU A 59 10.21 0.55 -3.64
CA LEU A 59 9.91 1.98 -3.61
C LEU A 59 11.07 2.77 -3.02
N GLN A 60 11.59 2.29 -1.89
CA GLN A 60 12.70 2.96 -1.22
C GLN A 60 13.95 2.93 -2.10
N LYS A 61 14.19 1.80 -2.76
CA LYS A 61 15.34 1.65 -3.63
C LYS A 61 15.35 2.70 -4.73
N HIS A 62 14.19 2.88 -5.37
CA HIS A 62 14.05 3.87 -6.44
C HIS A 62 13.98 5.28 -5.88
N PHE A 63 13.52 5.39 -4.63
CA PHE A 63 13.40 6.68 -3.98
C PHE A 63 14.77 7.22 -3.56
N LYS A 64 15.68 6.32 -3.22
CA LYS A 64 17.02 6.70 -2.81
C LYS A 64 18.01 6.51 -3.96
N THR A 65 18.18 5.27 -4.40
CA THR A 65 19.09 4.96 -5.49
C THR A 65 19.18 3.46 -5.71
N ASN A 66 19.65 3.06 -6.89
CA ASN A 66 19.78 1.65 -7.23
C ASN A 66 20.71 0.94 -6.25
N MET A 67 21.58 1.71 -5.61
CA MET A 67 22.53 1.16 -4.64
C MET A 67 21.80 0.28 -3.62
N GLU A 68 20.52 0.56 -3.41
CA GLU A 68 19.71 -0.20 -2.46
C GLU A 68 20.13 0.10 -1.03
N ASN A 69 19.17 0.49 -0.21
CA ASN A 69 19.44 0.81 1.19
C ASN A 69 18.18 0.72 2.03
N VAL A 70 17.31 -0.23 1.69
CA VAL A 70 16.06 -0.43 2.41
C VAL A 70 16.29 -0.49 3.91
N ASN A 71 15.51 0.28 4.66
CA ASN A 71 15.63 0.31 6.11
C ASN A 71 14.47 -0.43 6.77
N TYR A 72 14.74 -1.64 7.25
CA TYR A 72 13.73 -2.44 7.91
C TYR A 72 13.10 -1.69 9.08
N ASP A 73 13.84 -0.75 9.64
CA ASP A 73 13.36 0.04 10.76
C ASP A 73 11.99 0.66 10.44
N LEU A 74 11.92 1.38 9.34
CA LEU A 74 10.67 2.01 8.91
C LEU A 74 9.78 1.03 8.18
N LEU A 75 10.39 0.01 7.59
CA LEU A 75 9.65 -1.00 6.85
C LEU A 75 8.55 -1.61 7.72
N GLN A 76 8.84 -1.77 9.00
CA GLN A 76 7.87 -2.34 9.94
C GLN A 76 6.60 -1.51 9.98
N LYS A 77 6.77 -0.19 10.03
CA LYS A 77 5.62 0.72 10.07
C LYS A 77 4.87 0.70 8.75
N GLN A 78 5.59 0.88 7.65
CA GLN A 78 4.98 0.88 6.32
C GLN A 78 4.18 -0.40 6.10
N VAL A 79 4.74 -1.53 6.51
CA VAL A 79 4.08 -2.82 6.35
C VAL A 79 2.91 -2.96 7.32
N LYS A 80 3.07 -2.40 8.51
CA LYS A 80 2.02 -2.46 9.52
C LYS A 80 0.73 -1.83 9.02
N TYR A 81 0.83 -0.58 8.55
CA TYR A 81 -0.33 0.13 8.04
C TYR A 81 -1.05 -0.69 6.97
N ILE A 82 -0.29 -1.16 5.99
CA ILE A 82 -0.85 -1.96 4.90
C ILE A 82 -1.48 -3.24 5.43
N MET A 83 -0.73 -3.95 6.28
CA MET A 83 -1.22 -5.19 6.86
C MET A 83 -2.59 -5.00 7.51
N ASP A 84 -2.69 -3.97 8.35
CA ASP A 84 -3.94 -3.67 9.03
C ASP A 84 -5.05 -3.36 8.03
N SER A 85 -4.72 -2.58 7.01
CA SER A 85 -5.69 -2.20 5.99
C SER A 85 -6.23 -3.44 5.27
N ASN A 86 -5.38 -4.44 5.11
CA ASN A 86 -5.77 -5.69 4.44
C ASN A 86 -6.10 -5.44 2.98
N MET A 87 -5.48 -4.40 2.41
CA MET A 87 -5.72 -4.05 1.01
C MET A 87 -5.39 -5.23 0.09
N LEU A 88 -4.39 -6.02 0.49
CA LEU A 88 -3.98 -7.17 -0.29
C LEU A 88 -5.13 -8.16 -0.46
N ASN A 89 -5.92 -8.32 0.59
CA ASN A 89 -7.06 -9.23 0.56
C ASN A 89 -8.29 -8.53 -0.02
N LEU A 90 -8.36 -7.22 0.14
CA LEU A 90 -9.49 -6.44 -0.37
C LEU A 90 -9.80 -6.81 -1.81
N PRO A 91 -11.10 -6.95 -2.12
CA PRO A 91 -11.56 -7.30 -3.46
C PRO A 91 -11.34 -6.18 -4.46
N GLN A 92 -11.59 -4.95 -4.02
CA GLN A 92 -11.42 -3.78 -4.89
C GLN A 92 -10.02 -3.74 -5.49
N PHE A 93 -9.05 -4.26 -4.73
CA PHE A 93 -7.66 -4.28 -5.19
C PHE A 93 -7.44 -5.43 -6.19
N GLN A 94 -7.77 -6.64 -5.77
CA GLN A 94 -7.61 -7.82 -6.61
C GLN A 94 -8.33 -7.63 -7.95
N HIS A 95 -9.36 -6.80 -7.94
CA HIS A 95 -10.14 -6.53 -9.14
C HIS A 95 -9.38 -5.60 -10.08
N LEU A 96 -8.63 -4.68 -9.51
CA LEU A 96 -7.86 -3.71 -10.29
C LEU A 96 -6.62 -4.38 -10.89
N PRO A 97 -6.14 -3.82 -12.02
CA PRO A 97 -4.96 -4.35 -12.71
C PRO A 97 -3.67 -4.10 -11.92
N GLN A 98 -2.63 -4.86 -12.26
CA GLN A 98 -1.35 -4.73 -11.57
C GLN A 98 -0.82 -3.30 -11.66
N GLU A 99 -1.11 -2.64 -12.78
CA GLU A 99 -0.67 -1.27 -13.00
C GLU A 99 -1.31 -0.33 -11.98
N GLU A 100 -2.64 -0.27 -11.99
CA GLU A 100 -3.38 0.59 -11.07
C GLU A 100 -3.13 0.17 -9.62
N LYS A 101 -2.95 -1.13 -9.42
CA LYS A 101 -2.71 -1.66 -8.07
C LYS A 101 -1.58 -0.90 -7.38
N MET A 102 -0.46 -0.75 -8.07
CA MET A 102 0.68 -0.02 -7.52
C MET A 102 0.27 1.34 -7.00
N SER A 103 -0.33 2.14 -7.88
CA SER A 103 -0.78 3.49 -7.50
C SER A 103 -1.71 3.43 -6.29
N ALA A 104 -2.54 2.39 -6.24
CA ALA A 104 -3.47 2.22 -5.14
C ALA A 104 -2.75 2.08 -3.80
N ILE A 105 -1.79 1.14 -3.75
CA ILE A 105 -1.03 0.91 -2.53
C ILE A 105 -0.30 2.18 -2.10
N LEU A 106 0.45 2.78 -3.03
CA LEU A 106 1.20 4.00 -2.74
C LEU A 106 0.27 5.11 -2.28
N ALA A 107 -0.83 5.30 -3.01
CA ALA A 107 -1.80 6.33 -2.67
C ALA A 107 -2.36 6.12 -1.27
N MET A 108 -2.68 4.87 -0.95
CA MET A 108 -3.23 4.53 0.37
C MET A 108 -2.25 4.91 1.47
N LEU A 109 -1.03 4.40 1.38
CA LEU A 109 0.00 4.69 2.37
C LEU A 109 0.38 6.17 2.36
N ASN A 110 0.04 6.86 1.27
CA ASN A 110 0.35 8.26 1.13
C ASN A 110 -0.31 9.07 2.25
N SER A 111 -1.32 8.49 2.88
CA SER A 111 -2.02 9.15 3.98
C SER A 111 -1.05 9.84 4.92
N ASN A 112 0.12 9.23 5.11
CA ASN A 112 1.13 9.79 5.98
C ASN A 112 2.50 9.84 5.28
N SER A 113 3.05 11.04 5.15
CA SER A 113 4.33 11.23 4.50
C SER A 113 5.43 10.43 5.21
N ASP A 114 5.19 10.13 6.48
CA ASP A 114 6.14 9.38 7.28
C ASP A 114 5.90 7.88 7.15
N THR A 115 4.93 7.51 6.32
CA THR A 115 4.59 6.10 6.11
C THR A 115 4.71 5.73 4.65
N ALA A 116 4.35 6.66 3.77
CA ALA A 116 4.42 6.42 2.33
C ALA A 116 5.79 5.89 1.92
N LEU A 117 6.78 6.78 1.91
CA LEU A 117 8.13 6.40 1.54
C LEU A 117 9.16 7.07 2.45
N SER A 118 8.95 8.35 2.72
CA SER A 118 9.86 9.11 3.58
C SER A 118 10.14 8.36 4.87
N VAL A 119 11.16 8.79 5.59
CA VAL A 119 11.53 8.17 6.86
C VAL A 119 11.64 9.19 7.98
N PRO A 120 11.01 8.88 9.13
CA PRO A 120 11.01 9.76 10.29
C PRO A 120 12.38 9.85 10.95
N PRO A 121 12.54 10.82 11.86
CA PRO A 121 13.79 11.04 12.58
C PRO A 121 14.10 9.92 13.57
N HIS A 122 15.31 9.95 14.13
CA HIS A 122 15.71 8.93 15.10
C HIS A 122 16.80 9.47 16.02
N ASP A 123 16.68 9.16 17.31
CA ASP A 123 17.66 9.62 18.30
C ASP A 123 18.66 8.52 18.62
N SER A 124 18.18 7.27 18.66
CA SER A 124 19.04 6.14 18.96
C SER A 124 20.11 5.96 17.89
N THR A 125 20.92 4.93 18.04
CA THR A 125 22.00 4.65 17.09
C THR A 125 21.43 4.35 15.71
N THR A 1 -27.80 8.95 -12.01
CA THR A 1 -27.43 10.02 -11.09
C THR A 1 -28.31 10.01 -9.84
N ALA A 2 -28.58 8.82 -9.32
CA ALA A 2 -29.41 8.67 -8.14
C ALA A 2 -28.66 7.93 -7.03
N ASN A 3 -29.28 7.84 -5.86
CA ASN A 3 -28.67 7.16 -4.73
C ASN A 3 -27.36 7.81 -4.33
N THR A 4 -27.37 9.15 -4.23
CA THR A 4 -26.18 9.90 -3.87
C THR A 4 -26.10 10.08 -2.35
N ALA A 5 -24.99 9.62 -1.77
CA ALA A 5 -24.78 9.73 -0.34
C ALA A 5 -23.32 9.47 0.03
N SER A 6 -22.92 9.94 1.20
CA SER A 6 -21.55 9.75 1.66
C SER A 6 -21.47 9.81 3.19
N GLN A 7 -21.25 8.67 3.81
CA GLN A 7 -21.16 8.60 5.26
C GLN A 7 -19.70 8.42 5.72
N GLN A 8 -19.46 8.67 7.00
CA GLN A 8 -18.11 8.54 7.55
C GLN A 8 -18.09 7.53 8.69
N LEU A 9 -17.42 6.40 8.45
CA LEU A 9 -17.32 5.34 9.46
C LEU A 9 -16.05 4.51 9.26
N SER A 10 -15.07 4.73 10.12
CA SER A 10 -13.81 4.00 10.04
C SER A 10 -13.11 3.97 11.39
N LEU A 11 -13.14 2.81 12.04
CA LEU A 11 -12.52 2.65 13.35
C LEU A 11 -11.29 1.74 13.24
N ASP A 12 -11.36 0.74 12.37
CA ASP A 12 -10.26 -0.18 12.18
C ASP A 12 -9.70 -0.07 10.77
N PRO A 13 -8.46 -0.58 10.59
CA PRO A 13 -7.77 -0.53 9.29
C PRO A 13 -8.41 -1.47 8.27
N LYS A 14 -8.94 -2.59 8.76
CA LYS A 14 -9.59 -3.57 7.89
C LYS A 14 -10.86 -3.00 7.26
N GLN A 15 -11.57 -2.17 8.03
CA GLN A 15 -12.80 -1.56 7.54
C GLN A 15 -12.50 -0.38 6.62
N ARG A 16 -11.73 0.57 7.14
CA ARG A 16 -11.37 1.76 6.36
C ARG A 16 -10.67 1.36 5.05
N SER A 17 -9.94 0.26 5.10
CA SER A 17 -9.22 -0.23 3.93
C SER A 17 -10.14 -0.32 2.72
N LYS A 18 -11.41 -0.62 2.98
CA LYS A 18 -12.40 -0.74 1.91
C LYS A 18 -12.81 0.64 1.41
N GLN A 19 -12.90 1.60 2.31
CA GLN A 19 -13.29 2.97 1.96
C GLN A 19 -12.17 3.67 1.21
N ILE A 20 -10.96 3.59 1.76
CA ILE A 20 -9.79 4.22 1.14
C ILE A 20 -9.62 3.76 -0.31
N LEU A 21 -9.78 2.46 -0.52
CA LEU A 21 -9.65 1.89 -1.86
C LEU A 21 -10.78 2.33 -2.76
N SER A 22 -11.96 2.53 -2.18
CA SER A 22 -13.13 2.97 -2.93
C SER A 22 -12.92 4.37 -3.50
N ASN A 23 -12.16 5.19 -2.77
CA ASN A 23 -11.88 6.55 -3.20
C ASN A 23 -10.38 6.78 -3.37
N LEU A 24 -9.69 5.75 -3.82
CA LEU A 24 -8.25 5.83 -4.03
C LEU A 24 -7.92 6.19 -5.48
N LYS A 25 -8.71 5.65 -6.41
CA LYS A 25 -8.51 5.91 -7.82
C LYS A 25 -8.42 7.41 -8.10
N LYS A 26 -9.13 8.19 -7.30
CA LYS A 26 -9.13 9.65 -7.45
C LYS A 26 -7.70 10.18 -7.50
N SER A 27 -6.85 9.67 -6.62
CA SER A 27 -5.46 10.10 -6.56
C SER A 27 -4.79 9.97 -7.93
N PRO A 28 -3.71 10.74 -8.14
CA PRO A 28 -2.97 10.72 -9.41
C PRO A 28 -2.20 9.42 -9.60
N PRO A 29 -1.71 9.21 -10.84
CA PRO A 29 -0.96 8.01 -11.20
C PRO A 29 0.42 7.97 -10.54
N LEU A 30 0.63 6.99 -9.68
CA LEU A 30 1.90 6.84 -8.98
C LEU A 30 3.05 6.69 -9.98
N ASN A 31 3.97 7.66 -9.96
CA ASN A 31 5.11 7.64 -10.86
C ASN A 31 5.84 6.29 -10.79
N LEU A 32 5.80 5.67 -9.61
CA LEU A 32 6.45 4.38 -9.41
C LEU A 32 6.07 3.40 -10.51
N ASN A 33 4.81 3.00 -10.54
CA ASN A 33 4.31 2.07 -11.55
C ASN A 33 5.05 0.74 -11.47
N ILE A 34 5.37 0.32 -10.25
CA ILE A 34 6.08 -0.93 -10.03
C ILE A 34 5.17 -2.13 -10.29
N SER A 35 5.58 -3.00 -11.21
CA SER A 35 4.80 -4.18 -11.54
C SER A 35 4.52 -5.01 -10.29
N LEU A 36 3.40 -5.75 -10.31
CA LEU A 36 3.02 -6.58 -9.19
C LEU A 36 3.03 -8.06 -9.57
N PRO A 37 3.95 -8.83 -8.97
CA PRO A 37 4.08 -10.26 -9.23
C PRO A 37 2.91 -11.06 -8.68
N THR A 38 2.70 -12.26 -9.23
CA THR A 38 1.61 -13.12 -8.79
C THR A 38 1.61 -13.29 -7.28
N ASP A 39 2.80 -13.37 -6.70
CA ASP A 39 2.95 -13.53 -5.25
C ASP A 39 2.14 -12.47 -4.50
N LEU A 40 2.12 -11.26 -5.04
CA LEU A 40 1.38 -10.16 -4.42
C LEU A 40 -0.06 -10.56 -4.16
N THR A 41 -0.62 -11.36 -5.06
CA THR A 41 -2.01 -11.82 -4.92
C THR A 41 -2.07 -13.34 -4.87
N SER A 42 -1.01 -13.96 -4.36
CA SER A 42 -0.95 -15.41 -4.25
C SER A 42 -2.08 -15.93 -3.37
N THR A 43 -2.09 -17.25 -3.15
CA THR A 43 -3.11 -17.88 -2.33
C THR A 43 -2.50 -18.52 -1.08
N ASP A 44 -1.38 -17.98 -0.64
CA ASP A 44 -0.69 -18.50 0.54
C ASP A 44 0.07 -17.39 1.26
N PRO A 45 0.32 -17.59 2.56
CA PRO A 45 1.03 -16.62 3.39
C PRO A 45 2.51 -16.52 3.02
N ALA A 46 3.08 -17.62 2.56
CA ALA A 46 4.48 -17.66 2.17
C ALA A 46 4.75 -16.75 0.97
N LYS A 47 3.99 -16.95 -0.10
CA LYS A 47 4.14 -16.15 -1.31
C LYS A 47 3.68 -14.71 -1.06
N GLN A 48 2.57 -14.56 -0.34
CA GLN A 48 2.03 -13.25 -0.04
C GLN A 48 3.07 -12.38 0.66
N GLN A 49 3.65 -12.91 1.73
CA GLN A 49 4.67 -12.17 2.49
C GLN A 49 5.92 -11.96 1.65
N ALA A 50 6.37 -13.02 0.98
CA ALA A 50 7.57 -12.94 0.14
C ALA A 50 7.49 -11.76 -0.81
N ALA A 51 6.35 -11.59 -1.45
CA ALA A 51 6.15 -10.49 -2.39
C ALA A 51 6.06 -9.15 -1.66
N LEU A 52 5.29 -9.13 -0.58
CA LEU A 52 5.11 -7.92 0.22
C LEU A 52 6.47 -7.29 0.55
N PHE A 53 7.28 -8.02 1.29
CA PHE A 53 8.61 -7.53 1.68
C PHE A 53 9.38 -7.03 0.46
N GLN A 54 9.27 -7.76 -0.65
CA GLN A 54 9.97 -7.39 -1.88
C GLN A 54 9.49 -6.03 -2.37
N VAL A 55 8.18 -5.90 -2.57
CA VAL A 55 7.59 -4.65 -3.05
C VAL A 55 7.97 -3.49 -2.15
N ILE A 56 7.70 -3.64 -0.85
CA ILE A 56 8.02 -2.60 0.12
C ILE A 56 9.48 -2.18 0.02
N ALA A 57 10.38 -3.16 0.07
CA ALA A 57 11.80 -2.88 -0.02
C ALA A 57 12.13 -2.02 -1.24
N ALA A 58 11.48 -2.33 -2.36
CA ALA A 58 11.69 -1.58 -3.59
C ALA A 58 11.31 -0.11 -3.42
N LEU A 59 10.19 0.13 -2.73
CA LEU A 59 9.71 1.49 -2.50
C LEU A 59 10.71 2.27 -1.64
N GLN A 60 11.15 1.67 -0.55
CA GLN A 60 12.10 2.31 0.35
C GLN A 60 13.35 2.74 -0.41
N LYS A 61 13.93 1.82 -1.16
CA LYS A 61 15.13 2.09 -1.93
C LYS A 61 14.86 3.15 -3.00
N HIS A 62 13.66 3.14 -3.55
CA HIS A 62 13.26 4.10 -4.58
C HIS A 62 13.33 5.52 -4.04
N PHE A 63 12.70 5.74 -2.90
CA PHE A 63 12.68 7.06 -2.27
C PHE A 63 14.04 7.39 -1.65
N LYS A 64 14.66 6.39 -1.03
CA LYS A 64 15.95 6.57 -0.40
C LYS A 64 17.07 6.07 -1.31
N THR A 65 16.94 6.34 -2.61
CA THR A 65 17.94 5.91 -3.58
C THR A 65 19.29 6.56 -3.29
N ASN A 66 19.27 7.69 -2.60
CA ASN A 66 20.49 8.40 -2.26
C ASN A 66 21.53 7.45 -1.66
N MET A 67 21.11 6.67 -0.68
CA MET A 67 22.00 5.71 -0.04
C MET A 67 21.45 4.29 -0.14
N GLU A 68 20.42 4.12 -0.97
CA GLU A 68 19.81 2.82 -1.16
C GLU A 68 19.76 2.04 0.15
N ASN A 69 18.98 2.54 1.10
CA ASN A 69 18.85 1.89 2.40
C ASN A 69 17.48 1.24 2.55
N VAL A 70 17.42 0.16 3.32
CA VAL A 70 16.17 -0.56 3.55
C VAL A 70 15.82 -0.59 5.03
N ASN A 71 14.93 0.32 5.44
CA ASN A 71 14.51 0.40 6.84
C ASN A 71 13.74 -0.86 7.24
N TYR A 72 14.45 -1.85 7.76
CA TYR A 72 13.83 -3.10 8.18
C TYR A 72 12.87 -2.87 9.35
N ASP A 73 13.25 -1.96 10.25
CA ASP A 73 12.42 -1.64 11.40
C ASP A 73 11.07 -1.10 10.97
N LEU A 74 11.08 -0.19 9.99
CA LEU A 74 9.85 0.41 9.49
C LEU A 74 9.05 -0.60 8.66
N LEU A 75 9.77 -1.46 7.94
CA LEU A 75 9.13 -2.47 7.10
C LEU A 75 8.17 -3.33 7.92
N GLN A 76 8.54 -3.60 9.17
CA GLN A 76 7.70 -4.40 10.05
C GLN A 76 6.29 -3.83 10.15
N LYS A 77 6.21 -2.51 10.30
CA LYS A 77 4.92 -1.83 10.41
C LYS A 77 4.23 -1.79 9.05
N GLN A 78 4.96 -1.38 8.03
CA GLN A 78 4.41 -1.29 6.68
C GLN A 78 3.84 -2.64 6.24
N VAL A 79 4.53 -3.72 6.59
CA VAL A 79 4.09 -5.06 6.23
C VAL A 79 2.90 -5.49 7.07
N LYS A 80 3.08 -5.50 8.38
CA LYS A 80 2.02 -5.89 9.30
C LYS A 80 0.72 -5.17 8.98
N TYR A 81 0.84 -3.95 8.45
CA TYR A 81 -0.32 -3.16 8.09
C TYR A 81 -1.11 -3.82 6.96
N ILE A 82 -0.42 -4.08 5.85
CA ILE A 82 -1.06 -4.72 4.70
C ILE A 82 -1.58 -6.10 5.05
N MET A 83 -0.81 -6.82 5.87
CA MET A 83 -1.20 -8.17 6.29
C MET A 83 -2.54 -8.15 7.00
N ASP A 84 -2.66 -7.30 8.01
CA ASP A 84 -3.90 -7.19 8.78
C ASP A 84 -5.03 -6.65 7.91
N SER A 85 -4.69 -5.76 6.98
CA SER A 85 -5.67 -5.16 6.09
C SER A 85 -6.20 -6.19 5.09
N ASN A 86 -5.32 -7.11 4.69
CA ASN A 86 -5.70 -8.15 3.74
C ASN A 86 -6.01 -7.56 2.37
N MET A 87 -5.40 -6.40 2.09
CA MET A 87 -5.62 -5.73 0.82
C MET A 87 -5.20 -6.61 -0.35
N LEU A 88 -4.13 -7.39 -0.14
CA LEU A 88 -3.63 -8.28 -1.17
C LEU A 88 -4.68 -9.31 -1.58
N ASN A 89 -5.51 -9.71 -0.62
CA ASN A 89 -6.57 -10.69 -0.87
C ASN A 89 -7.86 -9.98 -1.29
N LEU A 90 -8.04 -8.76 -0.81
CA LEU A 90 -9.24 -7.99 -1.12
C LEU A 90 -9.52 -8.02 -2.62
N PRO A 91 -10.81 -7.99 -2.98
CA PRO A 91 -11.24 -8.01 -4.38
C PRO A 91 -10.92 -6.71 -5.11
N GLN A 92 -11.02 -5.59 -4.38
CA GLN A 92 -10.73 -4.28 -4.95
C GLN A 92 -9.31 -4.23 -5.51
N PHE A 93 -8.39 -4.90 -4.84
CA PHE A 93 -7.00 -4.92 -5.27
C PHE A 93 -6.87 -5.58 -6.64
N GLN A 94 -7.36 -6.81 -6.75
CA GLN A 94 -7.30 -7.55 -8.01
C GLN A 94 -8.21 -6.92 -9.07
N HIS A 95 -9.24 -6.22 -8.60
CA HIS A 95 -10.17 -5.57 -9.50
C HIS A 95 -9.58 -4.29 -10.08
N LEU A 96 -8.75 -3.61 -9.29
CA LEU A 96 -8.12 -2.37 -9.72
C LEU A 96 -6.95 -2.67 -10.67
N PRO A 97 -6.61 -1.69 -11.52
CA PRO A 97 -5.51 -1.82 -12.48
C PRO A 97 -4.15 -1.83 -11.80
N GLN A 98 -3.14 -2.35 -12.50
CA GLN A 98 -1.79 -2.42 -11.97
C GLN A 98 -1.30 -1.03 -11.56
N GLU A 99 -1.69 -0.02 -12.32
CA GLU A 99 -1.30 1.36 -12.03
C GLU A 99 -1.89 1.84 -10.71
N GLU A 100 -3.21 1.85 -10.65
CA GLU A 100 -3.91 2.29 -9.44
C GLU A 100 -3.52 1.43 -8.25
N LYS A 101 -3.28 0.15 -8.49
CA LYS A 101 -2.90 -0.78 -7.43
C LYS A 101 -1.72 -0.23 -6.63
N MET A 102 -0.60 -0.01 -7.32
CA MET A 102 0.59 0.51 -6.67
C MET A 102 0.28 1.78 -5.89
N SER A 103 -0.40 2.72 -6.54
CA SER A 103 -0.76 3.99 -5.90
C SER A 103 -1.56 3.74 -4.63
N ALA A 104 -2.46 2.77 -4.68
CA ALA A 104 -3.29 2.43 -3.53
C ALA A 104 -2.43 1.92 -2.37
N ILE A 105 -1.47 1.06 -2.68
CA ILE A 105 -0.58 0.50 -1.66
C ILE A 105 0.22 1.60 -0.97
N LEU A 106 0.93 2.40 -1.77
CA LEU A 106 1.74 3.48 -1.24
C LEU A 106 0.87 4.49 -0.48
N ALA A 107 -0.15 5.01 -1.14
CA ALA A 107 -1.06 5.97 -0.52
C ALA A 107 -1.59 5.45 0.82
N MET A 108 -1.98 4.17 0.84
CA MET A 108 -2.49 3.56 2.05
C MET A 108 -1.42 3.50 3.14
N LEU A 109 -0.19 3.22 2.73
CA LEU A 109 0.93 3.14 3.66
C LEU A 109 1.08 4.44 4.44
N ASN A 110 0.68 5.54 3.82
CA ASN A 110 0.77 6.85 4.47
C ASN A 110 -0.21 6.95 5.63
N SER A 111 -1.12 5.99 5.72
CA SER A 111 -2.11 5.97 6.79
C SER A 111 -1.46 6.19 8.15
N ASN A 112 -0.78 5.15 8.65
CA ASN A 112 -0.11 5.22 9.94
C ASN A 112 1.20 5.98 9.82
N SER A 113 1.63 6.60 10.92
CA SER A 113 2.88 7.36 10.94
C SER A 113 4.07 6.44 10.80
N ASP A 114 4.04 5.31 11.50
CA ASP A 114 5.13 4.34 11.47
C ASP A 114 5.44 3.95 10.02
N THR A 115 4.39 3.72 9.24
CA THR A 115 4.55 3.33 7.84
C THR A 115 4.51 4.55 6.92
N ALA A 116 4.94 5.69 7.44
CA ALA A 116 4.95 6.93 6.67
C ALA A 116 6.27 7.10 5.93
N LEU A 117 7.02 6.01 5.80
CA LEU A 117 8.30 6.05 5.11
C LEU A 117 8.14 6.45 3.65
N SER A 118 6.98 6.14 3.09
CA SER A 118 6.69 6.48 1.69
C SER A 118 7.00 7.94 1.42
N VAL A 119 6.91 8.77 2.46
CA VAL A 119 7.18 10.19 2.33
C VAL A 119 8.55 10.45 1.72
N PRO A 120 8.59 11.29 0.68
CA PRO A 120 9.85 11.64 0.00
C PRO A 120 10.77 12.49 0.86
N PRO A 121 12.04 12.61 0.43
CA PRO A 121 13.04 13.39 1.15
C PRO A 121 12.77 14.89 1.07
N HIS A 122 12.13 15.43 2.10
CA HIS A 122 11.81 16.85 2.14
C HIS A 122 12.98 17.65 2.69
N ASP A 123 13.65 17.10 3.69
CA ASP A 123 14.79 17.77 4.31
C ASP A 123 16.11 17.12 3.87
N SER A 124 16.08 15.80 3.73
CA SER A 124 17.27 15.06 3.32
C SER A 124 18.38 15.20 4.35
N THR A 125 18.03 15.07 5.62
CA THR A 125 19.00 15.18 6.70
C THR A 125 20.05 14.09 6.61
N THR A 1 -24.97 -7.74 -3.10
CA THR A 1 -26.31 -7.50 -2.59
C THR A 1 -26.26 -6.97 -1.16
N ALA A 2 -25.41 -7.57 -0.34
CA ALA A 2 -25.27 -7.16 1.05
C ALA A 2 -24.58 -5.80 1.16
N ASN A 3 -23.44 -5.67 0.47
CA ASN A 3 -22.67 -4.44 0.49
C ASN A 3 -23.49 -3.28 -0.10
N THR A 4 -22.87 -2.12 -0.19
CA THR A 4 -23.53 -0.93 -0.74
C THR A 4 -25.00 -0.89 -0.33
N ALA A 5 -25.25 -1.19 0.95
CA ALA A 5 -26.62 -1.18 1.47
C ALA A 5 -27.01 0.23 1.93
N SER A 6 -26.17 0.83 2.76
CA SER A 6 -26.43 2.17 3.28
C SER A 6 -25.16 3.01 3.28
N GLN A 7 -25.33 4.32 3.30
CA GLN A 7 -24.19 5.25 3.30
C GLN A 7 -23.73 5.53 4.72
N GLN A 8 -22.45 5.28 4.98
CA GLN A 8 -21.88 5.52 6.30
C GLN A 8 -20.38 5.77 6.21
N LEU A 9 -19.93 6.83 6.88
CA LEU A 9 -18.51 7.18 6.87
C LEU A 9 -17.77 6.49 8.00
N SER A 10 -16.87 5.57 7.65
CA SER A 10 -16.10 4.84 8.64
C SER A 10 -14.83 5.60 9.03
N LEU A 11 -14.06 5.04 9.95
CA LEU A 11 -12.82 5.66 10.41
C LEU A 11 -11.67 4.68 10.35
N ASP A 12 -11.94 3.42 10.68
CA ASP A 12 -10.93 2.38 10.67
C ASP A 12 -10.17 2.37 9.34
N PRO A 13 -8.96 1.79 9.35
CA PRO A 13 -8.12 1.71 8.16
C PRO A 13 -8.68 0.74 7.12
N LYS A 14 -9.12 -0.42 7.58
CA LYS A 14 -9.69 -1.43 6.69
C LYS A 14 -10.96 -0.92 6.02
N GLN A 15 -11.71 -0.10 6.74
CA GLN A 15 -12.95 0.47 6.21
C GLN A 15 -12.65 1.57 5.20
N ARG A 16 -11.88 2.57 5.62
CA ARG A 16 -11.53 3.69 4.75
C ARG A 16 -10.88 3.19 3.47
N SER A 17 -10.06 2.15 3.59
CA SER A 17 -9.37 1.57 2.44
C SER A 17 -10.36 1.27 1.31
N LYS A 18 -11.60 0.97 1.69
CA LYS A 18 -12.64 0.66 0.70
C LYS A 18 -13.11 1.92 -0.01
N GLN A 19 -13.24 3.01 0.74
CA GLN A 19 -13.69 4.28 0.18
C GLN A 19 -12.57 4.93 -0.62
N ILE A 20 -11.37 4.95 -0.05
CA ILE A 20 -10.22 5.55 -0.72
C ILE A 20 -10.01 4.96 -2.10
N LEU A 21 -10.38 3.69 -2.26
CA LEU A 21 -10.25 3.01 -3.54
C LEU A 21 -11.23 3.56 -4.56
N SER A 22 -12.42 3.93 -4.09
CA SER A 22 -13.46 4.47 -4.97
C SER A 22 -13.00 5.78 -5.60
N ASN A 23 -12.25 6.57 -4.83
CA ASN A 23 -11.75 7.85 -5.32
C ASN A 23 -10.23 7.84 -5.42
N LEU A 24 -9.68 6.68 -5.78
CA LEU A 24 -8.24 6.54 -5.92
C LEU A 24 -7.73 7.29 -7.14
N LYS A 25 -8.48 7.22 -8.23
CA LYS A 25 -8.11 7.89 -9.47
C LYS A 25 -7.79 9.37 -9.21
N LYS A 26 -8.52 9.96 -8.27
CA LYS A 26 -8.32 11.37 -7.93
C LYS A 26 -6.84 11.65 -7.63
N SER A 27 -6.17 10.67 -7.01
CA SER A 27 -4.77 10.81 -6.67
C SER A 27 -3.93 11.16 -7.89
N PRO A 28 -2.74 11.72 -7.67
CA PRO A 28 -1.82 12.10 -8.75
C PRO A 28 -1.23 10.90 -9.46
N PRO A 29 -0.59 11.14 -10.61
CA PRO A 29 0.03 10.09 -11.42
C PRO A 29 1.27 9.51 -10.75
N LEU A 30 1.46 8.20 -10.90
CA LEU A 30 2.60 7.51 -10.31
C LEU A 30 3.41 6.79 -11.38
N ASN A 31 4.61 7.31 -11.65
CA ASN A 31 5.49 6.71 -12.64
C ASN A 31 6.55 5.82 -11.98
N LEU A 32 6.12 5.07 -10.96
CA LEU A 32 7.03 4.18 -10.24
C LEU A 32 7.51 3.06 -11.15
N ASN A 33 6.66 2.64 -12.08
CA ASN A 33 6.99 1.57 -13.02
C ASN A 33 7.15 0.24 -12.29
N ILE A 34 6.26 -0.02 -11.33
CA ILE A 34 6.31 -1.25 -10.56
C ILE A 34 5.10 -2.13 -10.87
N SER A 35 5.35 -3.38 -11.24
CA SER A 35 4.29 -4.32 -11.56
C SER A 35 3.69 -4.91 -10.29
N LEU A 36 2.59 -5.65 -10.46
CA LEU A 36 1.93 -6.29 -9.33
C LEU A 36 1.99 -7.81 -9.42
N PRO A 37 2.94 -8.40 -8.69
CA PRO A 37 3.13 -9.85 -8.68
C PRO A 37 2.00 -10.58 -7.98
N THR A 38 1.56 -11.69 -8.57
CA THR A 38 0.47 -12.48 -8.01
C THR A 38 0.71 -12.76 -6.52
N ASP A 39 1.97 -12.92 -6.15
CA ASP A 39 2.33 -13.17 -4.77
C ASP A 39 1.64 -12.20 -3.82
N LEU A 40 1.65 -10.92 -4.20
CA LEU A 40 1.03 -9.88 -3.39
C LEU A 40 -0.44 -10.19 -3.14
N THR A 41 -1.10 -10.76 -4.14
CA THR A 41 -2.51 -11.11 -4.04
C THR A 41 -2.69 -12.61 -3.88
N SER A 42 -1.68 -13.27 -3.30
CA SER A 42 -1.74 -14.71 -3.08
C SER A 42 -2.92 -15.08 -2.20
N THR A 43 -3.00 -16.36 -1.82
CA THR A 43 -4.07 -16.85 -0.99
C THR A 43 -3.55 -17.32 0.37
N ASP A 44 -2.47 -16.71 0.82
CA ASP A 44 -1.88 -17.07 2.11
C ASP A 44 -1.17 -15.87 2.73
N PRO A 45 -1.03 -15.90 4.07
CA PRO A 45 -0.38 -14.82 4.82
C PRO A 45 1.12 -14.76 4.56
N ALA A 46 1.75 -15.93 4.52
CA ALA A 46 3.19 -16.01 4.28
C ALA A 46 3.57 -15.35 2.96
N LYS A 47 2.92 -15.79 1.88
CA LYS A 47 3.19 -15.25 0.55
C LYS A 47 2.81 -13.77 0.49
N GLN A 48 1.69 -13.43 1.13
CA GLN A 48 1.21 -12.05 1.14
C GLN A 48 2.29 -11.11 1.68
N GLN A 49 2.81 -11.43 2.86
CA GLN A 49 3.83 -10.61 3.48
C GLN A 49 5.12 -10.62 2.66
N ALA A 50 5.51 -11.80 2.19
CA ALA A 50 6.70 -11.95 1.37
C ALA A 50 6.72 -10.94 0.23
N ALA A 51 5.61 -10.85 -0.50
CA ALA A 51 5.50 -9.94 -1.62
C ALA A 51 5.45 -8.49 -1.15
N LEU A 52 4.73 -8.25 -0.05
CA LEU A 52 4.61 -6.92 0.50
C LEU A 52 5.99 -6.27 0.70
N PHE A 53 6.87 -6.99 1.37
CA PHE A 53 8.22 -6.49 1.63
C PHE A 53 8.89 -6.06 0.33
N GLN A 54 8.76 -6.88 -0.71
CA GLN A 54 9.35 -6.56 -2.01
C GLN A 54 8.79 -5.26 -2.57
N VAL A 55 7.46 -5.14 -2.54
CA VAL A 55 6.80 -3.94 -3.04
C VAL A 55 7.34 -2.68 -2.36
N ILE A 56 7.24 -2.65 -1.03
CA ILE A 56 7.72 -1.51 -0.26
C ILE A 56 9.17 -1.20 -0.59
N ALA A 57 10.03 -2.21 -0.50
CA ALA A 57 11.45 -2.04 -0.79
C ALA A 57 11.65 -1.38 -2.15
N ALA A 58 10.81 -1.73 -3.11
CA ALA A 58 10.90 -1.17 -4.45
C ALA A 58 10.59 0.33 -4.44
N LEU A 59 9.55 0.70 -3.70
CA LEU A 59 9.14 2.11 -3.61
C LEU A 59 10.27 2.95 -3.02
N GLN A 60 10.87 2.47 -1.94
CA GLN A 60 11.95 3.19 -1.28
C GLN A 60 13.16 3.30 -2.21
N LYS A 61 13.55 2.18 -2.82
CA LYS A 61 14.69 2.15 -3.72
C LYS A 61 14.53 3.18 -4.83
N HIS A 62 13.33 3.24 -5.42
CA HIS A 62 13.04 4.18 -6.49
C HIS A 62 13.05 5.62 -5.97
N PHE A 63 12.50 5.81 -4.78
CA PHE A 63 12.44 7.13 -4.18
C PHE A 63 13.84 7.70 -3.96
N LYS A 64 14.63 7.03 -3.13
CA LYS A 64 15.99 7.47 -2.85
C LYS A 64 17.00 6.62 -3.63
N THR A 65 16.76 6.47 -4.93
CA THR A 65 17.65 5.70 -5.78
C THR A 65 19.07 6.25 -5.74
N ASN A 66 19.19 7.57 -5.62
CA ASN A 66 20.49 8.21 -5.57
C ASN A 66 21.37 7.58 -4.49
N MET A 67 20.75 7.18 -3.39
CA MET A 67 21.47 6.57 -2.28
C MET A 67 21.35 5.04 -2.34
N GLU A 68 20.21 4.56 -2.84
CA GLU A 68 19.98 3.13 -2.95
C GLU A 68 20.09 2.45 -1.58
N ASN A 69 19.13 2.75 -0.70
CA ASN A 69 19.13 2.16 0.63
C ASN A 69 17.71 1.88 1.10
N VAL A 70 17.55 0.86 1.94
CA VAL A 70 16.24 0.50 2.46
C VAL A 70 16.25 0.46 3.99
N ASN A 71 15.22 1.05 4.59
CA ASN A 71 15.11 1.08 6.05
C ASN A 71 14.16 0.00 6.55
N TYR A 72 14.73 -1.11 7.00
CA TYR A 72 13.94 -2.23 7.51
C TYR A 72 13.20 -1.85 8.78
N ASP A 73 13.83 -0.99 9.59
CA ASP A 73 13.22 -0.53 10.83
C ASP A 73 11.82 0.02 10.60
N LEU A 74 11.70 0.93 9.64
CA LEU A 74 10.41 1.54 9.32
C LEU A 74 9.59 0.62 8.42
N LEU A 75 10.28 -0.24 7.68
CA LEU A 75 9.61 -1.18 6.78
C LEU A 75 8.57 -1.99 7.52
N GLN A 76 8.86 -2.31 8.78
CA GLN A 76 7.95 -3.10 9.61
C GLN A 76 6.60 -2.40 9.74
N LYS A 77 6.64 -1.10 9.98
CA LYS A 77 5.41 -0.31 10.12
C LYS A 77 4.71 -0.15 8.77
N GLN A 78 5.50 0.09 7.73
CA GLN A 78 4.95 0.27 6.39
C GLN A 78 4.09 -0.92 5.99
N VAL A 79 4.64 -2.12 6.13
CA VAL A 79 3.93 -3.34 5.78
C VAL A 79 2.85 -3.65 6.81
N LYS A 80 3.14 -3.35 8.08
CA LYS A 80 2.19 -3.59 9.15
C LYS A 80 0.84 -2.95 8.85
N TYR A 81 0.87 -1.69 8.44
CA TYR A 81 -0.36 -0.96 8.12
C TYR A 81 -1.20 -1.74 7.12
N ILE A 82 -0.60 -2.09 5.99
CA ILE A 82 -1.29 -2.83 4.95
C ILE A 82 -1.74 -4.20 5.47
N MET A 83 -0.92 -4.82 6.30
CA MET A 83 -1.24 -6.13 6.87
C MET A 83 -2.57 -6.09 7.59
N ASP A 84 -2.71 -5.18 8.55
CA ASP A 84 -3.94 -5.05 9.31
C ASP A 84 -5.08 -4.58 8.43
N SER A 85 -4.78 -3.70 7.48
CA SER A 85 -5.78 -3.17 6.56
C SER A 85 -6.43 -4.30 5.76
N ASN A 86 -5.65 -5.33 5.47
CA ASN A 86 -6.14 -6.48 4.70
C ASN A 86 -6.51 -6.06 3.29
N MET A 87 -5.87 -5.01 2.79
CA MET A 87 -6.13 -4.51 1.45
C MET A 87 -5.85 -5.60 0.41
N LEU A 88 -4.85 -6.42 0.67
CA LEU A 88 -4.49 -7.49 -0.25
C LEU A 88 -5.60 -8.53 -0.35
N ASN A 89 -6.29 -8.75 0.77
CA ASN A 89 -7.38 -9.71 0.80
C ASN A 89 -8.69 -9.07 0.34
N LEU A 90 -8.76 -7.76 0.46
CA LEU A 90 -9.95 -7.01 0.05
C LEU A 90 -10.42 -7.47 -1.33
N PRO A 91 -11.74 -7.38 -1.56
CA PRO A 91 -12.36 -7.77 -2.84
C PRO A 91 -12.00 -6.82 -3.96
N GLN A 92 -12.12 -5.52 -3.70
CA GLN A 92 -11.80 -4.50 -4.70
C GLN A 92 -10.37 -4.65 -5.19
N PHE A 93 -9.48 -5.06 -4.29
CA PHE A 93 -8.07 -5.24 -4.64
C PHE A 93 -7.91 -6.31 -5.71
N GLN A 94 -8.73 -7.34 -5.65
CA GLN A 94 -8.68 -8.43 -6.61
C GLN A 94 -9.23 -7.99 -7.97
N HIS A 95 -10.24 -7.13 -7.94
CA HIS A 95 -10.86 -6.63 -9.16
C HIS A 95 -9.98 -5.56 -9.81
N LEU A 96 -9.31 -4.78 -8.97
CA LEU A 96 -8.43 -3.71 -9.47
C LEU A 96 -7.27 -4.30 -10.27
N PRO A 97 -6.95 -3.66 -11.39
CA PRO A 97 -5.85 -4.09 -12.27
C PRO A 97 -4.49 -3.84 -11.64
N GLN A 98 -3.49 -4.60 -12.10
CA GLN A 98 -2.14 -4.48 -11.58
C GLN A 98 -1.68 -3.02 -11.62
N GLU A 99 -2.13 -2.28 -12.62
CA GLU A 99 -1.75 -0.88 -12.76
C GLU A 99 -2.33 -0.05 -11.62
N GLU A 100 -3.66 -0.03 -11.52
CA GLU A 100 -4.33 0.73 -10.47
C GLU A 100 -3.91 0.24 -9.08
N LYS A 101 -3.63 -1.06 -8.98
CA LYS A 101 -3.21 -1.65 -7.71
C LYS A 101 -2.08 -0.84 -7.09
N MET A 102 -1.06 -0.53 -7.89
CA MET A 102 0.07 0.24 -7.40
C MET A 102 -0.38 1.54 -6.74
N SER A 103 -1.17 2.32 -7.47
CA SER A 103 -1.67 3.58 -6.94
C SER A 103 -2.55 3.35 -5.72
N ALA A 104 -3.35 2.30 -5.76
CA ALA A 104 -4.24 1.97 -4.66
C ALA A 104 -3.46 1.69 -3.38
N ILE A 105 -2.42 0.87 -3.50
CA ILE A 105 -1.59 0.52 -2.36
C ILE A 105 -0.90 1.75 -1.79
N LEU A 106 -0.22 2.49 -2.64
CA LEU A 106 0.49 3.70 -2.21
C LEU A 106 -0.48 4.72 -1.64
N ALA A 107 -1.66 4.82 -2.25
CA ALA A 107 -2.69 5.75 -1.80
C ALA A 107 -3.13 5.43 -0.38
N MET A 108 -3.38 4.15 -0.11
CA MET A 108 -3.81 3.70 1.20
C MET A 108 -2.74 3.99 2.25
N LEU A 109 -1.53 3.53 1.99
CA LEU A 109 -0.42 3.75 2.92
C LEU A 109 -0.05 5.22 3.00
N ASN A 110 -0.47 5.99 2.01
CA ASN A 110 -0.19 7.43 1.97
C ASN A 110 -0.78 8.12 3.18
N SER A 111 -1.74 7.46 3.84
CA SER A 111 -2.39 8.01 5.01
C SER A 111 -1.37 8.67 5.94
N ASN A 112 -0.18 8.08 6.02
CA ASN A 112 0.88 8.62 6.86
C ASN A 112 2.19 8.72 6.09
N SER A 113 2.75 9.92 6.03
CA SER A 113 4.00 10.16 5.33
C SER A 113 5.11 9.31 5.90
N ASP A 114 4.97 8.92 7.17
CA ASP A 114 5.97 8.09 7.84
C ASP A 114 5.69 6.62 7.61
N THR A 115 4.66 6.33 6.82
CA THR A 115 4.28 4.95 6.53
C THR A 115 4.30 4.69 5.03
N ALA A 116 3.93 5.69 4.25
CA ALA A 116 3.91 5.57 2.79
C ALA A 116 5.30 5.23 2.25
N LEU A 117 6.18 6.21 2.24
CA LEU A 117 7.55 6.02 1.75
C LEU A 117 8.56 6.71 2.65
N SER A 118 8.31 7.98 2.94
CA SER A 118 9.21 8.76 3.79
C SER A 118 9.59 7.97 5.04
N VAL A 119 10.83 8.11 5.47
CA VAL A 119 11.33 7.42 6.65
C VAL A 119 11.98 8.40 7.62
N PRO A 120 11.63 8.27 8.92
CA PRO A 120 12.17 9.14 9.96
C PRO A 120 13.64 8.84 10.25
N PRO A 121 14.29 9.74 11.01
CA PRO A 121 15.70 9.59 11.37
C PRO A 121 15.93 8.45 12.35
N HIS A 122 17.13 7.88 12.31
CA HIS A 122 17.49 6.76 13.19
C HIS A 122 19.00 6.69 13.38
N ASP A 123 19.42 6.57 14.63
CA ASP A 123 20.85 6.48 14.95
C ASP A 123 21.58 7.74 14.51
N SER A 124 20.95 8.89 14.73
CA SER A 124 21.54 10.17 14.36
C SER A 124 22.95 10.31 14.93
N THR A 125 23.94 10.39 14.05
CA THR A 125 25.33 10.52 14.46
C THR A 125 25.82 11.96 14.28
N THR A 1 -28.06 2.74 -11.08
CA THR A 1 -26.99 1.74 -11.12
C THR A 1 -25.88 2.10 -10.13
N ALA A 2 -25.22 3.22 -10.36
CA ALA A 2 -24.14 3.67 -9.50
C ALA A 2 -24.60 3.75 -8.05
N ASN A 3 -23.76 3.25 -7.14
CA ASN A 3 -24.08 3.26 -5.72
C ASN A 3 -23.09 4.12 -4.95
N THR A 4 -23.53 5.32 -4.56
CA THR A 4 -22.68 6.24 -3.82
C THR A 4 -23.11 6.33 -2.35
N ALA A 5 -22.16 6.15 -1.44
CA ALA A 5 -22.44 6.21 -0.02
C ALA A 5 -22.60 7.66 0.45
N SER A 6 -23.78 7.96 0.98
CA SER A 6 -24.06 9.32 1.46
C SER A 6 -23.14 9.68 2.62
N GLN A 7 -23.29 8.96 3.73
CA GLN A 7 -22.48 9.22 4.92
C GLN A 7 -21.11 8.57 4.78
N GLN A 8 -20.19 8.93 5.69
CA GLN A 8 -18.84 8.39 5.66
C GLN A 8 -18.42 7.92 7.05
N LEU A 9 -18.07 6.64 7.16
CA LEU A 9 -17.65 6.07 8.43
C LEU A 9 -16.26 5.44 8.31
N SER A 10 -15.36 5.84 9.20
CA SER A 10 -14.00 5.31 9.19
C SER A 10 -13.37 5.40 10.58
N LEU A 11 -13.27 4.26 11.25
CA LEU A 11 -12.70 4.20 12.59
C LEU A 11 -11.47 3.29 12.62
N ASP A 12 -11.53 2.20 11.86
CA ASP A 12 -10.43 1.25 11.80
C ASP A 12 -9.71 1.34 10.46
N PRO A 13 -8.46 0.84 10.41
CA PRO A 13 -7.63 0.87 9.20
C PRO A 13 -8.16 -0.09 8.13
N LYS A 14 -8.58 -1.28 8.56
CA LYS A 14 -9.10 -2.28 7.63
C LYS A 14 -10.39 -1.79 6.97
N GLN A 15 -11.24 -1.13 7.76
CA GLN A 15 -12.49 -0.61 7.25
C GLN A 15 -12.26 0.55 6.30
N ARG A 16 -11.56 1.57 6.78
CA ARG A 16 -11.26 2.75 5.97
C ARG A 16 -10.57 2.36 4.66
N SER A 17 -9.73 1.34 4.74
CA SER A 17 -8.99 0.86 3.57
C SER A 17 -9.94 0.61 2.40
N LYS A 18 -11.17 0.22 2.72
CA LYS A 18 -12.18 -0.06 1.69
C LYS A 18 -12.67 1.25 1.05
N GLN A 19 -13.00 2.22 1.89
CA GLN A 19 -13.49 3.51 1.41
C GLN A 19 -12.38 4.25 0.65
N ILE A 20 -11.22 4.36 1.28
CA ILE A 20 -10.09 5.05 0.68
C ILE A 20 -9.71 4.42 -0.66
N LEU A 21 -9.78 3.09 -0.73
CA LEU A 21 -9.46 2.37 -1.94
C LEU A 21 -10.52 2.60 -3.02
N SER A 22 -11.77 2.73 -2.59
CA SER A 22 -12.88 2.96 -3.52
C SER A 22 -12.74 4.32 -4.20
N ASN A 23 -12.23 5.30 -3.46
CA ASN A 23 -12.04 6.64 -3.99
C ASN A 23 -10.56 7.01 -4.05
N LEU A 24 -9.71 6.02 -4.32
CA LEU A 24 -8.28 6.23 -4.41
C LEU A 24 -7.91 6.90 -5.73
N LYS A 25 -8.65 6.59 -6.78
CA LYS A 25 -8.40 7.15 -8.09
C LYS A 25 -8.29 8.67 -8.02
N LYS A 26 -9.02 9.27 -7.07
CA LYS A 26 -9.00 10.72 -6.89
C LYS A 26 -7.57 11.23 -6.82
N SER A 27 -6.68 10.45 -6.22
CA SER A 27 -5.29 10.84 -6.07
C SER A 27 -4.64 11.06 -7.44
N PRO A 28 -3.51 11.78 -7.45
CA PRO A 28 -2.78 12.09 -8.69
C PRO A 28 -2.12 10.85 -9.29
N PRO A 29 -1.65 10.98 -10.54
CA PRO A 29 -0.99 9.88 -11.26
C PRO A 29 0.38 9.55 -10.67
N LEU A 30 0.84 8.33 -10.91
CA LEU A 30 2.14 7.88 -10.40
C LEU A 30 2.67 6.72 -11.23
N ASN A 31 3.53 7.03 -12.20
CA ASN A 31 4.12 6.01 -13.06
C ASN A 31 5.25 5.29 -12.34
N LEU A 32 5.03 4.02 -12.00
CA LEU A 32 6.03 3.22 -11.32
C LEU A 32 6.45 2.02 -12.17
N ASN A 33 5.48 1.40 -12.82
CA ASN A 33 5.74 0.24 -13.67
C ASN A 33 6.24 -0.93 -12.85
N ILE A 34 5.56 -1.21 -11.75
CA ILE A 34 5.93 -2.32 -10.87
C ILE A 34 4.88 -3.41 -10.89
N SER A 35 5.13 -4.46 -11.65
CA SER A 35 4.19 -5.58 -11.77
C SER A 35 3.97 -6.22 -10.40
N LEU A 36 2.85 -6.92 -10.26
CA LEU A 36 2.51 -7.59 -9.02
C LEU A 36 2.47 -9.10 -9.20
N PRO A 37 3.37 -9.81 -8.48
CA PRO A 37 3.46 -11.27 -8.55
C PRO A 37 2.26 -11.95 -7.91
N THR A 38 2.03 -13.21 -8.27
CA THR A 38 0.91 -13.98 -7.72
C THR A 38 0.89 -13.90 -6.20
N ASP A 39 2.07 -13.72 -5.60
CA ASP A 39 2.18 -13.63 -4.15
C ASP A 39 1.15 -12.66 -3.59
N LEU A 40 0.95 -11.55 -4.28
CA LEU A 40 -0.02 -10.54 -3.85
C LEU A 40 -1.36 -11.16 -3.54
N THR A 41 -1.73 -12.18 -4.31
CA THR A 41 -3.00 -12.87 -4.12
C THR A 41 -2.79 -14.38 -3.99
N SER A 42 -1.62 -14.77 -3.49
CA SER A 42 -1.30 -16.18 -3.33
C SER A 42 -2.24 -16.84 -2.32
N THR A 43 -2.95 -16.01 -1.55
CA THR A 43 -3.88 -16.51 -0.55
C THR A 43 -3.14 -17.14 0.63
N ASP A 44 -1.99 -16.56 0.97
CA ASP A 44 -1.19 -17.07 2.08
C ASP A 44 -0.40 -15.94 2.73
N PRO A 45 -0.09 -16.10 4.03
CA PRO A 45 0.65 -15.11 4.80
C PRO A 45 2.11 -15.02 4.37
N ALA A 46 2.72 -16.18 4.09
CA ALA A 46 4.11 -16.24 3.67
C ALA A 46 4.31 -15.51 2.34
N LYS A 47 3.54 -15.91 1.33
CA LYS A 47 3.63 -15.30 0.01
C LYS A 47 3.25 -13.83 0.06
N GLN A 48 2.21 -13.52 0.83
CA GLN A 48 1.74 -12.15 0.97
C GLN A 48 2.86 -11.24 1.47
N GLN A 49 3.48 -11.63 2.57
CA GLN A 49 4.57 -10.85 3.15
C GLN A 49 5.78 -10.84 2.24
N ALA A 50 6.11 -12.00 1.67
CA ALA A 50 7.24 -12.12 0.76
C ALA A 50 7.18 -11.07 -0.33
N ALA A 51 6.03 -10.96 -0.98
CA ALA A 51 5.84 -10.00 -2.06
C ALA A 51 5.86 -8.57 -1.52
N LEU A 52 5.14 -8.35 -0.42
CA LEU A 52 5.08 -7.03 0.20
C LEU A 52 6.48 -6.45 0.40
N PHE A 53 7.35 -7.23 1.03
CA PHE A 53 8.72 -6.81 1.29
C PHE A 53 9.43 -6.43 -0.01
N GLN A 54 9.30 -7.29 -1.01
CA GLN A 54 9.92 -7.05 -2.31
C GLN A 54 9.41 -5.77 -2.93
N VAL A 55 8.09 -5.61 -2.96
CA VAL A 55 7.46 -4.43 -3.53
C VAL A 55 8.00 -3.15 -2.88
N ILE A 56 7.84 -3.05 -1.56
CA ILE A 56 8.31 -1.89 -0.82
C ILE A 56 9.78 -1.61 -1.11
N ALA A 57 10.61 -2.65 -1.00
CA ALA A 57 12.04 -2.52 -1.25
C ALA A 57 12.30 -1.85 -2.60
N ALA A 58 11.52 -2.23 -3.61
CA ALA A 58 11.66 -1.66 -4.94
C ALA A 58 11.35 -0.17 -4.94
N LEU A 59 10.29 0.20 -4.22
CA LEU A 59 9.88 1.60 -4.14
C LEU A 59 10.99 2.46 -3.55
N GLN A 60 11.54 2.02 -2.42
CA GLN A 60 12.62 2.75 -1.76
C GLN A 60 13.82 2.92 -2.69
N LYS A 61 14.29 1.81 -3.24
CA LYS A 61 15.42 1.84 -4.15
C LYS A 61 15.15 2.75 -5.35
N HIS A 62 13.88 2.83 -5.75
CA HIS A 62 13.48 3.66 -6.87
C HIS A 62 13.50 5.14 -6.49
N PHE A 63 13.16 5.42 -5.24
CA PHE A 63 13.13 6.80 -4.74
C PHE A 63 14.54 7.38 -4.70
N LYS A 64 15.43 6.70 -3.99
CA LYS A 64 16.82 7.15 -3.86
C LYS A 64 17.63 6.79 -5.11
N THR A 65 17.67 5.50 -5.43
CA THR A 65 18.41 5.03 -6.59
C THR A 65 19.84 5.54 -6.58
N ASN A 66 20.36 5.81 -5.39
CA ASN A 66 21.73 6.30 -5.24
C ASN A 66 22.65 5.20 -4.73
N MET A 67 22.24 4.54 -3.65
CA MET A 67 23.03 3.47 -3.07
C MET A 67 22.30 2.13 -3.18
N GLU A 68 20.99 2.20 -3.36
CA GLU A 68 20.17 0.99 -3.47
C GLU A 68 20.13 0.23 -2.15
N ASN A 69 19.55 0.85 -1.13
CA ASN A 69 19.45 0.24 0.18
C ASN A 69 17.99 0.00 0.57
N VAL A 70 17.75 -1.04 1.36
CA VAL A 70 16.40 -1.37 1.80
C VAL A 70 16.25 -1.18 3.31
N ASN A 71 15.61 -0.09 3.70
CA ASN A 71 15.40 0.22 5.11
C ASN A 71 14.46 -0.80 5.75
N TYR A 72 15.04 -1.89 6.27
CA TYR A 72 14.26 -2.93 6.91
C TYR A 72 13.52 -2.40 8.13
N ASP A 73 14.10 -1.39 8.77
CA ASP A 73 13.50 -0.78 9.95
C ASP A 73 12.12 -0.21 9.63
N LEU A 74 12.09 0.73 8.69
CA LEU A 74 10.83 1.37 8.29
C LEU A 74 10.01 0.43 7.42
N LEU A 75 10.70 -0.46 6.71
CA LEU A 75 10.03 -1.42 5.83
C LEU A 75 8.97 -2.21 6.59
N GLN A 76 9.35 -2.71 7.77
CA GLN A 76 8.44 -3.49 8.59
C GLN A 76 7.14 -2.73 8.83
N LYS A 77 7.25 -1.42 9.03
CA LYS A 77 6.08 -0.58 9.27
C LYS A 77 5.24 -0.44 8.00
N GLN A 78 5.90 -0.06 6.91
CA GLN A 78 5.21 0.11 5.63
C GLN A 78 4.43 -1.14 5.26
N VAL A 79 5.07 -2.30 5.42
CA VAL A 79 4.44 -3.58 5.10
C VAL A 79 3.40 -3.95 6.15
N LYS A 80 3.65 -3.55 7.39
CA LYS A 80 2.74 -3.85 8.48
C LYS A 80 1.34 -3.30 8.20
N TYR A 81 1.29 -2.05 7.75
CA TYR A 81 0.01 -1.41 7.43
C TYR A 81 -0.81 -2.27 6.46
N ILE A 82 -0.26 -2.49 5.27
CA ILE A 82 -0.94 -3.29 4.26
C ILE A 82 -1.26 -4.69 4.79
N MET A 83 -0.39 -5.21 5.65
CA MET A 83 -0.58 -6.52 6.24
C MET A 83 -1.88 -6.59 7.01
N ASP A 84 -2.04 -5.71 7.99
CA ASP A 84 -3.23 -5.66 8.81
C ASP A 84 -4.46 -5.32 7.96
N SER A 85 -4.28 -4.42 7.00
CA SER A 85 -5.36 -4.01 6.12
C SER A 85 -5.95 -5.20 5.38
N ASN A 86 -5.10 -6.18 5.08
CA ASN A 86 -5.54 -7.38 4.37
C ASN A 86 -6.00 -7.04 2.95
N MET A 87 -5.44 -5.96 2.40
CA MET A 87 -5.79 -5.53 1.05
C MET A 87 -5.50 -6.63 0.04
N LEU A 88 -4.42 -7.36 0.27
CA LEU A 88 -4.04 -8.45 -0.63
C LEU A 88 -5.14 -9.50 -0.73
N ASN A 89 -5.89 -9.66 0.35
CA ASN A 89 -6.98 -10.62 0.39
C ASN A 89 -8.31 -9.97 0.01
N LEU A 90 -8.45 -8.70 0.38
CA LEU A 90 -9.67 -7.96 0.08
C LEU A 90 -10.06 -8.11 -1.39
N PRO A 91 -11.37 -8.21 -1.65
CA PRO A 91 -11.89 -8.36 -3.00
C PRO A 91 -11.73 -7.09 -3.84
N GLN A 92 -11.88 -5.95 -3.19
CA GLN A 92 -11.75 -4.66 -3.86
C GLN A 92 -10.41 -4.56 -4.59
N PHE A 93 -9.39 -5.16 -4.00
CA PHE A 93 -8.05 -5.14 -4.60
C PHE A 93 -7.95 -6.12 -5.75
N GLN A 94 -8.28 -7.39 -5.48
CA GLN A 94 -8.22 -8.42 -6.50
C GLN A 94 -9.07 -8.05 -7.70
N HIS A 95 -10.10 -7.25 -7.47
CA HIS A 95 -10.99 -6.81 -8.54
C HIS A 95 -10.34 -5.71 -9.38
N LEU A 96 -9.54 -4.88 -8.73
CA LEU A 96 -8.86 -3.79 -9.40
C LEU A 96 -7.73 -4.31 -10.28
N PRO A 97 -7.34 -3.52 -11.29
CA PRO A 97 -6.26 -3.89 -12.22
C PRO A 97 -4.89 -3.87 -11.54
N GLN A 98 -3.94 -4.57 -12.15
CA GLN A 98 -2.58 -4.64 -11.61
C GLN A 98 -1.98 -3.25 -11.48
N GLU A 99 -2.27 -2.39 -12.45
CA GLU A 99 -1.76 -1.02 -12.45
C GLU A 99 -2.28 -0.24 -11.24
N GLU A 100 -3.60 -0.12 -11.15
CA GLU A 100 -4.22 0.59 -10.04
C GLU A 100 -3.85 -0.04 -8.70
N LYS A 101 -3.68 -1.37 -8.71
CA LYS A 101 -3.32 -2.09 -7.49
C LYS A 101 -2.11 -1.47 -6.82
N MET A 102 -1.01 -1.36 -7.56
CA MET A 102 0.21 -0.77 -7.03
C MET A 102 -0.07 0.59 -6.39
N SER A 103 -0.63 1.50 -7.18
CA SER A 103 -0.95 2.84 -6.70
C SER A 103 -1.84 2.78 -5.48
N ALA A 104 -2.72 1.78 -5.43
CA ALA A 104 -3.64 1.61 -4.32
C ALA A 104 -2.87 1.33 -3.02
N ILE A 105 -1.95 0.38 -3.08
CA ILE A 105 -1.15 0.03 -1.92
C ILE A 105 -0.27 1.18 -1.47
N LEU A 106 0.34 1.87 -2.44
CA LEU A 106 1.20 3.01 -2.14
C LEU A 106 0.43 4.12 -1.44
N ALA A 107 -0.77 4.41 -1.96
CA ALA A 107 -1.61 5.45 -1.39
C ALA A 107 -2.21 5.01 -0.06
N MET A 108 -2.60 3.73 0.01
CA MET A 108 -3.17 3.18 1.23
C MET A 108 -2.19 3.25 2.39
N LEU A 109 -1.01 2.67 2.19
CA LEU A 109 0.03 2.67 3.21
C LEU A 109 0.49 4.09 3.54
N ASN A 110 0.40 4.97 2.54
CA ASN A 110 0.81 6.36 2.72
C ASN A 110 -0.04 7.04 3.80
N SER A 111 -1.20 6.45 4.09
CA SER A 111 -2.09 7.00 5.11
C SER A 111 -1.33 7.39 6.35
N ASN A 112 -0.49 6.47 6.84
CA ASN A 112 0.30 6.72 8.05
C ASN A 112 1.56 7.52 7.71
N SER A 113 1.65 8.73 8.25
CA SER A 113 2.81 9.58 8.00
C SER A 113 4.11 8.83 8.25
N ASP A 114 4.09 7.93 9.23
CA ASP A 114 5.26 7.14 9.57
C ASP A 114 5.71 6.29 8.38
N THR A 115 4.75 5.74 7.66
CA THR A 115 5.04 4.91 6.50
C THR A 115 4.69 5.62 5.21
N ALA A 116 4.54 6.94 5.29
CA ALA A 116 4.21 7.74 4.12
C ALA A 116 5.07 7.34 2.92
N LEU A 117 6.36 7.57 3.01
CA LEU A 117 7.28 7.23 1.94
C LEU A 117 8.47 6.43 2.47
N SER A 118 9.13 6.96 3.49
CA SER A 118 10.28 6.28 4.09
C SER A 118 10.21 6.34 5.61
N VAL A 119 10.52 7.50 6.17
CA VAL A 119 10.49 7.67 7.62
C VAL A 119 9.86 9.01 7.99
N PRO A 120 9.31 9.08 9.22
CA PRO A 120 8.67 10.29 9.73
C PRO A 120 9.66 11.42 10.00
N PRO A 121 9.15 12.64 10.20
CA PRO A 121 9.97 13.83 10.47
C PRO A 121 10.65 13.76 11.83
N HIS A 122 11.71 14.55 12.01
CA HIS A 122 12.44 14.59 13.26
C HIS A 122 12.75 16.03 13.67
N ASP A 123 12.13 16.47 14.76
CA ASP A 123 12.33 17.82 15.26
C ASP A 123 12.98 17.80 16.64
N SER A 124 12.60 16.83 17.46
CA SER A 124 13.13 16.70 18.81
C SER A 124 14.04 15.48 18.91
N THR A 125 14.88 15.46 19.95
CA THR A 125 15.79 14.34 20.18
C THR A 125 15.22 13.34 21.16
N THR A 1 -26.14 -7.95 0.29
CA THR A 1 -26.11 -7.85 -1.17
C THR A 1 -26.37 -6.43 -1.64
N ALA A 2 -27.32 -5.76 -0.99
CA ALA A 2 -27.67 -4.40 -1.34
C ALA A 2 -27.12 -3.41 -0.31
N ASN A 3 -26.04 -2.74 -0.67
CA ASN A 3 -25.41 -1.77 0.23
C ASN A 3 -25.77 -0.35 -0.18
N THR A 4 -25.53 0.60 0.72
CA THR A 4 -25.83 2.01 0.46
C THR A 4 -24.63 2.89 0.78
N ALA A 5 -24.72 4.16 0.38
CA ALA A 5 -23.65 5.11 0.62
C ALA A 5 -24.13 6.29 1.45
N SER A 6 -23.30 6.75 2.38
CA SER A 6 -23.64 7.87 3.23
C SER A 6 -22.40 8.55 3.77
N GLN A 7 -22.47 9.87 3.93
CA GLN A 7 -21.34 10.66 4.43
C GLN A 7 -20.91 10.15 5.80
N GLN A 8 -19.62 9.81 5.92
CA GLN A 8 -19.08 9.32 7.18
C GLN A 8 -17.56 9.25 7.12
N LEU A 9 -16.94 8.91 8.25
CA LEU A 9 -15.48 8.82 8.33
C LEU A 9 -15.06 7.42 8.78
N SER A 10 -14.31 6.73 7.92
CA SER A 10 -13.84 5.39 8.22
C SER A 10 -13.00 5.38 9.50
N LEU A 11 -13.38 4.52 10.44
CA LEU A 11 -12.66 4.42 11.71
C LEU A 11 -11.67 3.26 11.67
N ASP A 12 -12.10 2.14 11.13
CA ASP A 12 -11.26 0.95 11.05
C ASP A 12 -10.42 0.98 9.77
N PRO A 13 -9.34 0.19 9.76
CA PRO A 13 -8.43 0.11 8.61
C PRO A 13 -9.07 -0.58 7.41
N LYS A 14 -9.75 -1.69 7.67
CA LYS A 14 -10.42 -2.44 6.60
C LYS A 14 -11.50 -1.60 5.94
N GLN A 15 -12.13 -0.75 6.71
CA GLN A 15 -13.19 0.12 6.19
C GLN A 15 -12.61 1.23 5.33
N ARG A 16 -11.68 2.00 5.90
CA ARG A 16 -11.04 3.09 5.18
C ARG A 16 -10.41 2.60 3.88
N SER A 17 -9.91 1.36 3.90
CA SER A 17 -9.28 0.78 2.73
C SER A 17 -10.18 0.90 1.50
N LYS A 18 -11.49 0.84 1.74
CA LYS A 18 -12.46 0.94 0.65
C LYS A 18 -12.56 2.38 0.15
N GLN A 19 -12.45 3.33 1.07
CA GLN A 19 -12.52 4.75 0.73
C GLN A 19 -11.28 5.19 -0.03
N ILE A 20 -10.10 4.87 0.53
CA ILE A 20 -8.85 5.24 -0.09
C ILE A 20 -8.77 4.74 -1.53
N LEU A 21 -9.20 3.51 -1.75
CA LEU A 21 -9.19 2.91 -3.09
C LEU A 21 -10.02 3.74 -4.06
N SER A 22 -11.06 4.38 -3.54
CA SER A 22 -11.93 5.21 -4.36
C SER A 22 -11.36 6.63 -4.51
N ASN A 23 -10.51 7.02 -3.58
CA ASN A 23 -9.90 8.35 -3.60
C ASN A 23 -8.45 8.25 -4.08
N LEU A 24 -8.19 7.33 -5.00
CA LEU A 24 -6.85 7.15 -5.54
C LEU A 24 -6.49 8.30 -6.49
N LYS A 25 -7.47 8.76 -7.25
CA LYS A 25 -7.26 9.85 -8.19
C LYS A 25 -6.81 11.12 -7.46
N LYS A 26 -7.06 11.16 -6.16
CA LYS A 26 -6.67 12.31 -5.35
C LYS A 26 -5.26 12.76 -5.66
N SER A 27 -4.33 11.81 -5.64
CA SER A 27 -2.93 12.11 -5.92
C SER A 27 -2.47 11.43 -7.21
N PRO A 28 -1.45 12.01 -7.86
CA PRO A 28 -0.91 11.49 -9.11
C PRO A 28 -0.15 10.18 -8.90
N PRO A 29 0.17 9.49 -10.00
CA PRO A 29 0.90 8.22 -9.96
C PRO A 29 2.36 8.41 -9.55
N LEU A 30 3.14 7.34 -9.67
CA LEU A 30 4.55 7.38 -9.31
C LEU A 30 5.44 6.93 -10.47
N ASN A 31 4.94 5.95 -11.23
CA ASN A 31 5.67 5.44 -12.38
C ASN A 31 6.96 4.74 -11.93
N LEU A 32 6.81 3.80 -11.00
CA LEU A 32 7.95 3.06 -10.48
C LEU A 32 8.26 1.85 -11.36
N ASN A 33 7.23 1.33 -12.02
CA ASN A 33 7.39 0.17 -12.90
C ASN A 33 7.72 -1.08 -12.10
N ILE A 34 7.01 -1.28 -11.00
CA ILE A 34 7.23 -2.44 -10.14
C ILE A 34 6.19 -3.53 -10.42
N SER A 35 6.57 -4.51 -11.23
CA SER A 35 5.66 -5.60 -11.57
C SER A 35 5.07 -6.23 -10.32
N LEU A 36 3.81 -6.63 -10.40
CA LEU A 36 3.13 -7.25 -9.27
C LEU A 36 2.99 -8.75 -9.47
N PRO A 37 3.91 -9.52 -8.84
CA PRO A 37 3.90 -10.97 -8.93
C PRO A 37 2.72 -11.60 -8.19
N THR A 38 2.17 -12.67 -8.76
CA THR A 38 1.04 -13.36 -8.16
C THR A 38 1.30 -13.65 -6.69
N ASP A 39 2.54 -13.96 -6.35
CA ASP A 39 2.92 -14.25 -4.98
C ASP A 39 2.39 -13.18 -4.03
N LEU A 40 2.53 -11.92 -4.42
CA LEU A 40 2.07 -10.81 -3.61
C LEU A 40 0.59 -10.95 -3.29
N THR A 41 -0.18 -11.43 -4.25
CA THR A 41 -1.62 -11.63 -4.06
C THR A 41 -1.98 -13.11 -4.05
N SER A 42 -1.04 -13.94 -3.63
CA SER A 42 -1.26 -15.38 -3.57
C SER A 42 -2.44 -15.71 -2.68
N THR A 43 -2.71 -17.01 -2.52
CA THR A 43 -3.82 -17.46 -1.69
C THR A 43 -3.35 -17.77 -0.27
N ASP A 44 -2.11 -18.20 -0.15
CA ASP A 44 -1.54 -18.52 1.16
C ASP A 44 -0.78 -17.33 1.73
N PRO A 45 -0.63 -17.30 3.06
CA PRO A 45 0.08 -16.22 3.77
C PRO A 45 1.59 -16.25 3.50
N ALA A 46 2.12 -17.45 3.31
CA ALA A 46 3.55 -17.61 3.04
C ALA A 46 3.97 -16.84 1.81
N LYS A 47 3.30 -17.10 0.69
CA LYS A 47 3.60 -16.42 -0.56
C LYS A 47 3.17 -14.97 -0.51
N GLN A 48 2.02 -14.71 0.09
CA GLN A 48 1.49 -13.37 0.21
C GLN A 48 2.47 -12.46 0.95
N GLN A 49 2.89 -12.89 2.14
CA GLN A 49 3.84 -12.12 2.94
C GLN A 49 5.21 -12.08 2.28
N ALA A 50 5.65 -13.22 1.77
CA ALA A 50 6.95 -13.31 1.11
C ALA A 50 7.11 -12.22 0.07
N ALA A 51 6.16 -12.15 -0.87
CA ALA A 51 6.20 -11.15 -1.93
C ALA A 51 6.03 -9.75 -1.36
N LEU A 52 5.09 -9.60 -0.43
CA LEU A 52 4.83 -8.32 0.19
C LEU A 52 6.13 -7.64 0.63
N PHE A 53 6.95 -8.38 1.35
CA PHE A 53 8.23 -7.86 1.83
C PHE A 53 9.06 -7.31 0.67
N GLN A 54 9.03 -8.03 -0.45
CA GLN A 54 9.78 -7.62 -1.64
C GLN A 54 9.28 -6.29 -2.18
N VAL A 55 7.97 -6.20 -2.38
CA VAL A 55 7.36 -4.96 -2.89
C VAL A 55 7.71 -3.77 -2.01
N ILE A 56 7.38 -3.87 -0.73
CA ILE A 56 7.66 -2.80 0.22
C ILE A 56 9.14 -2.40 0.18
N ALA A 57 10.02 -3.39 0.28
CA ALA A 57 11.45 -3.14 0.25
C ALA A 57 11.84 -2.30 -0.95
N ALA A 58 11.25 -2.61 -2.11
CA ALA A 58 11.53 -1.87 -3.33
C ALA A 58 11.15 -0.40 -3.19
N LEU A 59 9.99 -0.15 -2.60
CA LEU A 59 9.50 1.21 -2.40
C LEU A 59 10.45 2.00 -1.50
N GLN A 60 10.81 1.40 -0.37
CA GLN A 60 11.71 2.04 0.58
C GLN A 60 13.00 2.49 -0.11
N LYS A 61 13.72 1.53 -0.70
CA LYS A 61 14.97 1.82 -1.40
C LYS A 61 14.74 2.85 -2.50
N HIS A 62 13.57 2.81 -3.11
CA HIS A 62 13.24 3.74 -4.19
C HIS A 62 12.97 5.13 -3.64
N PHE A 63 12.54 5.19 -2.38
CA PHE A 63 12.24 6.46 -1.73
C PHE A 63 13.53 7.18 -1.33
N LYS A 64 14.39 6.48 -0.59
CA LYS A 64 15.66 7.06 -0.14
C LYS A 64 16.74 6.87 -1.20
N THR A 65 17.04 5.61 -1.51
CA THR A 65 18.06 5.29 -2.50
C THR A 65 18.35 3.80 -2.53
N ASN A 66 18.63 3.28 -3.73
CA ASN A 66 18.92 1.86 -3.88
C ASN A 66 20.12 1.46 -3.03
N MET A 67 21.08 2.35 -2.90
CA MET A 67 22.28 2.09 -2.10
C MET A 67 21.90 1.80 -0.65
N GLU A 68 20.84 2.44 -0.18
CA GLU A 68 20.39 2.25 1.20
C GLU A 68 19.79 0.86 1.39
N ASN A 69 19.34 0.57 2.60
CA ASN A 69 18.74 -0.72 2.92
C ASN A 69 17.26 -0.57 3.24
N VAL A 70 16.58 -1.69 3.42
CA VAL A 70 15.16 -1.69 3.74
C VAL A 70 14.94 -1.74 5.25
N ASN A 71 14.72 -0.58 5.85
CA ASN A 71 14.49 -0.50 7.29
C ASN A 71 13.39 -1.47 7.72
N TYR A 72 13.81 -2.58 8.32
CA TYR A 72 12.85 -3.59 8.78
C TYR A 72 11.89 -3.01 9.81
N ASP A 73 12.36 -2.01 10.55
CA ASP A 73 11.55 -1.37 11.57
C ASP A 73 10.21 -0.91 10.99
N LEU A 74 10.28 -0.04 9.97
CA LEU A 74 9.08 0.48 9.33
C LEU A 74 8.43 -0.59 8.45
N LEU A 75 9.25 -1.50 7.93
CA LEU A 75 8.76 -2.57 7.07
C LEU A 75 7.72 -3.42 7.81
N GLN A 76 8.02 -3.75 9.06
CA GLN A 76 7.12 -4.55 9.87
C GLN A 76 5.71 -3.96 9.87
N LYS A 77 5.63 -2.66 10.09
CA LYS A 77 4.34 -1.96 10.12
C LYS A 77 3.78 -1.81 8.71
N GLN A 78 4.66 -1.52 7.76
CA GLN A 78 4.24 -1.35 6.37
C GLN A 78 3.50 -2.59 5.86
N VAL A 79 4.11 -3.75 6.05
CA VAL A 79 3.51 -5.01 5.62
C VAL A 79 2.34 -5.41 6.51
N LYS A 80 2.54 -5.28 7.82
CA LYS A 80 1.49 -5.62 8.78
C LYS A 80 0.18 -4.93 8.42
N TYR A 81 0.27 -3.66 8.05
CA TYR A 81 -0.91 -2.89 7.68
C TYR A 81 -1.73 -3.61 6.62
N ILE A 82 -1.09 -3.89 5.49
CA ILE A 82 -1.75 -4.58 4.39
C ILE A 82 -2.21 -5.97 4.82
N MET A 83 -1.43 -6.61 5.68
CA MET A 83 -1.77 -7.95 6.17
C MET A 83 -3.14 -7.96 6.82
N ASP A 84 -3.35 -7.06 7.77
CA ASP A 84 -4.62 -6.96 8.47
C ASP A 84 -5.70 -6.38 7.56
N SER A 85 -5.32 -5.42 6.73
CA SER A 85 -6.26 -4.78 5.81
C SER A 85 -6.80 -5.79 4.79
N ASN A 86 -5.95 -6.74 4.39
CA ASN A 86 -6.34 -7.76 3.44
C ASN A 86 -6.64 -7.13 2.08
N MET A 87 -6.01 -5.99 1.80
CA MET A 87 -6.21 -5.29 0.54
C MET A 87 -5.81 -6.18 -0.65
N LEU A 88 -4.79 -7.00 -0.44
CA LEU A 88 -4.31 -7.90 -1.49
C LEU A 88 -5.42 -8.83 -1.96
N ASN A 89 -6.13 -9.43 -1.01
CA ASN A 89 -7.22 -10.34 -1.32
C ASN A 89 -8.50 -9.56 -1.65
N LEU A 90 -8.59 -8.35 -1.10
CA LEU A 90 -9.76 -7.51 -1.34
C LEU A 90 -10.11 -7.43 -2.81
N PRO A 91 -11.41 -7.55 -3.12
CA PRO A 91 -11.89 -7.50 -4.51
C PRO A 91 -11.76 -6.11 -5.12
N GLN A 92 -11.83 -5.08 -4.27
CA GLN A 92 -11.71 -3.70 -4.73
C GLN A 92 -10.33 -3.43 -5.31
N PHE A 93 -9.31 -3.97 -4.66
CA PHE A 93 -7.94 -3.79 -5.10
C PHE A 93 -7.56 -4.84 -6.16
N GLN A 94 -8.07 -6.04 -5.98
CA GLN A 94 -7.80 -7.14 -6.92
C GLN A 94 -8.41 -6.85 -8.28
N HIS A 95 -9.56 -6.19 -8.28
CA HIS A 95 -10.25 -5.86 -9.53
C HIS A 95 -9.58 -4.68 -10.22
N LEU A 96 -9.06 -3.75 -9.43
CA LEU A 96 -8.39 -2.57 -9.97
C LEU A 96 -7.22 -2.97 -10.87
N PRO A 97 -6.84 -2.07 -11.78
CA PRO A 97 -5.74 -2.30 -12.72
C PRO A 97 -4.38 -2.31 -12.03
N GLN A 98 -3.40 -2.90 -12.69
CA GLN A 98 -2.05 -2.99 -12.13
C GLN A 98 -1.49 -1.60 -11.83
N GLU A 99 -1.86 -0.63 -12.67
CA GLU A 99 -1.39 0.74 -12.51
C GLU A 99 -1.95 1.35 -11.22
N GLU A 100 -3.25 1.22 -11.03
CA GLU A 100 -3.91 1.76 -9.84
C GLU A 100 -3.48 0.99 -8.59
N LYS A 101 -3.20 -0.29 -8.76
CA LYS A 101 -2.78 -1.13 -7.65
C LYS A 101 -1.64 -0.47 -6.86
N MET A 102 -0.64 0.02 -7.59
CA MET A 102 0.51 0.68 -6.97
C MET A 102 0.05 1.91 -6.17
N SER A 103 -0.69 2.79 -6.84
CA SER A 103 -1.18 4.00 -6.19
C SER A 103 -1.95 3.68 -4.93
N ALA A 104 -2.75 2.62 -4.98
CA ALA A 104 -3.55 2.18 -3.84
C ALA A 104 -2.65 1.77 -2.68
N ILE A 105 -1.71 0.88 -2.96
CA ILE A 105 -0.79 0.39 -1.93
C ILE A 105 0.07 1.52 -1.38
N LEU A 106 0.78 2.20 -2.27
CA LEU A 106 1.65 3.31 -1.88
C LEU A 106 0.89 4.31 -1.00
N ALA A 107 -0.28 4.72 -1.46
CA ALA A 107 -1.11 5.67 -0.71
C ALA A 107 -1.58 5.06 0.61
N MET A 108 -1.82 3.75 0.59
CA MET A 108 -2.28 3.05 1.78
C MET A 108 -1.27 3.20 2.92
N LEU A 109 -0.02 2.92 2.63
CA LEU A 109 1.04 3.02 3.63
C LEU A 109 1.15 4.44 4.16
N ASN A 110 0.63 5.40 3.40
CA ASN A 110 0.68 6.80 3.79
C ASN A 110 -0.55 7.17 4.62
N SER A 111 -1.15 6.17 5.27
CA SER A 111 -2.33 6.39 6.09
C SER A 111 -1.94 6.56 7.56
N ASN A 112 -0.91 5.84 7.98
CA ASN A 112 -0.44 5.90 9.36
C ASN A 112 1.01 6.39 9.42
N SER A 113 1.38 7.01 10.54
CA SER A 113 2.74 7.52 10.72
C SER A 113 3.73 6.38 10.81
N ASP A 114 3.35 5.32 11.52
CA ASP A 114 4.22 4.16 11.70
C ASP A 114 4.74 3.66 10.35
N THR A 115 3.96 3.89 9.30
CA THR A 115 4.34 3.46 7.96
C THR A 115 4.38 4.66 7.00
N ALA A 116 4.66 5.83 7.54
CA ALA A 116 4.73 7.04 6.74
C ALA A 116 6.14 7.25 6.18
N LEU A 117 6.90 6.16 6.13
CA LEU A 117 8.27 6.22 5.61
C LEU A 117 8.29 6.72 4.17
N SER A 118 7.23 6.41 3.43
CA SER A 118 7.13 6.83 2.03
C SER A 118 7.38 8.32 1.89
N VAL A 119 7.09 9.07 2.95
CA VAL A 119 7.28 10.52 2.95
C VAL A 119 8.72 10.87 2.57
N PRO A 120 8.87 11.74 1.56
CA PRO A 120 10.18 12.19 1.09
C PRO A 120 10.88 13.09 2.10
N PRO A 121 12.19 13.33 1.87
CA PRO A 121 13.01 14.17 2.74
C PRO A 121 12.61 15.64 2.66
N HIS A 122 12.92 16.39 3.71
CA HIS A 122 12.60 17.82 3.75
C HIS A 122 13.87 18.66 3.78
N ASP A 123 14.07 19.45 2.73
CA ASP A 123 15.26 20.31 2.63
C ASP A 123 15.27 21.34 3.76
N SER A 124 16.47 21.69 4.22
CA SER A 124 16.62 22.67 5.29
C SER A 124 17.87 23.51 5.08
N THR A 125 17.85 24.74 5.60
CA THR A 125 18.98 25.64 5.47
C THR A 125 20.03 25.36 6.53
N THR A 1 -41.29 8.89 -4.00
CA THR A 1 -40.27 8.35 -3.12
C THR A 1 -38.87 8.65 -3.65
N ALA A 2 -38.04 9.25 -2.79
CA ALA A 2 -36.68 9.58 -3.17
C ALA A 2 -35.66 8.84 -2.30
N ASN A 3 -34.57 8.41 -2.91
CA ASN A 3 -33.53 7.69 -2.18
C ASN A 3 -32.20 8.44 -2.25
N THR A 4 -31.70 8.85 -1.09
CA THR A 4 -30.44 9.58 -1.02
C THR A 4 -29.54 9.02 0.08
N ALA A 5 -28.33 8.61 -0.30
CA ALA A 5 -27.38 8.06 0.66
C ALA A 5 -26.08 8.86 0.66
N SER A 6 -25.84 9.56 1.76
CA SER A 6 -24.63 10.37 1.89
C SER A 6 -23.40 9.50 2.12
N GLN A 7 -22.23 10.13 2.19
CA GLN A 7 -20.99 9.40 2.41
C GLN A 7 -20.78 9.12 3.89
N GLN A 8 -19.87 8.20 4.18
CA GLN A 8 -19.59 7.82 5.57
C GLN A 8 -18.08 7.65 5.78
N LEU A 9 -17.69 7.40 7.02
CA LEU A 9 -16.28 7.22 7.36
C LEU A 9 -16.07 5.92 8.12
N SER A 10 -14.99 5.22 7.81
CA SER A 10 -14.67 3.96 8.47
C SER A 10 -13.52 4.14 9.46
N LEU A 11 -13.45 3.26 10.45
CA LEU A 11 -12.41 3.31 11.46
C LEU A 11 -11.46 2.12 11.32
N ASP A 12 -12.01 0.97 10.96
CA ASP A 12 -11.21 -0.24 10.80
C ASP A 12 -10.46 -0.21 9.47
N PRO A 13 -9.34 -0.95 9.41
CA PRO A 13 -8.51 -1.04 8.21
C PRO A 13 -9.19 -1.79 7.07
N LYS A 14 -9.89 -2.87 7.42
CA LYS A 14 -10.59 -3.67 6.43
C LYS A 14 -11.69 -2.85 5.74
N GLN A 15 -12.32 -1.97 6.50
CA GLN A 15 -13.39 -1.12 5.96
C GLN A 15 -12.81 0.03 5.14
N ARG A 16 -11.93 0.80 5.77
CA ARG A 16 -11.31 1.94 5.09
C ARG A 16 -10.61 1.50 3.81
N SER A 17 -10.09 0.28 3.82
CA SER A 17 -9.40 -0.26 2.66
C SER A 17 -10.25 -0.12 1.40
N LYS A 18 -11.57 -0.22 1.57
CA LYS A 18 -12.50 -0.11 0.46
C LYS A 18 -12.63 1.34 0.00
N GLN A 19 -12.57 2.27 0.96
CA GLN A 19 -12.67 3.68 0.65
C GLN A 19 -11.40 4.20 -0.02
N ILE A 20 -10.26 3.88 0.57
CA ILE A 20 -8.98 4.31 0.03
C ILE A 20 -8.81 3.87 -1.43
N LEU A 21 -9.23 2.63 -1.70
CA LEU A 21 -9.13 2.09 -3.06
C LEU A 21 -10.09 2.81 -4.00
N SER A 22 -11.14 3.39 -3.44
CA SER A 22 -12.13 4.11 -4.24
C SER A 22 -11.70 5.57 -4.43
N ASN A 23 -10.89 6.07 -3.51
CA ASN A 23 -10.42 7.45 -3.58
C ASN A 23 -8.94 7.49 -3.95
N LEU A 24 -8.53 6.55 -4.80
CA LEU A 24 -7.13 6.49 -5.23
C LEU A 24 -6.81 7.64 -6.19
N LYS A 25 -7.82 8.11 -6.92
CA LYS A 25 -7.64 9.19 -7.87
C LYS A 25 -6.88 10.35 -7.23
N LYS A 26 -7.11 10.56 -5.94
CA LYS A 26 -6.44 11.63 -5.20
C LYS A 26 -5.14 11.14 -4.57
N SER A 27 -4.25 10.60 -5.41
CA SER A 27 -2.97 10.08 -4.93
C SER A 27 -1.82 10.92 -5.48
N PRO A 28 -0.66 10.83 -4.81
CA PRO A 28 0.55 11.56 -5.22
C PRO A 28 1.13 11.05 -6.52
N PRO A 29 2.06 11.82 -7.10
CA PRO A 29 2.73 11.46 -8.35
C PRO A 29 3.68 10.27 -8.18
N LEU A 30 3.49 9.25 -9.02
CA LEU A 30 4.33 8.05 -8.96
C LEU A 30 4.92 7.74 -10.32
N ASN A 31 6.25 7.82 -10.42
CA ASN A 31 6.94 7.54 -11.68
C ASN A 31 7.51 6.12 -11.68
N LEU A 32 7.85 5.63 -10.51
CA LEU A 32 8.40 4.28 -10.38
C LEU A 32 7.53 3.26 -11.11
N ASN A 33 6.26 3.20 -10.73
CA ASN A 33 5.32 2.27 -11.36
C ASN A 33 5.80 0.83 -11.20
N ILE A 34 6.44 0.54 -10.07
CA ILE A 34 6.96 -0.80 -9.81
C ILE A 34 5.83 -1.82 -9.78
N SER A 35 5.98 -2.88 -10.56
CA SER A 35 4.97 -3.93 -10.63
C SER A 35 5.16 -4.94 -9.51
N LEU A 36 4.07 -5.63 -9.15
CA LEU A 36 4.12 -6.63 -8.09
C LEU A 36 3.86 -8.03 -8.64
N PRO A 37 4.63 -9.02 -8.14
CA PRO A 37 4.50 -10.41 -8.56
C PRO A 37 3.20 -11.04 -8.09
N THR A 38 2.78 -12.12 -8.74
CA THR A 38 1.56 -12.82 -8.39
C THR A 38 1.50 -13.11 -6.89
N ASP A 39 2.67 -13.35 -6.30
CA ASP A 39 2.75 -13.64 -4.87
C ASP A 39 2.04 -12.57 -4.05
N LEU A 40 2.17 -11.32 -4.50
CA LEU A 40 1.54 -10.20 -3.81
C LEU A 40 0.05 -10.47 -3.59
N THR A 41 -0.57 -11.17 -4.52
CA THR A 41 -1.99 -11.49 -4.43
C THR A 41 -2.22 -13.00 -4.56
N SER A 42 -1.22 -13.78 -4.15
CA SER A 42 -1.32 -15.24 -4.22
C SER A 42 -2.42 -15.76 -3.30
N THR A 43 -2.53 -17.08 -3.21
CA THR A 43 -3.54 -17.70 -2.36
C THR A 43 -2.90 -18.35 -1.14
N ASP A 44 -1.80 -17.78 -0.68
CA ASP A 44 -1.09 -18.30 0.48
C ASP A 44 -0.37 -17.19 1.23
N PRO A 45 -0.20 -17.37 2.55
CA PRO A 45 0.48 -16.38 3.40
C PRO A 45 1.97 -16.31 3.11
N ALA A 46 2.60 -17.47 2.94
CA ALA A 46 4.03 -17.53 2.67
C ALA A 46 4.39 -16.64 1.49
N LYS A 47 3.74 -16.87 0.35
CA LYS A 47 3.99 -16.09 -0.85
C LYS A 47 3.55 -14.64 -0.66
N GLN A 48 2.42 -14.45 0.00
CA GLN A 48 1.89 -13.11 0.25
C GLN A 48 2.91 -12.25 0.98
N GLN A 49 3.41 -12.77 2.10
CA GLN A 49 4.40 -12.04 2.89
C GLN A 49 5.71 -11.89 2.13
N ALA A 50 6.18 -13.00 1.57
CA ALA A 50 7.43 -12.99 0.81
C ALA A 50 7.45 -11.86 -0.22
N ALA A 51 6.34 -11.70 -0.93
CA ALA A 51 6.23 -10.66 -1.95
C ALA A 51 6.14 -9.28 -1.31
N LEU A 52 5.39 -9.19 -0.21
CA LEU A 52 5.22 -7.93 0.50
C LEU A 52 6.58 -7.29 0.82
N PHE A 53 7.42 -8.06 1.51
CA PHE A 53 8.75 -7.58 1.88
C PHE A 53 9.54 -7.15 0.65
N GLN A 54 9.37 -7.88 -0.44
CA GLN A 54 10.06 -7.58 -1.69
C GLN A 54 9.61 -6.23 -2.25
N VAL A 55 8.31 -6.09 -2.47
CA VAL A 55 7.75 -4.85 -3.00
C VAL A 55 8.14 -3.66 -2.14
N ILE A 56 7.79 -3.74 -0.85
CA ILE A 56 8.10 -2.67 0.09
C ILE A 56 9.58 -2.30 0.04
N ALA A 57 10.43 -3.31 0.14
CA ALA A 57 11.88 -3.09 0.10
C ALA A 57 12.28 -2.27 -1.12
N ALA A 58 11.72 -2.62 -2.28
CA ALA A 58 12.02 -1.91 -3.51
C ALA A 58 11.70 -0.42 -3.39
N LEU A 59 10.57 -0.12 -2.74
CA LEU A 59 10.14 1.26 -2.56
C LEU A 59 11.11 2.01 -1.65
N GLN A 60 11.42 1.40 -0.50
CA GLN A 60 12.33 2.01 0.47
C GLN A 60 13.61 2.47 -0.22
N LYS A 61 14.30 1.53 -0.87
CA LYS A 61 15.55 1.85 -1.56
C LYS A 61 15.31 2.88 -2.67
N HIS A 62 14.20 2.72 -3.37
CA HIS A 62 13.85 3.64 -4.46
C HIS A 62 13.61 5.05 -3.93
N PHE A 63 13.27 5.14 -2.65
CA PHE A 63 13.01 6.43 -2.02
C PHE A 63 14.31 7.09 -1.58
N LYS A 64 15.02 6.44 -0.66
CA LYS A 64 16.29 6.97 -0.15
C LYS A 64 17.39 6.81 -1.19
N THR A 65 17.66 5.57 -1.57
CA THR A 65 18.70 5.28 -2.56
C THR A 65 18.81 3.79 -2.82
N ASN A 66 18.92 3.42 -4.09
CA ASN A 66 19.03 2.01 -4.48
C ASN A 66 20.16 1.33 -3.71
N MET A 67 21.26 2.05 -3.52
CA MET A 67 22.41 1.51 -2.79
C MET A 67 22.05 1.27 -1.33
N GLU A 68 21.17 2.11 -0.79
CA GLU A 68 20.76 1.98 0.61
C GLU A 68 20.06 0.63 0.85
N ASN A 69 19.95 0.26 2.11
CA ASN A 69 19.31 -1.00 2.49
C ASN A 69 17.83 -0.78 2.82
N VAL A 70 17.16 -1.86 3.18
CA VAL A 70 15.73 -1.79 3.52
C VAL A 70 15.53 -1.88 5.03
N ASN A 71 15.26 -0.73 5.66
CA ASN A 71 15.04 -0.68 7.10
C ASN A 71 14.01 -1.72 7.53
N TYR A 72 14.49 -2.82 8.09
CA TYR A 72 13.62 -3.89 8.55
C TYR A 72 12.73 -3.42 9.69
N ASP A 73 13.31 -2.60 10.57
CA ASP A 73 12.57 -2.07 11.71
C ASP A 73 11.27 -1.41 11.27
N LEU A 74 11.38 -0.41 10.41
CA LEU A 74 10.22 0.30 9.91
C LEU A 74 9.43 -0.56 8.92
N LEU A 75 10.14 -1.34 8.13
CA LEU A 75 9.51 -2.23 7.14
C LEU A 75 8.48 -3.14 7.82
N GLN A 76 8.82 -3.61 9.02
CA GLN A 76 7.93 -4.49 9.76
C GLN A 76 6.54 -3.88 9.89
N LYS A 77 6.49 -2.58 10.19
CA LYS A 77 5.22 -1.88 10.34
C LYS A 77 4.56 -1.66 8.98
N GLN A 78 5.34 -1.24 8.00
CA GLN A 78 4.82 -1.00 6.66
C GLN A 78 4.10 -2.23 6.13
N VAL A 79 4.74 -3.39 6.26
CA VAL A 79 4.15 -4.64 5.79
C VAL A 79 3.03 -5.10 6.71
N LYS A 80 3.23 -4.92 8.02
CA LYS A 80 2.22 -5.32 8.99
C LYS A 80 0.86 -4.74 8.64
N TYR A 81 0.84 -3.48 8.22
CA TYR A 81 -0.41 -2.81 7.86
C TYR A 81 -1.19 -3.64 6.84
N ILE A 82 -0.54 -3.94 5.72
CA ILE A 82 -1.17 -4.74 4.67
C ILE A 82 -1.58 -6.10 5.18
N MET A 83 -0.75 -6.68 6.05
CA MET A 83 -1.02 -7.99 6.61
C MET A 83 -2.38 -8.03 7.30
N ASP A 84 -2.56 -7.13 8.27
CA ASP A 84 -3.82 -7.05 9.02
C ASP A 84 -4.97 -6.65 8.10
N SER A 85 -4.69 -5.71 7.20
CA SER A 85 -5.71 -5.23 6.26
C SER A 85 -6.18 -6.36 5.34
N ASN A 86 -5.29 -7.30 5.06
CA ASN A 86 -5.61 -8.43 4.20
C ASN A 86 -5.88 -7.97 2.78
N MET A 87 -5.31 -6.82 2.40
CA MET A 87 -5.50 -6.27 1.07
C MET A 87 -5.15 -7.30 0.00
N LEU A 88 -4.08 -8.05 0.25
CA LEU A 88 -3.62 -9.07 -0.70
C LEU A 88 -4.77 -10.01 -1.07
N ASN A 89 -5.51 -10.46 -0.06
CA ASN A 89 -6.63 -11.36 -0.28
C ASN A 89 -7.88 -10.58 -0.68
N LEU A 90 -7.96 -9.33 -0.26
CA LEU A 90 -9.10 -8.48 -0.57
C LEU A 90 -9.44 -8.55 -2.06
N PRO A 91 -10.74 -8.65 -2.36
CA PRO A 91 -11.22 -8.72 -3.74
C PRO A 91 -11.05 -7.41 -4.49
N GLN A 92 -11.13 -6.30 -3.77
CA GLN A 92 -10.98 -4.98 -4.35
C GLN A 92 -9.55 -4.75 -4.83
N PHE A 93 -8.60 -5.40 -4.15
CA PHE A 93 -7.19 -5.26 -4.50
C PHE A 93 -6.84 -6.13 -5.71
N GLN A 94 -7.51 -7.28 -5.82
CA GLN A 94 -7.27 -8.19 -6.92
C GLN A 94 -7.90 -7.67 -8.21
N HIS A 95 -8.97 -6.90 -8.08
CA HIS A 95 -9.66 -6.34 -9.23
C HIS A 95 -8.89 -5.14 -9.78
N LEU A 96 -8.26 -4.39 -8.89
CA LEU A 96 -7.48 -3.22 -9.29
C LEU A 96 -6.36 -3.60 -10.25
N PRO A 97 -6.13 -2.75 -11.26
CA PRO A 97 -5.08 -2.97 -12.26
C PRO A 97 -3.68 -2.84 -11.68
N GLN A 98 -2.71 -3.43 -12.36
CA GLN A 98 -1.32 -3.37 -11.91
C GLN A 98 -0.89 -1.93 -11.65
N GLU A 99 -1.38 -1.01 -12.48
CA GLU A 99 -1.04 0.40 -12.35
C GLU A 99 -1.61 0.97 -11.06
N GLU A 100 -2.93 0.92 -10.92
CA GLU A 100 -3.59 1.43 -9.74
C GLU A 100 -3.09 0.73 -8.48
N LYS A 101 -2.72 -0.54 -8.62
CA LYS A 101 -2.21 -1.33 -7.50
C LYS A 101 -1.12 -0.58 -6.76
N MET A 102 -0.09 -0.15 -7.50
CA MET A 102 1.02 0.58 -6.90
C MET A 102 0.51 1.77 -6.09
N SER A 103 -0.31 2.61 -6.73
CA SER A 103 -0.85 3.78 -6.07
C SER A 103 -1.65 3.40 -4.83
N ALA A 104 -2.40 2.30 -4.94
CA ALA A 104 -3.21 1.83 -3.82
C ALA A 104 -2.33 1.40 -2.65
N ILE A 105 -1.37 0.53 -2.93
CA ILE A 105 -0.46 0.04 -1.89
C ILE A 105 0.26 1.19 -1.21
N LEU A 106 0.92 2.04 -2.00
CA LEU A 106 1.65 3.18 -1.48
C LEU A 106 0.72 4.09 -0.68
N ALA A 107 -0.35 4.54 -1.31
CA ALA A 107 -1.32 5.41 -0.66
C ALA A 107 -1.75 4.85 0.69
N MET A 108 -1.92 3.53 0.76
CA MET A 108 -2.33 2.87 1.98
C MET A 108 -1.19 2.89 3.01
N LEU A 109 0.04 2.75 2.52
CA LEU A 109 1.21 2.74 3.39
C LEU A 109 1.40 4.10 4.07
N ASN A 110 0.72 5.11 3.54
CA ASN A 110 0.81 6.46 4.08
C ASN A 110 -0.30 6.71 5.09
N SER A 111 -0.82 5.63 5.67
CA SER A 111 -1.89 5.74 6.66
C SER A 111 -1.33 5.75 8.08
N ASN A 112 -0.25 5.00 8.29
CA ASN A 112 0.38 4.92 9.60
C ASN A 112 1.62 5.81 9.65
N SER A 113 1.87 6.41 10.82
CA SER A 113 3.00 7.29 11.00
C SER A 113 4.32 6.49 10.93
N ASP A 114 4.36 5.39 11.67
CA ASP A 114 5.55 4.54 11.70
C ASP A 114 5.93 4.09 10.30
N THR A 115 4.92 3.85 9.46
CA THR A 115 5.14 3.40 8.10
C THR A 115 5.15 4.59 7.13
N ALA A 116 5.58 5.75 7.62
CA ALA A 116 5.64 6.95 6.81
C ALA A 116 7.00 7.10 6.14
N LEU A 117 7.72 5.98 6.04
CA LEU A 117 9.04 5.98 5.42
C LEU A 117 8.96 6.43 3.96
N SER A 118 7.82 6.18 3.33
CA SER A 118 7.62 6.56 1.94
C SER A 118 7.97 8.03 1.73
N VAL A 119 7.84 8.83 2.78
CA VAL A 119 8.14 10.25 2.71
C VAL A 119 9.56 10.49 2.21
N PRO A 120 9.68 11.34 1.18
CA PRO A 120 10.98 11.66 0.58
C PRO A 120 11.85 12.51 1.51
N PRO A 121 13.15 12.58 1.19
CA PRO A 121 14.12 13.36 1.98
C PRO A 121 13.90 14.86 1.86
N HIS A 122 13.69 15.33 0.64
CA HIS A 122 13.47 16.75 0.39
C HIS A 122 12.12 17.20 0.97
N ASP A 123 12.15 17.64 2.22
CA ASP A 123 10.94 18.10 2.90
C ASP A 123 10.97 19.61 3.09
N SER A 124 9.84 20.17 3.52
CA SER A 124 9.73 21.60 3.75
C SER A 124 8.78 21.89 4.90
N THR A 125 8.99 23.02 5.57
CA THR A 125 8.15 23.43 6.69
C THR A 125 6.68 23.50 6.28
N THR A 1 -26.83 5.62 -15.89
CA THR A 1 -27.72 6.72 -15.55
C THR A 1 -28.07 6.69 -14.06
N ALA A 2 -27.07 6.47 -13.23
CA ALA A 2 -27.27 6.42 -11.78
C ALA A 2 -26.19 7.19 -11.04
N ASN A 3 -26.59 8.01 -10.08
CA ASN A 3 -25.65 8.80 -9.30
C ASN A 3 -25.90 8.63 -7.81
N THR A 4 -24.83 8.68 -7.03
CA THR A 4 -24.94 8.54 -5.58
C THR A 4 -23.67 9.03 -4.89
N ALA A 5 -23.82 9.45 -3.63
CA ALA A 5 -22.68 9.94 -2.85
C ALA A 5 -22.23 8.91 -1.83
N SER A 6 -20.92 8.66 -1.80
CA SER A 6 -20.36 7.69 -0.86
C SER A 6 -19.16 8.26 -0.14
N GLN A 7 -19.03 7.93 1.15
CA GLN A 7 -17.92 8.43 1.96
C GLN A 7 -17.38 7.33 2.87
N GLN A 8 -16.06 7.21 2.94
CA GLN A 8 -15.42 6.21 3.77
C GLN A 8 -15.73 6.43 5.24
N LEU A 9 -15.96 5.35 5.97
CA LEU A 9 -16.27 5.44 7.40
C LEU A 9 -15.90 4.14 8.11
N SER A 10 -14.79 4.17 8.85
CA SER A 10 -14.32 3.00 9.58
C SER A 10 -13.35 3.40 10.68
N LEU A 11 -13.23 2.55 11.69
CA LEU A 11 -12.33 2.80 12.82
C LEU A 11 -11.05 2.00 12.69
N ASP A 12 -11.19 0.74 12.25
CA ASP A 12 -10.04 -0.14 12.08
C ASP A 12 -9.48 -0.03 10.67
N PRO A 13 -8.20 -0.40 10.51
CA PRO A 13 -7.52 -0.36 9.21
C PRO A 13 -8.03 -1.42 8.25
N LYS A 14 -8.23 -2.63 8.77
CA LYS A 14 -8.72 -3.74 7.95
C LYS A 14 -10.12 -3.45 7.42
N GLN A 15 -10.91 -2.73 8.22
CA GLN A 15 -12.27 -2.38 7.83
C GLN A 15 -12.27 -1.24 6.80
N ARG A 16 -11.64 -0.13 7.17
CA ARG A 16 -11.57 1.02 6.28
C ARG A 16 -10.96 0.63 4.94
N SER A 17 -10.06 -0.34 4.95
CA SER A 17 -9.40 -0.80 3.73
C SER A 17 -10.42 -1.08 2.64
N LYS A 18 -11.61 -1.53 3.04
CA LYS A 18 -12.67 -1.83 2.09
C LYS A 18 -13.32 -0.55 1.56
N GLN A 19 -13.46 0.43 2.44
CA GLN A 19 -14.06 1.71 2.06
C GLN A 19 -13.11 2.52 1.18
N ILE A 20 -11.86 2.64 1.62
CA ILE A 20 -10.86 3.39 0.88
C ILE A 20 -10.73 2.87 -0.55
N LEU A 21 -10.74 1.55 -0.71
CA LEU A 21 -10.63 0.93 -2.02
C LEU A 21 -11.90 1.17 -2.83
N SER A 22 -13.03 1.24 -2.15
CA SER A 22 -14.31 1.46 -2.81
C SER A 22 -14.35 2.83 -3.48
N ASN A 23 -13.67 3.80 -2.87
CA ASN A 23 -13.62 5.14 -3.41
C ASN A 23 -12.20 5.54 -3.80
N LEU A 24 -11.42 4.56 -4.25
CA LEU A 24 -10.04 4.79 -4.66
C LEU A 24 -9.98 5.40 -6.05
N LYS A 25 -11.01 5.14 -6.85
CA LYS A 25 -11.07 5.67 -8.21
C LYS A 25 -10.73 7.16 -8.23
N LYS A 26 -11.11 7.86 -7.17
CA LYS A 26 -10.85 9.29 -7.06
C LYS A 26 -9.59 9.55 -6.23
N SER A 27 -8.44 9.23 -6.80
CA SER A 27 -7.17 9.42 -6.11
C SER A 27 -6.33 10.48 -6.81
N PRO A 28 -5.35 11.04 -6.08
CA PRO A 28 -4.46 12.07 -6.61
C PRO A 28 -3.49 11.52 -7.66
N PRO A 29 -2.82 12.43 -8.38
CA PRO A 29 -1.86 12.06 -9.42
C PRO A 29 -0.59 11.44 -8.84
N LEU A 30 -0.17 10.32 -9.43
CA LEU A 30 1.02 9.61 -8.97
C LEU A 30 1.38 8.48 -9.92
N ASN A 31 2.53 8.61 -10.59
CA ASN A 31 2.98 7.58 -11.53
C ASN A 31 4.38 7.10 -11.17
N LEU A 32 4.44 6.05 -10.36
CA LEU A 32 5.72 5.49 -9.94
C LEU A 32 6.29 4.55 -11.01
N ASN A 33 5.40 3.84 -11.70
CA ASN A 33 5.81 2.91 -12.74
C ASN A 33 6.60 1.74 -12.17
N ILE A 34 5.91 0.90 -11.40
CA ILE A 34 6.55 -0.26 -10.79
C ILE A 34 5.80 -1.55 -11.13
N SER A 35 6.55 -2.63 -11.31
CA SER A 35 5.96 -3.92 -11.66
C SER A 35 5.31 -4.55 -10.44
N LEU A 36 4.12 -5.13 -10.63
CA LEU A 36 3.40 -5.78 -9.55
C LEU A 36 3.27 -7.28 -9.80
N PRO A 37 4.14 -8.06 -9.14
CA PRO A 37 4.15 -9.52 -9.27
C PRO A 37 2.94 -10.16 -8.61
N THR A 38 2.45 -11.24 -9.22
CA THR A 38 1.29 -11.96 -8.69
C THR A 38 1.46 -12.26 -7.21
N ASP A 39 2.71 -12.47 -6.80
CA ASP A 39 3.00 -12.78 -5.41
C ASP A 39 2.30 -11.80 -4.46
N LEU A 40 2.25 -10.53 -4.86
CA LEU A 40 1.60 -9.51 -4.06
C LEU A 40 0.19 -9.92 -3.68
N THR A 41 -0.52 -10.51 -4.63
CA THR A 41 -1.89 -10.96 -4.39
C THR A 41 -1.97 -12.48 -4.31
N SER A 42 -0.87 -13.10 -3.88
CA SER A 42 -0.81 -14.55 -3.76
C SER A 42 -1.91 -15.07 -2.85
N THR A 43 -1.94 -16.38 -2.63
CA THR A 43 -2.94 -16.99 -1.78
C THR A 43 -2.31 -17.57 -0.51
N ASP A 44 -1.27 -16.92 -0.03
CA ASP A 44 -0.58 -17.36 1.18
C ASP A 44 0.03 -16.17 1.93
N PRO A 45 0.17 -16.31 3.25
CA PRO A 45 0.73 -15.27 4.10
C PRO A 45 2.22 -15.06 3.87
N ALA A 46 2.98 -16.16 3.87
CA ALA A 46 4.41 -16.10 3.65
C ALA A 46 4.74 -15.40 2.33
N LYS A 47 4.17 -15.91 1.24
CA LYS A 47 4.40 -15.34 -0.08
C LYS A 47 3.92 -13.89 -0.13
N GLN A 48 2.77 -13.63 0.49
CA GLN A 48 2.21 -12.28 0.50
C GLN A 48 3.21 -11.28 1.06
N GLN A 49 3.75 -11.57 2.23
CA GLN A 49 4.73 -10.70 2.87
C GLN A 49 5.99 -10.58 2.02
N ALA A 50 6.42 -11.70 1.45
CA ALA A 50 7.61 -11.72 0.61
C ALA A 50 7.53 -10.67 -0.48
N ALA A 51 6.42 -10.67 -1.21
CA ALA A 51 6.21 -9.72 -2.30
C ALA A 51 6.09 -8.29 -1.77
N LEU A 52 5.33 -8.14 -0.68
CA LEU A 52 5.14 -6.83 -0.07
C LEU A 52 6.46 -6.12 0.16
N PHE A 53 7.39 -6.81 0.80
CA PHE A 53 8.71 -6.25 1.09
C PHE A 53 9.36 -5.73 -0.19
N GLN A 54 9.22 -6.48 -1.28
CA GLN A 54 9.79 -6.09 -2.56
C GLN A 54 9.18 -4.78 -3.05
N VAL A 55 7.86 -4.70 -3.02
CA VAL A 55 7.15 -3.50 -3.45
C VAL A 55 7.63 -2.27 -2.69
N ILE A 56 7.52 -2.32 -1.37
CA ILE A 56 7.95 -1.21 -0.53
C ILE A 56 9.39 -0.81 -0.83
N ALA A 57 10.27 -1.81 -0.89
CA ALA A 57 11.69 -1.57 -1.17
C ALA A 57 11.86 -0.78 -2.46
N ALA A 58 11.05 -1.10 -3.46
CA ALA A 58 11.11 -0.42 -4.74
C ALA A 58 10.74 1.05 -4.61
N LEU A 59 9.75 1.34 -3.77
CA LEU A 59 9.31 2.71 -3.55
C LEU A 59 10.41 3.54 -2.90
N GLN A 60 11.04 2.99 -1.87
CA GLN A 60 12.11 3.68 -1.18
C GLN A 60 13.28 3.98 -2.12
N LYS A 61 13.72 2.96 -2.85
CA LYS A 61 14.82 3.10 -3.79
C LYS A 61 14.50 4.16 -4.84
N HIS A 62 13.31 4.07 -5.42
CA HIS A 62 12.87 5.02 -6.44
C HIS A 62 12.75 6.42 -5.86
N PHE A 63 12.50 6.49 -4.56
CA PHE A 63 12.35 7.77 -3.88
C PHE A 63 13.70 8.48 -3.74
N LYS A 64 14.61 7.86 -3.00
CA LYS A 64 15.94 8.42 -2.79
C LYS A 64 16.84 8.15 -3.99
N THR A 65 17.06 6.87 -4.27
CA THR A 65 17.91 6.47 -5.39
C THR A 65 18.01 4.95 -5.50
N ASN A 66 18.01 4.45 -6.72
CA ASN A 66 18.10 3.01 -6.96
C ASN A 66 19.28 2.41 -6.20
N MET A 67 20.41 3.13 -6.21
CA MET A 67 21.60 2.66 -5.51
C MET A 67 21.38 2.62 -4.01
N GLU A 68 20.55 3.52 -3.51
CA GLU A 68 20.25 3.58 -2.08
C GLU A 68 19.83 2.21 -1.56
N ASN A 69 19.85 2.06 -0.24
CA ASN A 69 19.47 0.79 0.39
C ASN A 69 17.98 0.79 0.76
N VAL A 70 17.53 -0.33 1.30
CA VAL A 70 16.12 -0.47 1.70
C VAL A 70 15.99 -0.48 3.22
N ASN A 71 15.54 0.65 3.78
CA ASN A 71 15.36 0.76 5.22
C ASN A 71 14.49 -0.37 5.76
N TYR A 72 15.15 -1.37 6.35
CA TYR A 72 14.44 -2.51 6.91
C TYR A 72 13.67 -2.13 8.18
N ASP A 73 14.33 -1.35 9.04
CA ASP A 73 13.71 -0.90 10.28
C ASP A 73 12.36 -0.25 10.01
N LEU A 74 12.26 0.44 8.88
CA LEU A 74 11.02 1.12 8.51
C LEU A 74 10.05 0.15 7.83
N LEU A 75 10.61 -0.79 7.08
CA LEU A 75 9.78 -1.78 6.38
C LEU A 75 8.82 -2.47 7.34
N GLN A 76 9.25 -2.65 8.58
CA GLN A 76 8.43 -3.29 9.60
C GLN A 76 7.11 -2.55 9.78
N LYS A 77 7.18 -1.22 9.87
CA LYS A 77 6.00 -0.40 10.04
C LYS A 77 5.20 -0.33 8.74
N GLN A 78 5.86 0.04 7.66
CA GLN A 78 5.21 0.14 6.35
C GLN A 78 4.48 -1.15 6.01
N VAL A 79 5.15 -2.27 6.22
CA VAL A 79 4.56 -3.58 5.92
C VAL A 79 3.50 -3.94 6.95
N LYS A 80 3.72 -3.54 8.20
CA LYS A 80 2.78 -3.82 9.28
C LYS A 80 1.38 -3.31 8.92
N TYR A 81 1.30 -2.04 8.54
CA TYR A 81 0.02 -1.43 8.18
C TYR A 81 -0.69 -2.27 7.11
N ILE A 82 -0.02 -2.47 5.99
CA ILE A 82 -0.59 -3.25 4.89
C ILE A 82 -0.97 -4.65 5.36
N MET A 83 -0.13 -5.24 6.21
CA MET A 83 -0.38 -6.57 6.73
C MET A 83 -1.68 -6.63 7.51
N ASP A 84 -1.81 -5.74 8.49
CA ASP A 84 -3.01 -5.68 9.31
C ASP A 84 -4.25 -5.45 8.46
N SER A 85 -4.11 -4.60 7.45
CA SER A 85 -5.22 -4.30 6.55
C SER A 85 -5.65 -5.53 5.76
N ASN A 86 -4.67 -6.40 5.48
CA ASN A 86 -4.94 -7.62 4.72
C ASN A 86 -5.38 -7.29 3.30
N MET A 87 -4.94 -6.15 2.80
CA MET A 87 -5.29 -5.72 1.44
C MET A 87 -4.98 -6.82 0.44
N LEU A 88 -3.83 -7.46 0.59
CA LEU A 88 -3.42 -8.52 -0.30
C LEU A 88 -4.51 -9.58 -0.43
N ASN A 89 -5.23 -9.81 0.65
CA ASN A 89 -6.31 -10.80 0.65
C ASN A 89 -7.65 -10.13 0.32
N LEU A 90 -7.77 -8.85 0.66
CA LEU A 90 -8.99 -8.10 0.39
C LEU A 90 -9.46 -8.30 -1.04
N PRO A 91 -10.77 -8.51 -1.21
CA PRO A 91 -11.37 -8.72 -2.54
C PRO A 91 -11.35 -7.45 -3.39
N GLN A 92 -11.38 -6.30 -2.73
CA GLN A 92 -11.36 -5.02 -3.43
C GLN A 92 -10.02 -4.80 -4.13
N PHE A 93 -8.96 -5.39 -3.58
CA PHE A 93 -7.63 -5.26 -4.15
C PHE A 93 -7.44 -6.24 -5.31
N GLN A 94 -8.00 -7.43 -5.17
CA GLN A 94 -7.89 -8.46 -6.20
C GLN A 94 -8.82 -8.16 -7.37
N HIS A 95 -9.86 -7.37 -7.11
CA HIS A 95 -10.83 -7.01 -8.14
C HIS A 95 -10.42 -5.70 -8.82
N LEU A 96 -9.12 -5.45 -8.89
CA LEU A 96 -8.60 -4.24 -9.52
C LEU A 96 -7.44 -4.56 -10.46
N PRO A 97 -7.23 -3.69 -11.46
CA PRO A 97 -6.15 -3.85 -12.43
C PRO A 97 -4.77 -3.63 -11.82
N GLN A 98 -3.75 -4.22 -12.44
CA GLN A 98 -2.39 -4.08 -11.95
C GLN A 98 -2.04 -2.62 -11.70
N GLU A 99 -2.58 -1.73 -12.53
CA GLU A 99 -2.32 -0.31 -12.39
C GLU A 99 -2.93 0.23 -11.10
N GLU A 100 -4.24 0.06 -10.95
CA GLU A 100 -4.94 0.53 -9.77
C GLU A 100 -4.35 -0.09 -8.50
N LYS A 101 -3.88 -1.33 -8.61
CA LYS A 101 -3.28 -2.03 -7.49
C LYS A 101 -2.22 -1.18 -6.82
N MET A 102 -1.21 -0.80 -7.60
CA MET A 102 -0.11 0.02 -7.09
C MET A 102 -0.65 1.27 -6.39
N SER A 103 -1.50 2.01 -7.08
CA SER A 103 -2.08 3.23 -6.53
C SER A 103 -2.79 2.94 -5.21
N ALA A 104 -3.49 1.81 -5.15
CA ALA A 104 -4.22 1.42 -3.95
C ALA A 104 -3.26 1.15 -2.80
N ILE A 105 -2.19 0.42 -3.08
CA ILE A 105 -1.19 0.08 -2.07
C ILE A 105 -0.59 1.34 -1.47
N LEU A 106 -0.07 2.22 -2.33
CA LEU A 106 0.54 3.46 -1.87
C LEU A 106 -0.49 4.35 -1.18
N ALA A 107 -1.63 4.53 -1.83
CA ALA A 107 -2.71 5.35 -1.27
C ALA A 107 -3.10 4.88 0.13
N MET A 108 -3.30 3.58 0.27
CA MET A 108 -3.67 3.00 1.55
C MET A 108 -2.62 3.29 2.61
N LEU A 109 -1.36 2.94 2.32
CA LEU A 109 -0.26 3.17 3.24
C LEU A 109 -0.01 4.66 3.43
N ASN A 110 -0.60 5.47 2.56
CA ASN A 110 -0.45 6.92 2.63
C ASN A 110 -1.09 7.48 3.89
N SER A 111 -1.85 6.63 4.59
CA SER A 111 -2.52 7.05 5.82
C SER A 111 -1.59 7.88 6.70
N ASN A 112 -0.30 7.53 6.67
CA ASN A 112 0.69 8.24 7.48
C ASN A 112 1.91 8.60 6.63
N SER A 113 2.23 9.90 6.58
CA SER A 113 3.37 10.37 5.81
C SER A 113 4.65 9.61 6.19
N ASP A 114 4.67 9.10 7.42
CA ASP A 114 5.83 8.37 7.91
C ASP A 114 5.76 6.90 7.48
N THR A 115 4.54 6.39 7.30
CA THR A 115 4.34 5.01 6.90
C THR A 115 4.45 4.86 5.38
N ALA A 116 3.96 5.86 4.66
CA ALA A 116 4.00 5.84 3.20
C ALA A 116 5.42 5.54 2.71
N LEU A 117 6.29 6.55 2.80
CA LEU A 117 7.68 6.39 2.36
C LEU A 117 8.63 7.08 3.33
N SER A 118 8.33 8.33 3.66
CA SER A 118 9.17 9.09 4.59
C SER A 118 9.47 8.28 5.85
N VAL A 119 10.45 8.74 6.62
CA VAL A 119 10.84 8.05 7.85
C VAL A 119 10.10 8.65 9.05
N PRO A 120 9.90 7.81 10.08
CA PRO A 120 9.23 8.22 11.31
C PRO A 120 10.06 9.20 12.14
N PRO A 121 9.42 9.84 13.14
CA PRO A 121 10.08 10.81 14.02
C PRO A 121 11.09 10.13 14.96
N HIS A 122 12.27 10.74 15.08
CA HIS A 122 13.30 10.20 15.95
C HIS A 122 13.58 8.74 15.63
N ASP A 123 13.51 8.40 14.34
CA ASP A 123 13.75 7.02 13.90
C ASP A 123 15.10 6.53 14.40
N SER A 124 15.24 5.22 14.53
CA SER A 124 16.48 4.60 15.00
C SER A 124 17.26 4.01 13.83
N THR A 125 18.33 4.69 13.44
CA THR A 125 19.16 4.23 12.34
C THR A 125 20.19 3.21 12.81
N THR A 1 -20.49 18.40 -7.17
CA THR A 1 -21.78 18.97 -6.83
C THR A 1 -22.88 17.91 -6.85
N ALA A 2 -22.78 17.00 -7.83
CA ALA A 2 -23.76 15.93 -7.97
C ALA A 2 -23.59 14.88 -6.87
N ASN A 3 -22.36 14.39 -6.71
CA ASN A 3 -22.07 13.39 -5.69
C ASN A 3 -20.86 13.81 -4.85
N THR A 4 -21.07 13.90 -3.55
CA THR A 4 -20.00 14.29 -2.62
C THR A 4 -20.18 13.63 -1.26
N ALA A 5 -19.11 13.01 -0.77
CA ALA A 5 -19.15 12.34 0.52
C ALA A 5 -18.76 13.31 1.65
N SER A 6 -19.35 13.11 2.81
CA SER A 6 -19.07 13.96 3.97
C SER A 6 -17.98 13.34 4.85
N GLN A 7 -18.30 12.21 5.47
CA GLN A 7 -17.36 11.51 6.33
C GLN A 7 -17.50 10.01 6.20
N GLN A 8 -16.45 9.36 5.73
CA GLN A 8 -16.46 7.91 5.55
C GLN A 8 -16.94 7.21 6.81
N LEU A 9 -17.36 5.95 6.67
CA LEU A 9 -17.85 5.18 7.81
C LEU A 9 -17.07 3.87 7.94
N SER A 10 -16.07 3.87 8.82
CA SER A 10 -15.25 2.69 9.05
C SER A 10 -14.60 2.74 10.42
N LEU A 11 -14.09 1.60 10.87
CA LEU A 11 -13.44 1.50 12.17
C LEU A 11 -12.09 0.80 12.06
N ASP A 12 -12.04 -0.25 11.25
CA ASP A 12 -10.81 -1.00 11.05
C ASP A 12 -10.17 -0.66 9.70
N PRO A 13 -8.87 -0.97 9.57
CA PRO A 13 -8.12 -0.70 8.35
C PRO A 13 -8.55 -1.60 7.19
N LYS A 14 -8.79 -2.87 7.50
CA LYS A 14 -9.21 -3.84 6.48
C LYS A 14 -10.58 -3.47 5.92
N GLN A 15 -11.42 -2.89 6.76
CA GLN A 15 -12.76 -2.48 6.34
C GLN A 15 -12.72 -1.20 5.53
N ARG A 16 -12.12 -0.16 6.11
CA ARG A 16 -12.02 1.13 5.44
C ARG A 16 -11.31 0.98 4.10
N SER A 17 -10.32 0.09 4.04
CA SER A 17 -9.57 -0.14 2.81
C SER A 17 -10.50 -0.40 1.64
N LYS A 18 -11.66 -0.98 1.93
CA LYS A 18 -12.65 -1.29 0.89
C LYS A 18 -13.19 0.00 0.28
N GLN A 19 -13.43 1.00 1.11
CA GLN A 19 -13.95 2.28 0.65
C GLN A 19 -12.87 3.09 -0.04
N ILE A 20 -11.67 3.07 0.53
CA ILE A 20 -10.54 3.80 -0.03
C ILE A 20 -10.10 3.22 -1.37
N LEU A 21 -10.28 1.90 -1.51
CA LEU A 21 -9.90 1.22 -2.75
C LEU A 21 -10.82 1.64 -3.90
N SER A 22 -12.08 1.92 -3.58
CA SER A 22 -13.04 2.33 -4.58
C SER A 22 -12.94 3.82 -4.87
N ASN A 23 -12.46 4.57 -3.88
CA ASN A 23 -12.30 6.02 -4.02
C ASN A 23 -10.83 6.39 -4.18
N LEU A 24 -10.08 5.53 -4.86
CA LEU A 24 -8.66 5.77 -5.09
C LEU A 24 -8.45 6.90 -6.10
N LYS A 25 -9.23 6.88 -7.17
CA LYS A 25 -9.13 7.90 -8.20
C LYS A 25 -9.21 9.30 -7.59
N LYS A 26 -9.92 9.41 -6.47
CA LYS A 26 -10.07 10.69 -5.79
C LYS A 26 -8.71 11.38 -5.62
N SER A 27 -7.68 10.58 -5.40
CA SER A 27 -6.33 11.11 -5.22
C SER A 27 -5.57 11.11 -6.55
N PRO A 28 -4.52 11.96 -6.61
CA PRO A 28 -3.69 12.08 -7.82
C PRO A 28 -2.84 10.84 -8.06
N PRO A 29 -2.25 10.76 -9.27
CA PRO A 29 -1.39 9.62 -9.65
C PRO A 29 -0.08 9.61 -8.89
N LEU A 30 0.73 8.58 -9.14
CA LEU A 30 2.01 8.44 -8.48
C LEU A 30 3.13 8.24 -9.50
N ASN A 31 2.87 7.40 -10.50
CA ASN A 31 3.85 7.11 -11.53
C ASN A 31 5.09 6.44 -10.95
N LEU A 32 4.88 5.54 -10.00
CA LEU A 32 5.97 4.82 -9.35
C LEU A 32 6.67 3.91 -10.36
N ASN A 33 5.91 3.37 -11.30
CA ASN A 33 6.46 2.48 -12.31
C ASN A 33 7.07 1.23 -11.66
N ILE A 34 6.41 0.73 -10.63
CA ILE A 34 6.88 -0.45 -9.92
C ILE A 34 6.17 -1.71 -10.43
N SER A 35 6.93 -2.80 -10.56
CA SER A 35 6.38 -4.06 -11.03
C SER A 35 5.78 -4.85 -9.88
N LEU A 36 4.68 -5.55 -10.16
CA LEU A 36 4.01 -6.35 -9.14
C LEU A 36 4.05 -7.83 -9.49
N PRO A 37 4.99 -8.56 -8.87
CA PRO A 37 5.17 -10.00 -9.11
C PRO A 37 4.01 -10.82 -8.54
N THR A 38 3.66 -11.90 -9.23
CA THR A 38 2.58 -12.77 -8.79
C THR A 38 2.74 -13.15 -7.32
N ASP A 39 3.98 -13.24 -6.87
CA ASP A 39 4.28 -13.60 -5.48
C ASP A 39 3.44 -12.76 -4.53
N LEU A 40 3.35 -11.47 -4.80
CA LEU A 40 2.58 -10.55 -3.96
C LEU A 40 1.15 -11.03 -3.82
N THR A 41 0.60 -11.57 -4.91
CA THR A 41 -0.78 -12.07 -4.90
C THR A 41 -0.81 -13.59 -4.87
N SER A 42 0.23 -14.19 -4.30
CA SER A 42 0.32 -15.65 -4.23
C SER A 42 -0.85 -16.22 -3.42
N THR A 43 -0.87 -17.54 -3.28
CA THR A 43 -1.93 -18.22 -2.54
C THR A 43 -1.40 -18.80 -1.24
N ASP A 44 -0.33 -18.21 -0.72
CA ASP A 44 0.26 -18.68 0.53
C ASP A 44 0.93 -17.52 1.27
N PRO A 45 1.11 -17.70 2.59
CA PRO A 45 1.74 -16.69 3.45
C PRO A 45 3.23 -16.53 3.16
N ALA A 46 3.87 -17.62 2.78
CA ALA A 46 5.30 -17.60 2.48
C ALA A 46 5.59 -16.69 1.30
N LYS A 47 4.93 -16.95 0.18
CA LYS A 47 5.12 -16.15 -1.04
C LYS A 47 4.57 -14.74 -0.84
N GLN A 48 3.46 -14.64 -0.14
CA GLN A 48 2.82 -13.34 0.11
C GLN A 48 3.79 -12.40 0.82
N GLN A 49 4.35 -12.86 1.94
CA GLN A 49 5.30 -12.06 2.71
C GLN A 49 6.58 -11.84 1.94
N ALA A 50 7.10 -12.90 1.32
CA ALA A 50 8.32 -12.83 0.55
C ALA A 50 8.27 -11.68 -0.46
N ALA A 51 7.16 -11.59 -1.19
CA ALA A 51 6.98 -10.54 -2.19
C ALA A 51 6.76 -9.18 -1.52
N LEU A 52 5.99 -9.17 -0.45
CA LEU A 52 5.71 -7.94 0.28
C LEU A 52 6.99 -7.19 0.62
N PHE A 53 7.93 -7.89 1.26
CA PHE A 53 9.20 -7.30 1.63
C PHE A 53 9.87 -6.64 0.42
N GLN A 54 9.75 -7.30 -0.73
CA GLN A 54 10.35 -6.79 -1.96
C GLN A 54 9.72 -5.45 -2.36
N VAL A 55 8.41 -5.44 -2.52
CA VAL A 55 7.68 -4.24 -2.89
C VAL A 55 7.94 -3.11 -1.90
N ILE A 56 7.69 -3.37 -0.63
CA ILE A 56 7.91 -2.38 0.41
C ILE A 56 9.31 -1.80 0.34
N ALA A 57 10.31 -2.68 0.34
CA ALA A 57 11.70 -2.26 0.28
C ALA A 57 11.93 -1.30 -0.89
N ALA A 58 11.34 -1.63 -2.04
CA ALA A 58 11.47 -0.80 -3.23
C ALA A 58 10.98 0.62 -2.96
N LEU A 59 9.91 0.74 -2.19
CA LEU A 59 9.33 2.04 -1.87
C LEU A 59 10.25 2.82 -0.92
N GLN A 60 10.66 2.16 0.16
CA GLN A 60 11.53 2.80 1.14
C GLN A 60 12.74 3.43 0.47
N LYS A 61 13.38 2.68 -0.43
CA LYS A 61 14.55 3.16 -1.15
C LYS A 61 14.16 4.27 -2.12
N HIS A 62 13.15 4.01 -2.94
CA HIS A 62 12.69 5.00 -3.91
C HIS A 62 12.41 6.34 -3.24
N PHE A 63 12.12 6.29 -1.94
CA PHE A 63 11.84 7.51 -1.19
C PHE A 63 13.11 8.07 -0.56
N LYS A 64 13.70 7.30 0.34
CA LYS A 64 14.92 7.72 1.03
C LYS A 64 16.11 7.73 0.06
N THR A 65 16.43 6.56 -0.47
CA THR A 65 17.53 6.42 -1.41
C THR A 65 17.44 5.12 -2.20
N ASN A 66 17.22 5.25 -3.51
CA ASN A 66 17.11 4.08 -4.38
C ASN A 66 18.40 3.25 -4.35
N MET A 67 19.52 3.93 -4.18
CA MET A 67 20.82 3.27 -4.15
C MET A 67 20.86 2.23 -3.02
N GLU A 68 20.19 2.54 -1.93
CA GLU A 68 20.15 1.63 -0.77
C GLU A 68 19.35 2.24 0.38
N ASN A 69 18.42 1.47 0.92
CA ASN A 69 17.59 1.94 2.03
C ASN A 69 16.59 0.87 2.44
N VAL A 70 16.95 0.09 3.46
CA VAL A 70 16.09 -0.98 3.96
C VAL A 70 15.97 -0.92 5.48
N ASN A 71 14.89 -0.29 5.96
CA ASN A 71 14.67 -0.16 7.39
C ASN A 71 13.68 -1.24 7.88
N TYR A 72 14.22 -2.40 8.21
CA TYR A 72 13.40 -3.51 8.69
C TYR A 72 12.51 -3.07 9.84
N ASP A 73 13.02 -2.17 10.67
CA ASP A 73 12.28 -1.65 11.81
C ASP A 73 10.91 -1.13 11.38
N LEU A 74 10.92 -0.16 10.47
CA LEU A 74 9.69 0.44 9.96
C LEU A 74 8.95 -0.53 9.03
N LEU A 75 9.73 -1.30 8.27
CA LEU A 75 9.16 -2.26 7.34
C LEU A 75 8.23 -3.23 8.06
N GLN A 76 8.60 -3.62 9.26
CA GLN A 76 7.80 -4.54 10.06
C GLN A 76 6.37 -4.04 10.19
N LYS A 77 6.21 -2.75 10.45
CA LYS A 77 4.90 -2.15 10.59
C LYS A 77 4.20 -2.01 9.24
N GLN A 78 4.94 -1.51 8.26
CA GLN A 78 4.41 -1.34 6.91
C GLN A 78 3.86 -2.65 6.37
N VAL A 79 4.60 -3.73 6.58
CA VAL A 79 4.19 -5.04 6.11
C VAL A 79 3.04 -5.60 6.95
N LYS A 80 3.17 -5.48 8.27
CA LYS A 80 2.14 -5.95 9.18
C LYS A 80 0.77 -5.40 8.80
N TYR A 81 0.72 -4.11 8.51
CA TYR A 81 -0.53 -3.45 8.13
C TYR A 81 -1.20 -4.19 6.98
N ILE A 82 -0.45 -4.44 5.92
CA ILE A 82 -0.97 -5.14 4.75
C ILE A 82 -1.44 -6.55 5.12
N MET A 83 -0.65 -7.23 5.96
CA MET A 83 -0.98 -8.57 6.39
C MET A 83 -2.33 -8.61 7.09
N ASP A 84 -2.45 -7.81 8.16
CA ASP A 84 -3.70 -7.75 8.92
C ASP A 84 -4.87 -7.37 8.02
N SER A 85 -4.63 -6.42 7.12
CA SER A 85 -5.67 -5.96 6.21
C SER A 85 -6.05 -7.06 5.22
N ASN A 86 -5.06 -7.87 4.83
CA ASN A 86 -5.29 -8.96 3.90
C ASN A 86 -5.70 -8.42 2.52
N MET A 87 -5.26 -7.21 2.21
CA MET A 87 -5.56 -6.58 0.93
C MET A 87 -5.03 -7.41 -0.23
N LEU A 88 -3.91 -8.09 0.00
CA LEU A 88 -3.30 -8.92 -1.02
C LEU A 88 -4.22 -10.07 -1.42
N ASN A 89 -4.96 -10.59 -0.44
CA ASN A 89 -5.88 -11.69 -0.68
C ASN A 89 -7.25 -11.17 -1.11
N LEU A 90 -7.61 -9.98 -0.63
CA LEU A 90 -8.89 -9.36 -0.96
C LEU A 90 -9.13 -9.40 -2.46
N PRO A 91 -10.41 -9.46 -2.85
CA PRO A 91 -10.82 -9.50 -4.26
C PRO A 91 -10.55 -8.18 -4.97
N GLN A 92 -10.77 -7.07 -4.27
CA GLN A 92 -10.56 -5.74 -4.84
C GLN A 92 -9.15 -5.61 -5.41
N PHE A 93 -8.19 -6.23 -4.74
CA PHE A 93 -6.80 -6.20 -5.19
C PHE A 93 -6.59 -7.09 -6.40
N GLN A 94 -7.29 -8.22 -6.42
CA GLN A 94 -7.18 -9.17 -7.52
C GLN A 94 -7.73 -8.58 -8.81
N HIS A 95 -8.80 -7.79 -8.68
CA HIS A 95 -9.43 -7.17 -9.83
C HIS A 95 -8.63 -5.96 -10.31
N LEU A 96 -8.00 -5.26 -9.36
CA LEU A 96 -7.20 -4.09 -9.68
C LEU A 96 -5.93 -4.49 -10.42
N PRO A 97 -5.57 -3.72 -11.45
CA PRO A 97 -4.37 -3.97 -12.26
C PRO A 97 -3.08 -3.69 -11.49
N GLN A 98 -1.98 -4.25 -11.96
CA GLN A 98 -0.68 -4.06 -11.31
C GLN A 98 -0.36 -2.58 -11.17
N GLU A 99 -0.80 -1.79 -12.13
CA GLU A 99 -0.56 -0.35 -12.11
C GLU A 99 -1.31 0.31 -10.96
N GLU A 100 -2.64 0.20 -10.98
CA GLU A 100 -3.47 0.78 -9.93
C GLU A 100 -3.14 0.18 -8.58
N LYS A 101 -2.79 -1.09 -8.56
CA LYS A 101 -2.45 -1.79 -7.33
C LYS A 101 -1.43 -0.99 -6.53
N MET A 102 -0.37 -0.55 -7.20
CA MET A 102 0.68 0.22 -6.54
C MET A 102 0.09 1.44 -5.82
N SER A 103 -0.77 2.16 -6.51
CA SER A 103 -1.41 3.35 -5.94
C SER A 103 -2.22 2.98 -4.70
N ALA A 104 -3.04 1.94 -4.82
CA ALA A 104 -3.86 1.49 -3.72
C ALA A 104 -3.02 1.12 -2.50
N ILE A 105 -2.00 0.30 -2.73
CA ILE A 105 -1.11 -0.12 -1.66
C ILE A 105 -0.48 1.07 -0.95
N LEU A 106 0.03 2.02 -1.74
CA LEU A 106 0.65 3.21 -1.18
C LEU A 106 -0.33 3.97 -0.30
N ALA A 107 -1.52 4.23 -0.82
CA ALA A 107 -2.55 4.95 -0.08
C ALA A 107 -2.80 4.29 1.28
N MET A 108 -3.05 2.99 1.26
CA MET A 108 -3.31 2.24 2.49
C MET A 108 -2.12 2.34 3.44
N LEU A 109 -0.92 2.34 2.89
CA LEU A 109 0.30 2.43 3.69
C LEU A 109 0.37 3.76 4.43
N ASN A 110 -0.32 4.77 3.90
CA ASN A 110 -0.34 6.09 4.51
C ASN A 110 -1.49 6.21 5.50
N SER A 111 -1.92 5.07 6.03
CA SER A 111 -3.03 5.06 7.00
C SER A 111 -2.48 4.96 8.43
N ASN A 112 -1.37 4.25 8.59
CA ASN A 112 -0.76 4.08 9.91
C ASN A 112 0.41 5.04 10.08
N SER A 113 0.62 5.49 11.32
CA SER A 113 1.70 6.42 11.62
C SER A 113 3.06 5.74 11.45
N ASP A 114 3.23 4.61 12.12
CA ASP A 114 4.47 3.86 12.04
C ASP A 114 4.83 3.54 10.59
N THR A 115 3.81 3.25 9.79
CA THR A 115 4.02 2.92 8.37
C THR A 115 3.86 4.16 7.50
N ALA A 116 4.20 5.32 8.06
CA ALA A 116 4.10 6.58 7.32
C ALA A 116 5.37 6.84 6.53
N LEU A 117 6.15 5.80 6.29
CA LEU A 117 7.40 5.93 5.54
C LEU A 117 7.14 6.45 4.13
N SER A 118 5.92 6.27 3.66
CA SER A 118 5.54 6.72 2.32
C SER A 118 5.95 8.17 2.10
N VAL A 119 6.03 8.93 3.20
CA VAL A 119 6.42 10.33 3.12
C VAL A 119 7.74 10.50 2.38
N PRO A 120 7.66 11.08 1.17
CA PRO A 120 8.84 11.31 0.33
C PRO A 120 9.74 12.40 0.89
N PRO A 121 10.96 12.50 0.34
CA PRO A 121 11.95 13.49 0.78
C PRO A 121 11.56 14.91 0.38
N HIS A 122 10.99 15.05 -0.80
CA HIS A 122 10.56 16.36 -1.29
C HIS A 122 9.67 17.06 -0.28
N ASP A 123 8.56 16.41 0.08
CA ASP A 123 7.62 16.97 1.05
C ASP A 123 8.17 16.83 2.47
N SER A 124 8.45 17.97 3.10
CA SER A 124 8.98 17.98 4.46
C SER A 124 8.04 17.21 5.40
N THR A 125 6.75 17.47 5.28
CA THR A 125 5.76 16.81 6.13
C THR A 125 4.47 16.53 5.35
N THR A 1 -28.83 9.95 -4.20
CA THR A 1 -27.75 9.30 -4.94
C THR A 1 -26.53 10.22 -5.06
N ALA A 2 -26.27 10.99 -4.01
CA ALA A 2 -25.14 11.90 -4.00
C ALA A 2 -23.82 11.14 -3.81
N ASN A 3 -23.84 10.16 -2.91
CA ASN A 3 -22.65 9.35 -2.64
C ASN A 3 -21.50 10.23 -2.18
N THR A 4 -21.79 11.16 -1.26
CA THR A 4 -20.78 12.06 -0.73
C THR A 4 -19.65 11.29 -0.06
N ALA A 5 -20.01 10.32 0.78
CA ALA A 5 -19.02 9.51 1.47
C ALA A 5 -18.09 10.39 2.32
N SER A 6 -18.65 11.43 2.92
CA SER A 6 -17.88 12.34 3.75
C SER A 6 -17.62 11.74 5.13
N GLN A 7 -18.70 11.34 5.80
CA GLN A 7 -18.60 10.75 7.13
C GLN A 7 -18.09 9.32 7.05
N GLN A 8 -17.05 9.02 7.81
CA GLN A 8 -16.47 7.68 7.84
C GLN A 8 -17.54 6.62 8.10
N LEU A 9 -17.65 5.66 7.19
CA LEU A 9 -18.63 4.59 7.32
C LEU A 9 -18.07 3.45 8.18
N SER A 10 -16.82 3.09 7.92
CA SER A 10 -16.17 2.02 8.66
C SER A 10 -15.19 2.57 9.69
N LEU A 11 -14.59 1.68 10.47
CA LEU A 11 -13.63 2.07 11.49
C LEU A 11 -12.37 1.23 11.42
N ASP A 12 -12.55 -0.07 11.20
CA ASP A 12 -11.42 -1.00 11.11
C ASP A 12 -10.65 -0.78 9.81
N PRO A 13 -9.40 -1.26 9.79
CA PRO A 13 -8.53 -1.13 8.62
C PRO A 13 -9.00 -1.99 7.45
N LYS A 14 -9.39 -3.22 7.75
CA LYS A 14 -9.85 -4.15 6.72
C LYS A 14 -11.14 -3.64 6.08
N GLN A 15 -11.97 -2.96 6.87
CA GLN A 15 -13.23 -2.42 6.38
C GLN A 15 -12.99 -1.18 5.51
N ARG A 16 -12.30 -0.20 6.09
CA ARG A 16 -12.00 1.04 5.38
C ARG A 16 -11.29 0.76 4.07
N SER A 17 -10.38 -0.22 4.09
CA SER A 17 -9.62 -0.59 2.91
C SER A 17 -10.55 -0.90 1.74
N LYS A 18 -11.74 -1.41 2.05
CA LYS A 18 -12.72 -1.75 1.03
C LYS A 18 -13.29 -0.49 0.39
N GLN A 19 -13.55 0.53 1.21
CA GLN A 19 -14.09 1.78 0.71
C GLN A 19 -13.03 2.59 -0.03
N ILE A 20 -11.86 2.71 0.58
CA ILE A 20 -10.76 3.46 -0.02
C ILE A 20 -10.45 2.94 -1.41
N LEU A 21 -10.66 1.64 -1.62
CA LEU A 21 -10.40 1.02 -2.91
C LEU A 21 -11.41 1.50 -3.96
N SER A 22 -12.66 1.67 -3.54
CA SER A 22 -13.71 2.12 -4.44
C SER A 22 -13.38 3.49 -5.02
N ASN A 23 -12.72 4.31 -4.21
CA ASN A 23 -12.34 5.66 -4.65
C ASN A 23 -10.83 5.80 -4.71
N LEU A 24 -10.16 4.72 -5.08
CA LEU A 24 -8.70 4.73 -5.20
C LEU A 24 -8.25 5.40 -6.50
N LYS A 25 -8.98 5.13 -7.57
CA LYS A 25 -8.67 5.71 -8.88
C LYS A 25 -8.73 7.24 -8.82
N LYS A 26 -9.64 7.76 -8.00
CA LYS A 26 -9.81 9.20 -7.86
C LYS A 26 -8.47 9.88 -7.62
N SER A 27 -7.62 9.23 -6.82
CA SER A 27 -6.30 9.77 -6.52
C SER A 27 -5.49 10.01 -7.79
N PRO A 28 -4.46 10.86 -7.69
CA PRO A 28 -3.59 11.19 -8.82
C PRO A 28 -2.71 10.02 -9.23
N PRO A 29 -2.08 10.13 -10.41
CA PRO A 29 -1.18 9.09 -10.94
C PRO A 29 0.10 8.97 -10.14
N LEU A 30 0.35 7.78 -9.61
CA LEU A 30 1.55 7.52 -8.83
C LEU A 30 2.77 7.36 -9.73
N ASN A 31 3.70 8.30 -9.65
CA ASN A 31 4.91 8.26 -10.46
C ASN A 31 5.62 6.92 -10.30
N LEU A 32 5.51 6.33 -9.12
CA LEU A 32 6.14 5.05 -8.83
C LEU A 32 5.80 4.02 -9.92
N ASN A 33 4.58 3.50 -9.86
CA ASN A 33 4.13 2.51 -10.84
C ASN A 33 5.02 1.27 -10.81
N ILE A 34 5.46 0.90 -9.61
CA ILE A 34 6.31 -0.28 -9.45
C ILE A 34 5.50 -1.57 -9.49
N SER A 35 5.90 -2.48 -10.37
CA SER A 35 5.21 -3.76 -10.51
C SER A 35 5.72 -4.77 -9.49
N LEU A 36 4.82 -5.63 -9.02
CA LEU A 36 5.18 -6.65 -8.04
C LEU A 36 4.99 -8.05 -8.62
N PRO A 37 5.69 -9.03 -8.04
CA PRO A 37 5.62 -10.43 -8.47
C PRO A 37 4.27 -11.07 -8.14
N THR A 38 3.94 -12.15 -8.85
CA THR A 38 2.69 -12.84 -8.63
C THR A 38 2.47 -13.14 -7.15
N ASP A 39 3.56 -13.46 -6.45
CA ASP A 39 3.49 -13.76 -5.02
C ASP A 39 2.76 -12.67 -4.28
N LEU A 40 3.04 -11.41 -4.63
CA LEU A 40 2.40 -10.27 -3.99
C LEU A 40 0.88 -10.40 -4.02
N THR A 41 0.36 -10.99 -5.09
CA THR A 41 -1.08 -11.18 -5.24
C THR A 41 -1.42 -12.65 -5.37
N SER A 42 -0.59 -13.50 -4.79
CA SER A 42 -0.81 -14.94 -4.84
C SER A 42 -2.08 -15.33 -4.09
N THR A 43 -2.25 -16.63 -3.86
CA THR A 43 -3.43 -17.13 -3.15
C THR A 43 -3.04 -17.69 -1.78
N ASP A 44 -1.97 -17.15 -1.20
CA ASP A 44 -1.50 -17.58 0.11
C ASP A 44 -0.82 -16.44 0.85
N PRO A 45 -0.83 -16.52 2.19
CA PRO A 45 -0.22 -15.51 3.05
C PRO A 45 1.30 -15.52 2.97
N ALA A 46 1.88 -16.73 2.95
CA ALA A 46 3.33 -16.87 2.86
C ALA A 46 3.90 -16.08 1.69
N LYS A 47 3.37 -16.34 0.49
CA LYS A 47 3.83 -15.65 -0.71
C LYS A 47 3.42 -14.18 -0.68
N GLN A 48 2.23 -13.91 -0.16
CA GLN A 48 1.72 -12.54 -0.08
C GLN A 48 2.68 -11.67 0.73
N GLN A 49 3.01 -12.12 1.94
CA GLN A 49 3.91 -11.36 2.81
C GLN A 49 5.32 -11.34 2.24
N ALA A 50 5.81 -12.49 1.83
CA ALA A 50 7.15 -12.60 1.26
C ALA A 50 7.37 -11.56 0.16
N ALA A 51 6.38 -11.44 -0.72
CA ALA A 51 6.46 -10.48 -1.82
C ALA A 51 6.33 -9.05 -1.31
N LEU A 52 5.41 -8.84 -0.37
CA LEU A 52 5.18 -7.52 0.20
C LEU A 52 6.49 -6.90 0.67
N PHE A 53 7.25 -7.65 1.46
CA PHE A 53 8.53 -7.17 1.97
C PHE A 53 9.38 -6.58 0.85
N GLN A 54 9.56 -7.36 -0.21
CA GLN A 54 10.35 -6.92 -1.35
C GLN A 54 9.79 -5.62 -1.94
N VAL A 55 8.48 -5.57 -2.13
CA VAL A 55 7.83 -4.40 -2.68
C VAL A 55 8.14 -3.15 -1.86
N ILE A 56 7.85 -3.22 -0.56
CA ILE A 56 8.11 -2.10 0.34
C ILE A 56 9.55 -1.63 0.24
N ALA A 57 10.48 -2.57 0.34
CA ALA A 57 11.90 -2.26 0.25
C ALA A 57 12.21 -1.43 -1.00
N ALA A 58 11.64 -1.85 -2.13
CA ALA A 58 11.85 -1.15 -3.39
C ALA A 58 11.37 0.30 -3.29
N LEU A 59 10.23 0.50 -2.64
CA LEU A 59 9.68 1.84 -2.49
C LEU A 59 10.62 2.74 -1.70
N GLN A 60 11.08 2.24 -0.56
CA GLN A 60 12.00 3.01 0.29
C GLN A 60 13.22 3.47 -0.51
N LYS A 61 13.94 2.50 -1.08
CA LYS A 61 15.12 2.80 -1.87
C LYS A 61 14.79 3.73 -3.03
N HIS A 62 13.57 3.61 -3.55
CA HIS A 62 13.13 4.45 -4.66
C HIS A 62 12.79 5.86 -4.18
N PHE A 63 12.43 5.97 -2.90
CA PHE A 63 12.09 7.25 -2.31
C PHE A 63 13.33 8.09 -2.04
N LYS A 64 14.33 7.46 -1.44
CA LYS A 64 15.58 8.15 -1.11
C LYS A 64 16.61 7.95 -2.22
N THR A 65 16.97 6.69 -2.47
CA THR A 65 17.95 6.37 -3.50
C THR A 65 18.33 4.90 -3.46
N ASN A 66 18.74 4.36 -4.61
CA ASN A 66 19.13 2.96 -4.70
C ASN A 66 20.17 2.61 -3.65
N MET A 67 21.05 3.58 -3.35
CA MET A 67 22.09 3.38 -2.35
C MET A 67 21.50 3.23 -0.96
N GLU A 68 20.38 3.93 -0.72
CA GLU A 68 19.72 3.88 0.57
C GLU A 68 19.49 2.44 1.02
N ASN A 69 19.08 2.27 2.27
CA ASN A 69 18.83 0.94 2.82
C ASN A 69 17.33 0.69 3.01
N VAL A 70 16.98 -0.49 3.48
CA VAL A 70 15.59 -0.84 3.72
C VAL A 70 15.28 -0.90 5.20
N ASN A 71 14.74 0.20 5.73
CA ASN A 71 14.39 0.28 7.15
C ASN A 71 13.48 -0.88 7.54
N TYR A 72 14.06 -1.90 8.16
CA TYR A 72 13.29 -3.06 8.59
C TYR A 72 12.31 -2.69 9.71
N ASP A 73 12.75 -1.81 10.61
CA ASP A 73 11.91 -1.38 11.72
C ASP A 73 10.57 -0.86 11.21
N LEU A 74 10.61 0.16 10.34
CA LEU A 74 9.40 0.74 9.80
C LEU A 74 8.74 -0.21 8.80
N LEU A 75 9.56 -0.96 8.07
CA LEU A 75 9.06 -1.91 7.09
C LEU A 75 8.07 -2.89 7.73
N GLN A 76 8.41 -3.37 8.92
CA GLN A 76 7.56 -4.30 9.64
C GLN A 76 6.14 -3.75 9.77
N LYS A 77 6.03 -2.46 10.02
CA LYS A 77 4.73 -1.81 10.17
C LYS A 77 4.04 -1.66 8.82
N GLN A 78 4.82 -1.29 7.80
CA GLN A 78 4.28 -1.13 6.46
C GLN A 78 3.69 -2.43 5.93
N VAL A 79 4.41 -3.51 6.12
CA VAL A 79 3.96 -4.83 5.68
C VAL A 79 2.85 -5.36 6.56
N LYS A 80 3.05 -5.31 7.87
CA LYS A 80 2.06 -5.78 8.83
C LYS A 80 0.70 -5.15 8.55
N TYR A 81 0.69 -3.85 8.29
CA TYR A 81 -0.54 -3.13 8.02
C TYR A 81 -1.33 -3.81 6.90
N ILE A 82 -0.72 -3.90 5.72
CA ILE A 82 -1.36 -4.53 4.57
C ILE A 82 -1.72 -5.99 4.88
N MET A 83 -0.88 -6.65 5.65
CA MET A 83 -1.11 -8.04 6.02
C MET A 83 -2.46 -8.21 6.72
N ASP A 84 -2.65 -7.48 7.81
CA ASP A 84 -3.89 -7.54 8.56
C ASP A 84 -5.07 -7.07 7.71
N SER A 85 -4.83 -6.04 6.90
CA SER A 85 -5.88 -5.48 6.04
C SER A 85 -6.38 -6.54 5.06
N ASN A 86 -5.49 -7.45 4.66
CA ASN A 86 -5.85 -8.51 3.73
C ASN A 86 -6.19 -7.94 2.36
N MET A 87 -5.63 -6.77 2.06
CA MET A 87 -5.87 -6.12 0.78
C MET A 87 -5.43 -7.01 -0.38
N LEU A 88 -4.31 -7.70 -0.20
CA LEU A 88 -3.79 -8.59 -1.23
C LEU A 88 -4.81 -9.65 -1.61
N ASN A 89 -5.58 -10.09 -0.62
CA ASN A 89 -6.59 -11.12 -0.85
C ASN A 89 -7.90 -10.49 -1.29
N LEU A 90 -8.14 -9.25 -0.86
CA LEU A 90 -9.36 -8.53 -1.23
C LEU A 90 -9.61 -8.61 -2.73
N PRO A 91 -10.90 -8.65 -3.11
CA PRO A 91 -11.31 -8.72 -4.52
C PRO A 91 -11.03 -7.43 -5.26
N GLN A 92 -11.09 -6.31 -4.55
CA GLN A 92 -10.85 -5.00 -5.15
C GLN A 92 -9.40 -4.88 -5.61
N PHE A 93 -8.49 -5.52 -4.89
CA PHE A 93 -7.08 -5.48 -5.23
C PHE A 93 -6.76 -6.48 -6.35
N GLN A 94 -7.46 -7.61 -6.34
CA GLN A 94 -7.26 -8.64 -7.36
C GLN A 94 -7.93 -8.26 -8.67
N HIS A 95 -9.05 -7.55 -8.57
CA HIS A 95 -9.79 -7.13 -9.75
C HIS A 95 -9.11 -5.93 -10.42
N LEU A 96 -8.51 -5.07 -9.61
CA LEU A 96 -7.82 -3.89 -10.12
C LEU A 96 -6.56 -4.29 -10.87
N PRO A 97 -6.12 -3.41 -11.79
CA PRO A 97 -4.92 -3.64 -12.60
C PRO A 97 -3.65 -3.55 -11.78
N GLN A 98 -2.57 -4.13 -12.29
CA GLN A 98 -1.29 -4.12 -11.60
C GLN A 98 -0.87 -2.69 -11.26
N GLU A 99 -1.19 -1.75 -12.15
CA GLU A 99 -0.85 -0.36 -11.95
C GLU A 99 -1.60 0.22 -10.75
N GLU A 100 -2.93 0.10 -10.79
CA GLU A 100 -3.77 0.61 -9.71
C GLU A 100 -3.38 -0.01 -8.38
N LYS A 101 -2.99 -1.28 -8.41
CA LYS A 101 -2.59 -1.99 -7.20
C LYS A 101 -1.54 -1.21 -6.43
N MET A 102 -0.49 -0.77 -7.13
CA MET A 102 0.58 -0.01 -6.52
C MET A 102 0.04 1.19 -5.75
N SER A 103 -0.72 2.04 -6.46
CA SER A 103 -1.29 3.22 -5.85
C SER A 103 -2.15 2.85 -4.64
N ALA A 104 -2.96 1.81 -4.79
CA ALA A 104 -3.82 1.35 -3.71
C ALA A 104 -3.01 1.00 -2.48
N ILE A 105 -1.98 0.19 -2.66
CA ILE A 105 -1.12 -0.22 -1.56
C ILE A 105 -0.51 0.98 -0.85
N LEU A 106 0.14 1.85 -1.62
CA LEU A 106 0.76 3.04 -1.06
C LEU A 106 -0.26 3.90 -0.33
N ALA A 107 -1.33 4.28 -1.03
CA ALA A 107 -2.38 5.09 -0.44
C ALA A 107 -2.90 4.47 0.84
N MET A 108 -2.95 3.14 0.87
CA MET A 108 -3.44 2.42 2.05
C MET A 108 -2.49 2.60 3.22
N LEU A 109 -1.19 2.44 2.96
CA LEU A 109 -0.17 2.59 3.99
C LEU A 109 -0.25 3.96 4.64
N ASN A 110 -0.42 4.99 3.83
CA ASN A 110 -0.51 6.35 4.33
C ASN A 110 -1.50 6.45 5.49
N SER A 111 -2.53 5.61 5.45
CA SER A 111 -3.55 5.60 6.49
C SER A 111 -2.90 5.48 7.87
N ASN A 112 -1.81 4.73 7.94
CA ASN A 112 -1.10 4.52 9.20
C ASN A 112 0.13 5.42 9.28
N SER A 113 0.30 6.09 10.41
CA SER A 113 1.44 6.98 10.61
C SER A 113 2.74 6.19 10.67
N ASP A 114 2.70 5.02 11.31
CA ASP A 114 3.87 4.17 11.44
C ASP A 114 4.45 3.84 10.06
N THR A 115 3.57 3.58 9.11
CA THR A 115 4.00 3.24 7.76
C THR A 115 4.01 4.48 6.86
N ALA A 116 4.28 5.64 7.46
CA ALA A 116 4.34 6.89 6.72
C ALA A 116 5.70 7.09 6.07
N LEU A 117 6.42 5.99 5.88
CA LEU A 117 7.75 6.04 5.27
C LEU A 117 7.66 6.63 3.87
N SER A 118 6.53 6.43 3.21
CA SER A 118 6.32 6.93 1.85
C SER A 118 6.70 8.41 1.76
N VAL A 119 6.51 9.13 2.87
CA VAL A 119 6.83 10.56 2.91
C VAL A 119 8.28 10.80 2.51
N PRO A 120 8.48 11.68 1.53
CA PRO A 120 9.81 12.04 1.03
C PRO A 120 10.62 12.85 2.04
N PRO A 121 11.92 12.98 1.80
CA PRO A 121 12.83 13.72 2.68
C PRO A 121 12.57 15.22 2.63
N HIS A 122 13.32 15.97 3.43
CA HIS A 122 13.17 17.42 3.49
C HIS A 122 14.54 18.10 3.53
N ASP A 123 14.76 19.04 2.63
CA ASP A 123 16.02 19.77 2.56
C ASP A 123 16.27 20.54 3.87
N SER A 124 17.49 20.47 4.37
CA SER A 124 17.86 21.15 5.60
C SER A 124 19.33 21.52 5.59
N THR A 125 19.62 22.77 5.96
CA THR A 125 21.00 23.27 6.00
C THR A 125 21.63 23.01 7.36
N THR A 1 -26.24 1.82 -5.11
CA THR A 1 -25.58 3.11 -5.23
C THR A 1 -24.15 2.96 -5.70
N ALA A 2 -23.87 3.47 -6.89
CA ALA A 2 -22.52 3.38 -7.47
C ALA A 2 -21.59 4.39 -6.80
N ASN A 3 -22.03 5.63 -6.70
CA ASN A 3 -21.22 6.69 -6.09
C ASN A 3 -20.95 6.38 -4.61
N THR A 4 -22.03 6.11 -3.87
CA THR A 4 -21.91 5.80 -2.45
C THR A 4 -20.82 6.64 -1.79
N ALA A 5 -20.79 7.93 -2.12
CA ALA A 5 -19.80 8.85 -1.56
C ALA A 5 -20.22 9.31 -0.17
N SER A 6 -19.40 9.01 0.82
CA SER A 6 -19.68 9.40 2.21
C SER A 6 -18.41 9.82 2.93
N GLN A 7 -18.56 10.56 4.02
CA GLN A 7 -17.42 11.03 4.80
C GLN A 7 -16.60 9.85 5.31
N GLN A 8 -17.23 8.98 6.09
CA GLN A 8 -16.55 7.81 6.64
C GLN A 8 -17.50 6.63 6.74
N LEU A 9 -16.97 5.42 6.54
CA LEU A 9 -17.78 4.21 6.61
C LEU A 9 -17.56 3.49 7.94
N SER A 10 -16.32 3.11 8.20
CA SER A 10 -15.98 2.41 9.43
C SER A 10 -14.63 2.89 9.97
N LEU A 11 -14.20 2.29 11.08
CA LEU A 11 -12.94 2.65 11.70
C LEU A 11 -11.86 1.60 11.42
N ASP A 12 -12.26 0.34 11.51
CA ASP A 12 -11.33 -0.77 11.25
C ASP A 12 -10.70 -0.64 9.87
N PRO A 13 -9.47 -1.18 9.73
CA PRO A 13 -8.73 -1.13 8.46
C PRO A 13 -9.36 -2.03 7.40
N LYS A 14 -9.89 -3.17 7.83
CA LYS A 14 -10.52 -4.11 6.91
C LYS A 14 -11.60 -3.42 6.08
N GLN A 15 -12.39 -2.57 6.72
CA GLN A 15 -13.45 -1.85 6.04
C GLN A 15 -12.91 -0.60 5.36
N ARG A 16 -12.16 0.20 6.10
CA ARG A 16 -11.59 1.43 5.56
C ARG A 16 -10.82 1.15 4.28
N SER A 17 -10.22 -0.04 4.20
CA SER A 17 -9.44 -0.42 3.02
C SER A 17 -10.26 -0.27 1.76
N LYS A 18 -11.57 -0.49 1.87
CA LYS A 18 -12.48 -0.37 0.73
C LYS A 18 -12.73 1.10 0.40
N GLN A 19 -12.80 1.93 1.43
CA GLN A 19 -13.04 3.36 1.23
C GLN A 19 -11.81 4.05 0.65
N ILE A 20 -10.65 3.78 1.25
CA ILE A 20 -9.40 4.37 0.78
C ILE A 20 -9.18 4.09 -0.70
N LEU A 21 -9.42 2.85 -1.10
CA LEU A 21 -9.24 2.45 -2.48
C LEU A 21 -10.29 3.12 -3.38
N SER A 22 -11.48 3.30 -2.85
CA SER A 22 -12.57 3.92 -3.60
C SER A 22 -12.26 5.38 -3.91
N ASN A 23 -11.54 6.03 -2.99
CA ASN A 23 -11.17 7.43 -3.16
C ASN A 23 -9.66 7.57 -3.33
N LEU A 24 -9.05 6.59 -3.98
CA LEU A 24 -7.60 6.61 -4.21
C LEU A 24 -7.25 7.54 -5.36
N LYS A 25 -8.13 7.61 -6.36
CA LYS A 25 -7.92 8.47 -7.51
C LYS A 25 -7.79 9.93 -7.09
N LYS A 26 -8.28 10.24 -5.89
CA LYS A 26 -8.22 11.60 -5.37
C LYS A 26 -6.83 12.20 -5.58
N SER A 27 -5.81 11.47 -5.18
CA SER A 27 -4.43 11.93 -5.32
C SER A 27 -3.78 11.33 -6.58
N PRO A 28 -2.80 12.05 -7.13
CA PRO A 28 -2.08 11.61 -8.33
C PRO A 28 -1.19 10.41 -8.07
N PRO A 29 -0.76 9.74 -9.15
CA PRO A 29 0.11 8.55 -9.06
C PRO A 29 1.52 8.91 -8.60
N LEU A 30 2.42 7.94 -8.69
CA LEU A 30 3.81 8.15 -8.29
C LEU A 30 4.76 7.92 -9.46
N ASN A 31 4.39 6.99 -10.34
CA ASN A 31 5.21 6.68 -11.51
C ASN A 31 6.56 6.09 -11.09
N LEU A 32 6.52 4.89 -10.52
CA LEU A 32 7.74 4.22 -10.07
C LEU A 32 8.07 3.04 -10.99
N ASN A 33 7.03 2.42 -11.55
CA ASN A 33 7.22 1.28 -12.44
C ASN A 33 7.77 0.08 -11.69
N ILE A 34 7.21 -0.17 -10.50
CA ILE A 34 7.63 -1.29 -9.68
C ILE A 34 6.59 -2.40 -9.69
N SER A 35 6.55 -3.17 -10.77
CA SER A 35 5.61 -4.26 -10.91
C SER A 35 5.68 -5.20 -9.71
N LEU A 36 4.56 -5.84 -9.39
CA LEU A 36 4.50 -6.77 -8.27
C LEU A 36 4.31 -8.20 -8.76
N PRO A 37 5.00 -9.14 -8.10
CA PRO A 37 4.92 -10.56 -8.45
C PRO A 37 3.57 -11.18 -8.08
N THR A 38 3.24 -12.31 -8.71
CA THR A 38 1.99 -12.98 -8.45
C THR A 38 1.75 -13.16 -6.96
N ASP A 39 2.84 -13.37 -6.21
CA ASP A 39 2.75 -13.56 -4.77
C ASP A 39 1.93 -12.45 -4.13
N LEU A 40 2.12 -11.23 -4.62
CA LEU A 40 1.40 -10.07 -4.09
C LEU A 40 -0.11 -10.33 -4.09
N THR A 41 -0.59 -11.01 -5.12
CA THR A 41 -2.01 -11.32 -5.23
C THR A 41 -2.25 -12.82 -5.18
N SER A 42 -1.36 -13.54 -4.51
CA SER A 42 -1.48 -14.98 -4.40
C SER A 42 -2.76 -15.37 -3.66
N THR A 43 -2.86 -16.64 -3.29
CA THR A 43 -4.04 -17.14 -2.59
C THR A 43 -3.66 -17.74 -1.24
N ASP A 44 -2.59 -17.22 -0.66
CA ASP A 44 -2.12 -17.70 0.64
C ASP A 44 -1.41 -16.59 1.41
N PRO A 45 -1.35 -16.73 2.74
CA PRO A 45 -0.70 -15.74 3.62
C PRO A 45 0.82 -15.74 3.45
N ALA A 46 1.39 -16.92 3.35
CA ALA A 46 2.83 -17.05 3.18
C ALA A 46 3.33 -16.27 1.97
N LYS A 47 2.74 -16.55 0.82
CA LYS A 47 3.11 -15.87 -0.42
C LYS A 47 2.76 -14.39 -0.36
N GLN A 48 1.62 -14.08 0.26
CA GLN A 48 1.17 -12.70 0.39
C GLN A 48 2.23 -11.85 1.09
N GLN A 49 2.66 -12.30 2.26
CA GLN A 49 3.67 -11.58 3.03
C GLN A 49 5.00 -11.57 2.30
N ALA A 50 5.41 -12.72 1.80
CA ALA A 50 6.67 -12.83 1.07
C ALA A 50 6.77 -11.77 -0.02
N ALA A 51 5.69 -11.57 -0.76
CA ALA A 51 5.66 -10.58 -1.82
C ALA A 51 5.66 -9.16 -1.26
N LEU A 52 4.86 -8.94 -0.22
CA LEU A 52 4.76 -7.64 0.42
C LEU A 52 6.15 -7.10 0.77
N PHE A 53 6.97 -7.96 1.36
CA PHE A 53 8.33 -7.57 1.75
C PHE A 53 9.12 -7.08 0.54
N GLN A 54 9.04 -7.82 -0.55
CA GLN A 54 9.75 -7.46 -1.77
C GLN A 54 9.32 -6.08 -2.27
N VAL A 55 8.02 -5.92 -2.50
CA VAL A 55 7.48 -4.66 -2.98
C VAL A 55 7.88 -3.51 -2.05
N ILE A 56 7.50 -3.61 -0.78
CA ILE A 56 7.82 -2.59 0.20
C ILE A 56 9.32 -2.29 0.22
N ALA A 57 10.13 -3.35 0.29
CA ALA A 57 11.57 -3.19 0.31
C ALA A 57 12.05 -2.31 -0.84
N ALA A 58 11.46 -2.51 -2.02
CA ALA A 58 11.83 -1.73 -3.20
C ALA A 58 11.48 -0.26 -3.01
N LEU A 59 10.28 0.00 -2.48
CA LEU A 59 9.83 1.37 -2.26
C LEU A 59 10.80 2.12 -1.34
N GLN A 60 11.17 1.49 -0.23
CA GLN A 60 12.10 2.10 0.71
C GLN A 60 13.45 2.36 0.07
N LYS A 61 13.95 1.37 -0.67
CA LYS A 61 15.23 1.49 -1.35
C LYS A 61 15.29 2.77 -2.19
N HIS A 62 14.29 2.93 -3.08
CA HIS A 62 14.23 4.10 -3.93
C HIS A 62 13.84 5.34 -3.14
N PHE A 63 13.03 5.15 -2.11
CA PHE A 63 12.58 6.25 -1.26
C PHE A 63 13.74 6.83 -0.45
N LYS A 64 14.77 6.00 -0.25
CA LYS A 64 15.94 6.43 0.51
C LYS A 64 17.03 6.96 -0.42
N THR A 65 17.46 6.12 -1.36
CA THR A 65 18.51 6.50 -2.31
C THR A 65 18.89 5.33 -3.21
N ASN A 66 19.52 5.65 -4.34
CA ASN A 66 19.93 4.62 -5.28
C ASN A 66 20.75 3.53 -4.58
N MET A 67 21.40 3.91 -3.48
CA MET A 67 22.21 2.96 -2.71
C MET A 67 21.39 1.75 -2.31
N GLU A 68 20.07 1.89 -2.30
CA GLU A 68 19.17 0.80 -1.93
C GLU A 68 19.30 0.49 -0.44
N ASN A 69 18.46 1.14 0.37
CA ASN A 69 18.48 0.93 1.82
C ASN A 69 17.16 0.34 2.29
N VAL A 70 17.21 -0.88 2.82
CA VAL A 70 16.02 -1.55 3.31
C VAL A 70 15.96 -1.55 4.83
N ASN A 71 14.95 -0.90 5.38
CA ASN A 71 14.79 -0.82 6.84
C ASN A 71 13.79 -1.87 7.33
N TYR A 72 14.32 -3.01 7.75
CA TYR A 72 13.49 -4.10 8.25
C TYR A 72 12.67 -3.64 9.46
N ASP A 73 13.24 -2.72 10.22
CA ASP A 73 12.56 -2.19 11.41
C ASP A 73 11.21 -1.59 11.06
N LEU A 74 11.22 -0.59 10.18
CA LEU A 74 10.00 0.08 9.76
C LEU A 74 9.22 -0.78 8.77
N LEU A 75 9.96 -1.53 7.94
CA LEU A 75 9.34 -2.40 6.95
C LEU A 75 8.37 -3.37 7.61
N GLN A 76 8.78 -3.94 8.74
CA GLN A 76 7.94 -4.89 9.47
C GLN A 76 6.56 -4.29 9.73
N LYS A 77 6.53 -3.04 10.19
CA LYS A 77 5.27 -2.37 10.48
C LYS A 77 4.51 -2.04 9.19
N GLN A 78 5.26 -1.62 8.17
CA GLN A 78 4.66 -1.27 6.89
C GLN A 78 3.89 -2.45 6.30
N VAL A 79 4.53 -3.62 6.31
CA VAL A 79 3.92 -4.82 5.78
C VAL A 79 2.82 -5.34 6.71
N LYS A 80 3.04 -5.18 8.01
CA LYS A 80 2.08 -5.63 9.01
C LYS A 80 0.72 -4.95 8.80
N TYR A 81 0.76 -3.65 8.53
CA TYR A 81 -0.47 -2.88 8.31
C TYR A 81 -1.33 -3.54 7.25
N ILE A 82 -0.76 -3.71 6.05
CA ILE A 82 -1.48 -4.33 4.95
C ILE A 82 -1.87 -5.77 5.28
N MET A 83 -0.98 -6.46 5.98
CA MET A 83 -1.23 -7.85 6.37
C MET A 83 -2.57 -7.98 7.08
N ASP A 84 -2.74 -7.23 8.17
CA ASP A 84 -3.97 -7.27 8.95
C ASP A 84 -5.15 -6.73 8.13
N SER A 85 -4.89 -5.68 7.35
CA SER A 85 -5.92 -5.08 6.52
C SER A 85 -6.45 -6.06 5.50
N ASN A 86 -5.60 -7.00 5.09
CA ASN A 86 -5.99 -8.02 4.11
C ASN A 86 -6.23 -7.39 2.74
N MET A 87 -5.58 -6.24 2.50
CA MET A 87 -5.74 -5.54 1.23
C MET A 87 -5.49 -6.48 0.05
N LEU A 88 -4.43 -7.29 0.15
CA LEU A 88 -4.09 -8.22 -0.90
C LEU A 88 -5.29 -9.09 -1.27
N ASN A 89 -6.01 -9.55 -0.26
CA ASN A 89 -7.19 -10.39 -0.48
C ASN A 89 -8.40 -9.54 -0.86
N LEU A 90 -8.41 -8.30 -0.39
CA LEU A 90 -9.51 -7.39 -0.69
C LEU A 90 -9.85 -7.39 -2.18
N PRO A 91 -11.15 -7.41 -2.49
CA PRO A 91 -11.62 -7.42 -3.87
C PRO A 91 -11.37 -6.09 -4.58
N GLN A 92 -11.39 -5.00 -3.81
CA GLN A 92 -11.17 -3.67 -4.37
C GLN A 92 -9.78 -3.57 -4.98
N PHE A 93 -8.83 -4.32 -4.43
CA PHE A 93 -7.46 -4.30 -4.93
C PHE A 93 -7.35 -5.07 -6.24
N GLN A 94 -8.16 -6.12 -6.37
CA GLN A 94 -8.15 -6.94 -7.58
C GLN A 94 -8.98 -6.29 -8.68
N HIS A 95 -9.91 -5.43 -8.28
CA HIS A 95 -10.77 -4.74 -9.24
C HIS A 95 -10.01 -3.62 -9.94
N LEU A 96 -9.12 -2.97 -9.20
CA LEU A 96 -8.33 -1.87 -9.75
C LEU A 96 -7.18 -2.40 -10.62
N PRO A 97 -6.75 -1.59 -11.59
CA PRO A 97 -5.67 -1.96 -12.51
C PRO A 97 -4.31 -2.00 -11.81
N GLN A 98 -3.35 -2.68 -12.44
CA GLN A 98 -2.00 -2.79 -11.87
C GLN A 98 -1.48 -1.43 -11.44
N GLU A 99 -1.47 -0.48 -12.39
CA GLU A 99 -0.98 0.86 -12.11
C GLU A 99 -1.65 1.44 -10.87
N GLU A 100 -2.89 1.03 -10.64
CA GLU A 100 -3.65 1.51 -9.48
C GLU A 100 -3.23 0.79 -8.21
N LYS A 101 -2.88 -0.49 -8.36
CA LYS A 101 -2.45 -1.30 -7.22
C LYS A 101 -1.42 -0.56 -6.38
N MET A 102 -0.30 -0.22 -7.00
CA MET A 102 0.78 0.49 -6.31
C MET A 102 0.23 1.74 -5.62
N SER A 103 -0.52 2.54 -6.36
CA SER A 103 -1.09 3.77 -5.82
C SER A 103 -1.91 3.47 -4.56
N ALA A 104 -2.63 2.36 -4.59
CA ALA A 104 -3.46 1.96 -3.46
C ALA A 104 -2.61 1.59 -2.25
N ILE A 105 -1.66 0.68 -2.46
CA ILE A 105 -0.78 0.23 -1.40
C ILE A 105 -0.02 1.40 -0.79
N LEU A 106 0.66 2.16 -1.64
CA LEU A 106 1.45 3.31 -1.19
C LEU A 106 0.56 4.29 -0.43
N ALA A 107 -0.57 4.66 -1.03
CA ALA A 107 -1.50 5.58 -0.40
C ALA A 107 -1.91 5.10 0.98
N MET A 108 -2.08 3.79 1.12
CA MET A 108 -2.48 3.20 2.39
C MET A 108 -1.34 3.29 3.41
N LEU A 109 -0.11 3.14 2.92
CA LEU A 109 1.07 3.20 3.79
C LEU A 109 1.13 4.54 4.52
N ASN A 110 0.47 5.55 3.96
CA ASN A 110 0.45 6.88 4.56
C ASN A 110 -0.71 7.03 5.53
N SER A 111 -1.18 5.90 6.05
CA SER A 111 -2.31 5.90 6.99
C SER A 111 -1.81 5.69 8.42
N ASN A 112 -0.76 4.89 8.56
CA ASN A 112 -0.19 4.61 9.87
C ASN A 112 1.04 5.46 10.13
N SER A 113 1.23 5.86 11.39
CA SER A 113 2.37 6.69 11.76
C SER A 113 3.67 5.91 11.62
N ASP A 114 3.73 4.74 12.25
CA ASP A 114 4.92 3.91 12.20
C ASP A 114 5.31 3.60 10.75
N THR A 115 4.30 3.44 9.90
CA THR A 115 4.54 3.14 8.49
C THR A 115 4.54 4.43 7.65
N ALA A 116 4.97 5.52 8.26
CA ALA A 116 5.02 6.80 7.58
C ALA A 116 6.32 6.96 6.80
N LEU A 117 6.98 5.85 6.53
CA LEU A 117 8.24 5.85 5.80
C LEU A 117 8.05 6.45 4.40
N SER A 118 6.90 6.17 3.79
CA SER A 118 6.60 6.67 2.46
C SER A 118 6.81 8.18 2.39
N VAL A 119 6.65 8.85 3.52
CA VAL A 119 6.82 10.29 3.59
C VAL A 119 8.19 10.71 3.06
N PRO A 120 8.21 11.69 2.15
CA PRO A 120 9.44 12.20 1.55
C PRO A 120 10.29 12.99 2.55
N PRO A 121 11.54 13.26 2.16
CA PRO A 121 12.48 14.01 3.01
C PRO A 121 12.09 15.47 3.16
N HIS A 122 11.48 16.02 2.12
CA HIS A 122 11.05 17.42 2.14
C HIS A 122 9.58 17.55 1.77
N ASP A 123 8.83 18.28 2.58
CA ASP A 123 7.40 18.47 2.33
C ASP A 123 7.11 19.92 1.94
N SER A 124 5.86 20.20 1.60
CA SER A 124 5.45 21.54 1.21
C SER A 124 5.87 22.57 2.25
N THR A 125 6.83 23.41 1.90
CA THR A 125 7.32 24.44 2.81
C THR A 125 6.25 25.50 3.06
N THR A 1 -33.55 10.28 -8.22
CA THR A 1 -33.22 11.68 -7.97
C THR A 1 -31.78 11.81 -7.47
N ALA A 2 -31.45 11.05 -6.42
CA ALA A 2 -30.11 11.08 -5.85
C ALA A 2 -29.73 12.50 -5.42
N ASN A 3 -30.67 13.18 -4.78
CA ASN A 3 -30.44 14.55 -4.31
C ASN A 3 -29.25 14.60 -3.36
N THR A 4 -29.16 13.61 -2.47
CA THR A 4 -28.07 13.55 -1.51
C THR A 4 -27.95 12.15 -0.92
N ALA A 5 -26.82 11.89 -0.25
CA ALA A 5 -26.58 10.60 0.37
C ALA A 5 -25.91 10.74 1.73
N SER A 6 -26.10 9.75 2.59
CA SER A 6 -25.51 9.78 3.92
C SER A 6 -24.03 9.44 3.88
N GLN A 7 -23.25 10.05 4.77
CA GLN A 7 -21.82 9.81 4.83
C GLN A 7 -21.40 9.33 6.21
N GLN A 8 -20.75 8.16 6.25
CA GLN A 8 -20.30 7.58 7.51
C GLN A 8 -19.05 6.73 7.30
N LEU A 9 -17.91 7.25 7.74
CA LEU A 9 -16.64 6.55 7.61
C LEU A 9 -16.46 5.54 8.74
N SER A 10 -15.76 4.44 8.44
CA SER A 10 -15.52 3.41 9.44
C SER A 10 -14.45 3.85 10.43
N LEU A 11 -14.11 2.97 11.36
CA LEU A 11 -13.10 3.27 12.36
C LEU A 11 -11.92 2.28 12.27
N ASP A 12 -12.23 1.04 11.94
CA ASP A 12 -11.22 0.00 11.81
C ASP A 12 -10.45 0.17 10.51
N PRO A 13 -9.19 -0.33 10.50
CA PRO A 13 -8.32 -0.25 9.32
C PRO A 13 -8.80 -1.15 8.18
N LYS A 14 -9.18 -2.38 8.53
CA LYS A 14 -9.66 -3.34 7.53
C LYS A 14 -10.95 -2.84 6.88
N GLN A 15 -11.76 -2.13 7.65
CA GLN A 15 -13.02 -1.60 7.14
C GLN A 15 -12.78 -0.39 6.25
N ARG A 16 -12.10 0.61 6.80
CA ARG A 16 -11.80 1.83 6.05
C ARG A 16 -11.08 1.51 4.75
N SER A 17 -10.20 0.53 4.79
CA SER A 17 -9.43 0.12 3.61
C SER A 17 -10.37 -0.18 2.45
N LYS A 18 -11.57 -0.67 2.77
CA LYS A 18 -12.55 -1.01 1.74
C LYS A 18 -13.08 0.25 1.06
N GLN A 19 -13.30 1.31 1.86
CA GLN A 19 -13.80 2.57 1.33
C GLN A 19 -12.70 3.32 0.58
N ILE A 20 -11.53 3.42 1.20
CA ILE A 20 -10.40 4.12 0.61
C ILE A 20 -10.04 3.51 -0.76
N LEU A 21 -10.26 2.21 -0.89
CA LEU A 21 -9.96 1.52 -2.13
C LEU A 21 -10.96 1.90 -3.23
N SER A 22 -12.21 2.13 -2.82
CA SER A 22 -13.25 2.50 -3.77
C SER A 22 -12.88 3.78 -4.52
N ASN A 23 -12.31 4.73 -3.79
CA ASN A 23 -11.90 6.00 -4.38
C ASN A 23 -10.39 6.13 -4.41
N LEU A 24 -9.71 5.01 -4.57
CA LEU A 24 -8.25 4.98 -4.62
C LEU A 24 -7.73 5.89 -5.73
N LYS A 25 -8.49 5.97 -6.82
CA LYS A 25 -8.11 6.79 -7.96
C LYS A 25 -8.01 8.26 -7.56
N LYS A 26 -7.94 9.15 -8.56
CA LYS A 26 -7.85 10.57 -8.30
C LYS A 26 -6.71 10.88 -7.35
N SER A 27 -5.62 10.14 -7.47
CA SER A 27 -4.45 10.33 -6.61
C SER A 27 -3.29 10.92 -7.40
N PRO A 28 -2.32 11.50 -6.68
CA PRO A 28 -1.14 12.12 -7.30
C PRO A 28 -0.20 11.08 -7.90
N PRO A 29 0.78 11.55 -8.69
CA PRO A 29 1.76 10.69 -9.34
C PRO A 29 2.74 10.07 -8.35
N LEU A 30 2.93 8.76 -8.45
CA LEU A 30 3.83 8.04 -7.56
C LEU A 30 5.28 8.25 -7.97
N ASN A 31 5.51 8.31 -9.28
CA ASN A 31 6.86 8.50 -9.81
C ASN A 31 7.80 7.40 -9.35
N LEU A 32 7.25 6.20 -9.18
CA LEU A 32 8.04 5.05 -8.74
C LEU A 32 8.35 4.12 -9.89
N ASN A 33 7.35 3.88 -10.74
CA ASN A 33 7.51 3.02 -11.89
C ASN A 33 7.89 1.60 -11.46
N ILE A 34 7.11 1.04 -10.55
CA ILE A 34 7.37 -0.31 -10.04
C ILE A 34 6.18 -1.22 -10.31
N SER A 35 6.46 -2.44 -10.78
CA SER A 35 5.42 -3.41 -11.07
C SER A 35 5.29 -4.42 -9.94
N LEU A 36 4.08 -4.93 -9.74
CA LEU A 36 3.83 -5.91 -8.69
C LEU A 36 3.83 -7.32 -9.26
N PRO A 37 4.76 -8.16 -8.75
CA PRO A 37 4.90 -9.55 -9.19
C PRO A 37 3.73 -10.42 -8.73
N THR A 38 3.40 -11.44 -9.54
CA THR A 38 2.30 -12.33 -9.21
C THR A 38 2.42 -12.85 -7.78
N ASP A 39 3.66 -13.12 -7.35
CA ASP A 39 3.90 -13.62 -6.01
C ASP A 39 3.18 -12.77 -4.96
N LEU A 40 3.18 -11.45 -5.18
CA LEU A 40 2.52 -10.53 -4.26
C LEU A 40 1.07 -10.93 -4.03
N THR A 41 0.40 -11.36 -5.10
CA THR A 41 -0.99 -11.77 -5.02
C THR A 41 -1.13 -13.27 -5.24
N SER A 42 -0.09 -14.02 -4.90
CA SER A 42 -0.09 -15.47 -5.06
C SER A 42 -1.24 -16.10 -4.27
N THR A 43 -1.25 -17.43 -4.21
CA THR A 43 -2.29 -18.15 -3.49
C THR A 43 -1.72 -18.81 -2.24
N ASP A 44 -0.66 -18.22 -1.69
CA ASP A 44 -0.03 -18.75 -0.49
C ASP A 44 0.60 -17.63 0.34
N PRO A 45 0.75 -17.87 1.65
CA PRO A 45 1.33 -16.89 2.57
C PRO A 45 2.84 -16.70 2.34
N ALA A 46 3.52 -17.80 2.03
CA ALA A 46 4.95 -17.76 1.78
C ALA A 46 5.28 -16.80 0.64
N LYS A 47 4.63 -17.00 -0.50
CA LYS A 47 4.86 -16.15 -1.67
C LYS A 47 4.33 -14.75 -1.43
N GLN A 48 3.20 -14.66 -0.75
CA GLN A 48 2.58 -13.37 -0.45
C GLN A 48 3.54 -12.48 0.34
N GLN A 49 4.04 -13.01 1.44
CA GLN A 49 4.97 -12.26 2.30
C GLN A 49 6.30 -12.03 1.58
N ALA A 50 6.83 -13.08 0.97
CA ALA A 50 8.09 -13.00 0.25
C ALA A 50 8.08 -11.83 -0.74
N ALA A 51 6.98 -11.69 -1.46
CA ALA A 51 6.85 -10.60 -2.43
C ALA A 51 6.69 -9.26 -1.75
N LEU A 52 5.83 -9.21 -0.74
CA LEU A 52 5.59 -7.98 0.01
C LEU A 52 6.90 -7.34 0.44
N PHE A 53 7.72 -8.10 1.14
CA PHE A 53 9.01 -7.61 1.61
C PHE A 53 9.86 -7.09 0.46
N GLN A 54 9.71 -7.73 -0.70
CA GLN A 54 10.47 -7.33 -1.89
C GLN A 54 10.02 -5.97 -2.38
N VAL A 55 8.74 -5.84 -2.73
CA VAL A 55 8.20 -4.58 -3.21
C VAL A 55 8.43 -3.46 -2.22
N ILE A 56 8.12 -3.72 -0.95
CA ILE A 56 8.29 -2.74 0.11
C ILE A 56 9.73 -2.23 0.15
N ALA A 57 10.68 -3.16 0.26
CA ALA A 57 12.09 -2.81 0.30
C ALA A 57 12.47 -1.91 -0.87
N ALA A 58 11.90 -2.19 -2.03
CA ALA A 58 12.18 -1.41 -3.23
C ALA A 58 11.74 0.04 -3.05
N LEU A 59 10.58 0.23 -2.43
CA LEU A 59 10.04 1.56 -2.19
C LEU A 59 10.95 2.36 -1.27
N GLN A 60 11.31 1.76 -0.14
CA GLN A 60 12.17 2.41 0.84
C GLN A 60 13.49 2.84 0.20
N LYS A 61 14.08 1.93 -0.58
CA LYS A 61 15.34 2.20 -1.26
C LYS A 61 15.20 3.39 -2.20
N HIS A 62 14.42 3.22 -3.25
CA HIS A 62 14.20 4.28 -4.23
C HIS A 62 13.77 5.57 -3.55
N PHE A 63 13.18 5.44 -2.37
CA PHE A 63 12.71 6.60 -1.60
C PHE A 63 13.89 7.43 -1.11
N LYS A 64 14.70 6.83 -0.24
CA LYS A 64 15.87 7.52 0.31
C LYS A 64 17.09 7.33 -0.59
N THR A 65 17.49 6.08 -0.77
CA THR A 65 18.65 5.77 -1.60
C THR A 65 18.51 4.40 -2.24
N ASN A 66 18.40 4.37 -3.57
CA ASN A 66 18.25 3.11 -4.30
C ASN A 66 19.43 2.19 -4.03
N MET A 67 20.60 2.78 -3.81
CA MET A 67 21.81 2.00 -3.53
C MET A 67 21.62 1.12 -2.31
N GLU A 68 20.86 1.63 -1.33
CA GLU A 68 20.61 0.88 -0.10
C GLU A 68 19.81 1.71 0.89
N ASN A 69 18.76 1.12 1.45
CA ASN A 69 17.91 1.82 2.41
C ASN A 69 16.79 0.92 2.90
N VAL A 70 17.08 -0.37 3.01
CA VAL A 70 16.09 -1.35 3.47
C VAL A 70 15.98 -1.33 4.99
N ASN A 71 15.04 -0.55 5.50
CA ASN A 71 14.82 -0.44 6.93
C ASN A 71 13.90 -1.56 7.44
N TYR A 72 14.50 -2.63 7.93
CA TYR A 72 13.74 -3.77 8.43
C TYR A 72 12.84 -3.35 9.59
N ASP A 73 13.30 -2.39 10.38
CA ASP A 73 12.54 -1.90 11.53
C ASP A 73 11.17 -1.39 11.08
N LEU A 74 11.17 -0.41 10.19
CA LEU A 74 9.92 0.15 9.68
C LEU A 74 9.24 -0.80 8.71
N LEU A 75 10.04 -1.53 7.95
CA LEU A 75 9.52 -2.49 6.98
C LEU A 75 8.60 -3.50 7.66
N GLN A 76 8.99 -3.96 8.84
CA GLN A 76 8.20 -4.92 9.60
C GLN A 76 6.80 -4.38 9.86
N LYS A 77 6.72 -3.09 10.19
CA LYS A 77 5.44 -2.46 10.47
C LYS A 77 4.59 -2.35 9.21
N GLN A 78 5.18 -1.80 8.15
CA GLN A 78 4.47 -1.65 6.88
C GLN A 78 3.91 -2.98 6.41
N VAL A 79 4.68 -4.04 6.59
CA VAL A 79 4.26 -5.38 6.18
C VAL A 79 3.12 -5.89 7.06
N LYS A 80 3.31 -5.78 8.37
CA LYS A 80 2.31 -6.24 9.33
C LYS A 80 0.94 -5.64 9.01
N TYR A 81 0.91 -4.33 8.77
CA TYR A 81 -0.33 -3.65 8.45
C TYR A 81 -1.04 -4.32 7.28
N ILE A 82 -0.32 -4.48 6.17
CA ILE A 82 -0.87 -5.11 4.99
C ILE A 82 -1.37 -6.52 5.29
N MET A 83 -0.65 -7.22 6.17
CA MET A 83 -1.01 -8.58 6.55
C MET A 83 -2.39 -8.61 7.20
N ASP A 84 -2.54 -7.85 8.28
CA ASP A 84 -3.82 -7.80 9.00
C ASP A 84 -4.93 -7.31 8.08
N SER A 85 -4.60 -6.40 7.18
CA SER A 85 -5.58 -5.85 6.25
C SER A 85 -5.96 -6.88 5.19
N ASN A 86 -4.98 -7.70 4.80
CA ASN A 86 -5.22 -8.73 3.79
C ASN A 86 -5.68 -8.11 2.47
N MET A 87 -5.24 -6.88 2.22
CA MET A 87 -5.60 -6.18 0.99
C MET A 87 -5.17 -6.98 -0.24
N LEU A 88 -4.04 -7.67 -0.12
CA LEU A 88 -3.52 -8.47 -1.23
C LEU A 88 -4.50 -9.56 -1.62
N ASN A 89 -5.20 -10.11 -0.63
CA ASN A 89 -6.17 -11.17 -0.87
C ASN A 89 -7.54 -10.58 -1.21
N LEU A 90 -7.83 -9.40 -0.66
CA LEU A 90 -9.10 -8.73 -0.91
C LEU A 90 -9.40 -8.66 -2.40
N PRO A 91 -10.69 -8.64 -2.75
CA PRO A 91 -11.13 -8.57 -4.15
C PRO A 91 -10.84 -7.22 -4.79
N GLN A 92 -10.86 -6.17 -3.97
CA GLN A 92 -10.59 -4.82 -4.46
C GLN A 92 -9.22 -4.74 -5.11
N PHE A 93 -8.25 -5.44 -4.53
CA PHE A 93 -6.89 -5.44 -5.05
C PHE A 93 -6.79 -6.30 -6.31
N GLN A 94 -7.21 -7.56 -6.18
CA GLN A 94 -7.17 -8.49 -7.32
C GLN A 94 -7.96 -7.94 -8.50
N HIS A 95 -9.03 -7.21 -8.20
CA HIS A 95 -9.87 -6.63 -9.24
C HIS A 95 -9.21 -5.40 -9.85
N LEU A 96 -8.49 -4.65 -9.03
CA LEU A 96 -7.80 -3.45 -9.49
C LEU A 96 -6.61 -3.80 -10.36
N PRO A 97 -6.25 -2.89 -11.29
CA PRO A 97 -5.11 -3.09 -12.20
C PRO A 97 -3.78 -3.02 -11.47
N GLN A 98 -2.75 -3.57 -12.11
CA GLN A 98 -1.40 -3.57 -11.52
C GLN A 98 -0.95 -2.15 -11.19
N GLU A 99 -1.34 -1.20 -12.04
CA GLU A 99 -0.98 0.20 -11.84
C GLU A 99 -1.64 0.75 -10.58
N GLU A 100 -2.96 0.75 -10.55
CA GLU A 100 -3.71 1.25 -9.41
C GLU A 100 -3.35 0.48 -8.14
N LYS A 101 -3.08 -0.81 -8.30
CA LYS A 101 -2.72 -1.66 -7.17
C LYS A 101 -1.62 -1.02 -6.33
N MET A 102 -0.48 -0.76 -6.95
CA MET A 102 0.65 -0.14 -6.26
C MET A 102 0.22 1.14 -5.56
N SER A 103 -0.50 1.99 -6.28
CA SER A 103 -0.97 3.25 -5.71
C SER A 103 -1.78 3.01 -4.44
N ALA A 104 -2.53 1.92 -4.42
CA ALA A 104 -3.35 1.58 -3.27
C ALA A 104 -2.48 1.14 -2.09
N ILE A 105 -1.52 0.27 -2.38
CA ILE A 105 -0.61 -0.23 -1.34
C ILE A 105 0.11 0.91 -0.65
N LEU A 106 0.72 1.79 -1.44
CA LEU A 106 1.45 2.92 -0.90
C LEU A 106 0.51 3.90 -0.20
N ALA A 107 -0.54 4.31 -0.90
CA ALA A 107 -1.51 5.23 -0.33
C ALA A 107 -2.00 4.75 1.02
N MET A 108 -2.44 3.50 1.09
CA MET A 108 -2.93 2.93 2.33
C MET A 108 -1.80 2.72 3.32
N LEU A 109 -0.61 2.43 2.80
CA LEU A 109 0.56 2.20 3.65
C LEU A 109 0.84 3.42 4.52
N ASN A 110 0.35 4.58 4.09
CA ASN A 110 0.54 5.81 4.84
C ASN A 110 -0.60 6.03 5.83
N SER A 111 -1.26 4.95 6.22
CA SER A 111 -2.38 5.02 7.16
C SER A 111 -1.89 4.93 8.60
N ASN A 112 -0.85 4.11 8.80
CA ASN A 112 -0.29 3.93 10.14
C ASN A 112 0.90 4.85 10.36
N SER A 113 1.14 5.20 11.62
CA SER A 113 2.24 6.09 11.97
C SER A 113 3.59 5.42 11.70
N ASP A 114 3.84 4.30 12.38
CA ASP A 114 5.08 3.56 12.22
C ASP A 114 5.34 3.27 10.75
N THR A 115 4.28 3.03 9.99
CA THR A 115 4.39 2.73 8.57
C THR A 115 4.25 4.01 7.73
N ALA A 116 4.71 5.12 8.27
CA ALA A 116 4.64 6.40 7.58
C ALA A 116 5.81 6.56 6.61
N LEU A 117 6.47 5.46 6.30
CA LEU A 117 7.61 5.48 5.39
C LEU A 117 7.19 5.95 4.00
N SER A 118 5.95 5.64 3.63
CA SER A 118 5.43 6.02 2.33
C SER A 118 5.44 7.53 2.16
N VAL A 119 5.57 8.25 3.27
CA VAL A 119 5.61 9.71 3.25
C VAL A 119 6.65 10.22 2.27
N PRO A 120 6.26 11.19 1.43
CA PRO A 120 7.15 11.79 0.44
C PRO A 120 8.24 12.64 1.07
N PRO A 121 9.29 12.94 0.30
CA PRO A 121 10.42 13.75 0.76
C PRO A 121 10.03 15.21 0.95
N HIS A 122 11.02 16.05 1.26
CA HIS A 122 10.78 17.47 1.48
C HIS A 122 11.96 18.30 0.96
N ASP A 123 11.74 19.04 -0.11
CA ASP A 123 12.77 19.88 -0.69
C ASP A 123 13.41 20.77 0.36
N SER A 124 14.75 20.84 0.35
CA SER A 124 15.48 21.63 1.31
C SER A 124 16.77 22.18 0.69
N THR A 125 17.29 23.26 1.28
CA THR A 125 18.51 23.88 0.79
C THR A 125 19.37 24.40 1.94
N THR A 1 -29.87 -0.58 -8.28
CA THR A 1 -30.31 0.76 -7.95
C THR A 1 -29.41 1.39 -6.90
N ALA A 2 -29.65 2.66 -6.60
CA ALA A 2 -28.86 3.38 -5.61
C ALA A 2 -29.72 3.79 -4.42
N ASN A 3 -29.05 4.11 -3.30
CA ASN A 3 -29.75 4.51 -2.09
C ASN A 3 -30.13 5.98 -2.14
N THR A 4 -30.81 6.45 -1.09
CA THR A 4 -31.23 7.84 -1.02
C THR A 4 -30.17 8.70 -0.35
N ALA A 5 -29.83 8.36 0.89
CA ALA A 5 -28.83 9.10 1.64
C ALA A 5 -28.11 8.19 2.64
N SER A 6 -26.83 7.94 2.38
CA SER A 6 -26.02 7.09 3.25
C SER A 6 -24.60 7.62 3.36
N GLN A 7 -24.17 7.87 4.60
CA GLN A 7 -22.83 8.37 4.86
C GLN A 7 -22.18 7.65 6.03
N GLN A 8 -20.93 7.24 5.85
CA GLN A 8 -20.20 6.53 6.90
C GLN A 8 -18.71 6.72 6.73
N LEU A 9 -18.02 7.02 7.83
CA LEU A 9 -16.58 7.22 7.81
C LEU A 9 -15.86 6.11 8.58
N SER A 10 -15.19 5.23 7.83
CA SER A 10 -14.46 4.12 8.43
C SER A 10 -13.34 4.64 9.33
N LEU A 11 -13.38 4.26 10.60
CA LEU A 11 -12.38 4.67 11.57
C LEU A 11 -11.13 3.80 11.46
N ASP A 12 -11.33 2.52 11.21
CA ASP A 12 -10.22 1.57 11.08
C ASP A 12 -9.79 1.44 9.62
N PRO A 13 -8.54 1.02 9.41
CA PRO A 13 -7.98 0.84 8.06
C PRO A 13 -8.61 -0.34 7.32
N LYS A 14 -9.01 -1.36 8.08
CA LYS A 14 -9.63 -2.53 7.49
C LYS A 14 -10.83 -2.16 6.63
N GLN A 15 -11.67 -1.27 7.15
CA GLN A 15 -12.85 -0.84 6.42
C GLN A 15 -12.50 0.29 5.46
N ARG A 16 -11.67 1.22 5.90
CA ARG A 16 -11.25 2.35 5.08
C ARG A 16 -10.72 1.86 3.73
N SER A 17 -10.04 0.72 3.74
CA SER A 17 -9.48 0.16 2.52
C SER A 17 -10.54 0.06 1.43
N LYS A 18 -11.77 -0.17 1.82
CA LYS A 18 -12.87 -0.29 0.88
C LYS A 18 -13.29 1.08 0.36
N GLN A 19 -13.23 2.09 1.23
CA GLN A 19 -13.59 3.44 0.86
C GLN A 19 -12.53 4.07 -0.05
N ILE A 20 -11.27 3.96 0.37
CA ILE A 20 -10.16 4.51 -0.40
C ILE A 20 -10.16 3.97 -1.83
N LEU A 21 -10.44 2.68 -1.96
CA LEU A 21 -10.49 2.04 -3.27
C LEU A 21 -11.66 2.56 -4.09
N SER A 22 -12.77 2.82 -3.43
CA SER A 22 -13.97 3.32 -4.11
C SER A 22 -13.68 4.64 -4.81
N ASN A 23 -12.83 5.46 -4.20
CA ASN A 23 -12.48 6.76 -4.77
C ASN A 23 -10.99 6.80 -5.12
N LEU A 24 -10.45 5.66 -5.53
CA LEU A 24 -9.04 5.57 -5.91
C LEU A 24 -8.80 6.25 -7.25
N LYS A 25 -9.79 6.21 -8.13
CA LYS A 25 -9.68 6.83 -9.44
C LYS A 25 -9.20 8.27 -9.32
N LYS A 26 -9.61 8.94 -8.25
CA LYS A 26 -9.21 10.32 -8.01
C LYS A 26 -7.89 10.39 -7.25
N SER A 27 -6.90 9.66 -7.73
CA SER A 27 -5.58 9.63 -7.09
C SER A 27 -4.60 10.50 -7.87
N PRO A 28 -3.50 10.88 -7.20
CA PRO A 28 -2.45 11.70 -7.80
C PRO A 28 -1.65 10.95 -8.87
N PRO A 29 -0.85 11.70 -9.64
CA PRO A 29 -0.03 11.12 -10.72
C PRO A 29 1.11 10.28 -10.17
N LEU A 30 1.11 9.00 -10.52
CA LEU A 30 2.15 8.07 -10.07
C LEU A 30 2.81 7.37 -11.26
N ASN A 31 4.10 7.61 -11.44
CA ASN A 31 4.85 6.99 -12.54
C ASN A 31 5.88 6.00 -12.00
N LEU A 32 5.39 4.94 -11.37
CA LEU A 32 6.27 3.91 -10.82
C LEU A 32 6.49 2.79 -11.83
N ASN A 33 5.41 2.32 -12.43
CA ASN A 33 5.50 1.25 -13.42
C ASN A 33 6.11 -0.01 -12.80
N ILE A 34 5.71 -0.32 -11.57
CA ILE A 34 6.21 -1.50 -10.87
C ILE A 34 5.22 -2.64 -10.96
N SER A 35 5.49 -3.60 -11.84
CA SER A 35 4.62 -4.75 -12.02
C SER A 35 4.37 -5.45 -10.68
N LEU A 36 3.09 -5.73 -10.41
CA LEU A 36 2.71 -6.39 -9.16
C LEU A 36 2.73 -7.91 -9.32
N PRO A 37 3.59 -8.57 -8.54
CA PRO A 37 3.73 -10.04 -8.58
C PRO A 37 2.51 -10.74 -8.00
N THR A 38 2.18 -11.90 -8.57
CA THR A 38 1.04 -12.68 -8.11
C THR A 38 1.07 -12.87 -6.59
N ASP A 39 2.28 -12.90 -6.03
CA ASP A 39 2.46 -13.09 -4.60
C ASP A 39 1.53 -12.16 -3.81
N LEU A 40 1.37 -10.94 -4.31
CA LEU A 40 0.51 -9.96 -3.67
C LEU A 40 -0.87 -10.53 -3.41
N THR A 41 -1.42 -11.23 -4.40
CA THR A 41 -2.74 -11.83 -4.28
C THR A 41 -2.64 -13.33 -4.06
N SER A 42 -1.52 -13.77 -3.48
CA SER A 42 -1.30 -15.19 -3.21
C SER A 42 -2.39 -15.76 -2.31
N THR A 43 -2.20 -16.99 -1.87
CA THR A 43 -3.16 -17.65 -1.00
C THR A 43 -2.48 -18.18 0.26
N ASP A 44 -1.41 -17.53 0.67
CA ASP A 44 -0.67 -17.94 1.87
C ASP A 44 -0.01 -16.74 2.54
N PRO A 45 0.08 -16.79 3.87
CA PRO A 45 0.69 -15.71 4.66
C PRO A 45 2.19 -15.61 4.46
N ALA A 46 2.86 -16.76 4.49
CA ALA A 46 4.31 -16.81 4.31
C ALA A 46 4.73 -16.08 3.04
N LYS A 47 4.16 -16.49 1.91
CA LYS A 47 4.48 -15.87 0.62
C LYS A 47 3.96 -14.43 0.58
N GLN A 48 2.81 -14.20 1.20
CA GLN A 48 2.22 -12.87 1.23
C GLN A 48 3.20 -11.84 1.81
N GLN A 49 3.73 -12.14 2.98
CA GLN A 49 4.68 -11.24 3.64
C GLN A 49 5.98 -11.15 2.84
N ALA A 50 6.49 -12.30 2.43
CA ALA A 50 7.73 -12.35 1.65
C ALA A 50 7.69 -11.35 0.50
N ALA A 51 6.58 -11.32 -0.23
CA ALA A 51 6.43 -10.41 -1.35
C ALA A 51 6.27 -8.96 -0.87
N LEU A 52 5.47 -8.78 0.17
CA LEU A 52 5.23 -7.46 0.73
C LEU A 52 6.54 -6.72 0.94
N PHE A 53 7.50 -7.39 1.56
CA PHE A 53 8.80 -6.79 1.83
C PHE A 53 9.53 -6.47 0.53
N GLN A 54 9.33 -7.31 -0.47
CA GLN A 54 9.97 -7.11 -1.77
C GLN A 54 9.45 -5.85 -2.45
N VAL A 55 8.15 -5.80 -2.67
CA VAL A 55 7.52 -4.64 -3.30
C VAL A 55 7.87 -3.35 -2.57
N ILE A 56 7.72 -3.38 -1.25
CA ILE A 56 8.02 -2.21 -0.42
C ILE A 56 9.45 -1.73 -0.66
N ALA A 57 10.41 -2.64 -0.51
CA ALA A 57 11.82 -2.31 -0.70
C ALA A 57 12.03 -1.62 -2.04
N ALA A 58 11.33 -2.09 -3.07
CA ALA A 58 11.45 -1.52 -4.41
C ALA A 58 11.00 -0.06 -4.42
N LEU A 59 9.93 0.23 -3.69
CA LEU A 59 9.39 1.58 -3.63
C LEU A 59 10.40 2.54 -3.00
N GLN A 60 10.93 2.15 -1.84
CA GLN A 60 11.91 2.97 -1.13
C GLN A 60 13.12 3.26 -2.03
N LYS A 61 13.76 2.20 -2.50
CA LYS A 61 14.93 2.35 -3.37
C LYS A 61 14.59 3.18 -4.60
N HIS A 62 13.36 3.04 -5.09
CA HIS A 62 12.92 3.79 -6.26
C HIS A 62 12.73 5.27 -5.93
N PHE A 63 12.39 5.55 -4.67
CA PHE A 63 12.17 6.92 -4.22
C PHE A 63 13.49 7.68 -4.16
N LYS A 64 14.47 7.12 -3.46
CA LYS A 64 15.77 7.75 -3.32
C LYS A 64 16.67 7.40 -4.51
N THR A 65 16.96 6.12 -4.66
CA THR A 65 17.80 5.65 -5.75
C THR A 65 18.05 4.14 -5.66
N ASN A 66 18.12 3.49 -6.82
CA ASN A 66 18.35 2.05 -6.87
C ASN A 66 19.55 1.65 -6.02
N MET A 67 20.56 2.53 -5.99
CA MET A 67 21.76 2.26 -5.22
C MET A 67 21.51 2.45 -3.72
N GLU A 68 20.61 3.37 -3.39
CA GLU A 68 20.27 3.64 -2.00
C GLU A 68 19.89 2.36 -1.27
N ASN A 69 19.92 2.41 0.06
CA ASN A 69 19.58 1.25 0.87
C ASN A 69 18.07 1.20 1.15
N VAL A 70 17.63 0.11 1.77
CA VAL A 70 16.21 -0.05 2.10
C VAL A 70 15.99 -0.01 3.60
N ASN A 71 15.45 1.10 4.09
CA ASN A 71 15.19 1.28 5.51
C ASN A 71 14.37 0.10 6.06
N TYR A 72 15.05 -0.83 6.71
CA TYR A 72 14.39 -2.01 7.28
C TYR A 72 13.57 -1.63 8.50
N ASP A 73 14.09 -0.70 9.29
CA ASP A 73 13.40 -0.25 10.49
C ASP A 73 12.01 0.30 10.15
N LEU A 74 11.94 1.10 9.09
CA LEU A 74 10.67 1.68 8.66
C LEU A 74 9.86 0.67 7.85
N LEU A 75 10.55 -0.26 7.20
CA LEU A 75 9.89 -1.28 6.40
C LEU A 75 8.85 -2.03 7.21
N GLN A 76 9.15 -2.25 8.49
CA GLN A 76 8.23 -2.95 9.38
C GLN A 76 6.91 -2.20 9.50
N LYS A 77 6.99 -0.88 9.58
CA LYS A 77 5.79 -0.05 9.70
C LYS A 77 5.02 -0.03 8.40
N GLN A 78 5.70 0.32 7.31
CA GLN A 78 5.08 0.38 5.99
C GLN A 78 4.40 -0.93 5.65
N VAL A 79 5.06 -2.04 5.97
CA VAL A 79 4.52 -3.37 5.69
C VAL A 79 3.39 -3.71 6.66
N LYS A 80 3.57 -3.31 7.92
CA LYS A 80 2.56 -3.58 8.95
C LYS A 80 1.20 -3.03 8.54
N TYR A 81 1.19 -1.79 8.06
CA TYR A 81 -0.06 -1.16 7.63
C TYR A 81 -0.79 -2.04 6.63
N ILE A 82 -0.08 -2.49 5.60
CA ILE A 82 -0.67 -3.33 4.57
C ILE A 82 -1.11 -4.67 5.14
N MET A 83 -0.32 -5.18 6.10
CA MET A 83 -0.63 -6.46 6.73
C MET A 83 -2.00 -6.42 7.41
N ASP A 84 -2.22 -5.39 8.24
CA ASP A 84 -3.49 -5.25 8.94
C ASP A 84 -4.61 -4.91 7.97
N SER A 85 -4.28 -4.15 6.93
CA SER A 85 -5.28 -3.75 5.93
C SER A 85 -5.86 -4.98 5.23
N ASN A 86 -5.06 -6.03 5.13
CA ASN A 86 -5.49 -7.26 4.49
C ASN A 86 -5.73 -7.05 3.00
N MET A 87 -5.03 -6.07 2.44
CA MET A 87 -5.17 -5.76 1.01
C MET A 87 -4.85 -6.98 0.16
N LEU A 88 -3.73 -7.63 0.44
CA LEU A 88 -3.32 -8.81 -0.31
C LEU A 88 -4.46 -9.82 -0.39
N ASN A 89 -5.18 -9.97 0.71
CA ASN A 89 -6.30 -10.92 0.77
C ASN A 89 -7.56 -10.29 0.21
N LEU A 90 -7.62 -8.96 0.24
CA LEU A 90 -8.77 -8.23 -0.27
C LEU A 90 -9.19 -8.74 -1.64
N PRO A 91 -10.49 -9.00 -1.80
CA PRO A 91 -11.04 -9.51 -3.07
C PRO A 91 -11.01 -8.45 -4.17
N GLN A 92 -11.50 -7.25 -3.86
CA GLN A 92 -11.53 -6.17 -4.81
C GLN A 92 -10.13 -5.81 -5.29
N PHE A 93 -9.14 -6.09 -4.44
CA PHE A 93 -7.75 -5.80 -4.77
C PHE A 93 -7.26 -6.69 -5.90
N GLN A 94 -7.74 -7.93 -5.92
CA GLN A 94 -7.36 -8.88 -6.96
C GLN A 94 -8.12 -8.63 -8.26
N HIS A 95 -9.29 -8.00 -8.13
CA HIS A 95 -10.12 -7.70 -9.29
C HIS A 95 -9.55 -6.52 -10.08
N LEU A 96 -8.94 -5.57 -9.37
CA LEU A 96 -8.35 -4.39 -10.00
C LEU A 96 -7.12 -4.77 -10.80
N PRO A 97 -6.79 -3.95 -11.80
CA PRO A 97 -5.63 -4.18 -12.66
C PRO A 97 -4.30 -3.96 -11.93
N GLN A 98 -3.23 -4.52 -12.48
CA GLN A 98 -1.92 -4.40 -11.87
C GLN A 98 -1.58 -2.94 -11.60
N GLU A 99 -2.02 -2.06 -12.50
CA GLU A 99 -1.77 -0.63 -12.36
C GLU A 99 -2.48 -0.06 -11.14
N GLU A 100 -3.80 -0.19 -11.12
CA GLU A 100 -4.60 0.31 -10.00
C GLU A 100 -4.15 -0.32 -8.69
N LYS A 101 -3.74 -1.58 -8.75
CA LYS A 101 -3.30 -2.31 -7.56
C LYS A 101 -2.15 -1.56 -6.89
N MET A 102 -1.03 -1.42 -7.60
CA MET A 102 0.13 -0.73 -7.07
C MET A 102 -0.25 0.65 -6.54
N SER A 103 -0.93 1.44 -7.37
CA SER A 103 -1.34 2.78 -6.98
C SER A 103 -2.18 2.74 -5.70
N ALA A 104 -3.04 1.74 -5.59
CA ALA A 104 -3.89 1.59 -4.42
C ALA A 104 -3.05 1.32 -3.17
N ILE A 105 -2.12 0.39 -3.28
CA ILE A 105 -1.26 0.04 -2.15
C ILE A 105 -0.51 1.26 -1.63
N LEU A 106 0.18 1.96 -2.54
CA LEU A 106 0.93 3.15 -2.17
C LEU A 106 0.01 4.27 -1.74
N ALA A 107 -1.19 4.31 -2.31
CA ALA A 107 -2.17 5.33 -1.97
C ALA A 107 -2.55 5.27 -0.50
N MET A 108 -2.99 4.09 -0.06
CA MET A 108 -3.39 3.89 1.33
C MET A 108 -2.17 3.94 2.25
N LEU A 109 -1.02 3.52 1.73
CA LEU A 109 0.21 3.52 2.50
C LEU A 109 0.56 4.92 2.98
N ASN A 110 0.16 5.93 2.21
CA ASN A 110 0.43 7.31 2.56
C ASN A 110 -0.41 7.75 3.76
N SER A 111 -1.40 6.94 4.10
CA SER A 111 -2.28 7.23 5.23
C SER A 111 -1.47 7.66 6.45
N ASN A 112 -0.31 7.03 6.63
CA ASN A 112 0.56 7.34 7.76
C ASN A 112 1.75 8.19 7.32
N SER A 113 2.11 9.16 8.13
CA SER A 113 3.23 10.05 7.82
C SER A 113 4.55 9.28 7.84
N ASP A 114 4.67 8.33 8.77
CA ASP A 114 5.87 7.52 8.89
C ASP A 114 6.03 6.59 7.70
N THR A 115 4.92 6.00 7.27
CA THR A 115 4.93 5.08 6.14
C THR A 115 4.68 5.82 4.83
N ALA A 116 4.56 7.14 4.91
CA ALA A 116 4.32 7.97 3.73
C ALA A 116 5.21 7.52 2.56
N LEU A 117 6.51 7.70 2.70
CA LEU A 117 7.45 7.31 1.66
C LEU A 117 8.58 6.47 2.24
N SER A 118 9.18 6.94 3.32
CA SER A 118 10.28 6.24 3.96
C SER A 118 10.43 6.66 5.42
N VAL A 119 11.54 6.26 6.04
CA VAL A 119 11.80 6.61 7.43
C VAL A 119 11.75 8.12 7.64
N PRO A 120 11.05 8.54 8.69
CA PRO A 120 10.91 9.96 9.04
C PRO A 120 12.21 10.57 9.54
N PRO A 121 12.26 11.90 9.60
CA PRO A 121 13.44 12.64 10.06
C PRO A 121 13.67 12.47 11.56
N HIS A 122 14.94 12.27 11.93
CA HIS A 122 15.29 12.08 13.34
C HIS A 122 16.71 12.60 13.60
N ASP A 123 16.86 13.37 14.67
CA ASP A 123 18.16 13.92 15.04
C ASP A 123 18.45 13.68 16.52
N SER A 124 19.68 13.25 16.81
CA SER A 124 20.08 12.99 18.18
C SER A 124 21.04 14.07 18.69
N THR A 125 21.32 14.03 19.99
CA THR A 125 22.21 15.01 20.60
C THR A 125 23.62 14.89 20.03
N THR A 1 -34.25 12.03 4.78
CA THR A 1 -33.33 11.08 4.18
C THR A 1 -32.46 10.43 5.24
N ALA A 2 -32.72 9.16 5.53
CA ALA A 2 -31.95 8.42 6.53
C ALA A 2 -30.46 8.48 6.22
N ASN A 3 -30.10 8.12 4.99
CA ASN A 3 -28.70 8.13 4.57
C ASN A 3 -28.11 9.53 4.68
N THR A 4 -26.81 9.65 4.41
CA THR A 4 -26.12 10.93 4.47
C THR A 4 -25.44 11.25 3.15
N ALA A 5 -25.09 12.53 2.97
CA ALA A 5 -24.42 12.96 1.75
C ALA A 5 -23.09 12.24 1.57
N SER A 6 -22.21 12.41 2.55
CA SER A 6 -20.89 11.77 2.50
C SER A 6 -21.02 10.25 2.45
N GLN A 7 -21.82 9.71 3.36
CA GLN A 7 -22.02 8.26 3.43
C GLN A 7 -20.71 7.51 3.18
N GLN A 8 -19.62 8.03 3.75
CA GLN A 8 -18.31 7.40 3.58
C GLN A 8 -17.54 7.41 4.90
N LEU A 9 -17.50 6.25 5.55
CA LEU A 9 -16.80 6.11 6.82
C LEU A 9 -16.52 4.65 7.13
N SER A 10 -15.69 4.42 8.15
CA SER A 10 -15.34 3.06 8.54
C SER A 10 -14.82 3.02 9.98
N LEU A 11 -14.64 1.83 10.50
CA LEU A 11 -14.15 1.66 11.87
C LEU A 11 -12.90 0.80 11.90
N ASP A 12 -12.85 -0.20 11.04
CA ASP A 12 -11.70 -1.11 10.96
C ASP A 12 -10.99 -0.95 9.63
N PRO A 13 -9.72 -1.41 9.58
CA PRO A 13 -8.90 -1.33 8.37
C PRO A 13 -9.38 -2.28 7.28
N LYS A 14 -9.81 -3.47 7.69
CA LYS A 14 -10.31 -4.46 6.75
C LYS A 14 -11.55 -3.97 6.02
N GLN A 15 -12.36 -3.18 6.71
CA GLN A 15 -13.59 -2.64 6.13
C GLN A 15 -13.27 -1.42 5.26
N ARG A 16 -12.60 -0.43 5.84
CA ARG A 16 -12.24 0.78 5.11
C ARG A 16 -11.46 0.44 3.85
N SER A 17 -10.68 -0.63 3.91
CA SER A 17 -9.87 -1.06 2.77
C SER A 17 -10.73 -1.17 1.51
N LYS A 18 -11.98 -1.56 1.70
CA LYS A 18 -12.91 -1.71 0.58
C LYS A 18 -13.39 -0.35 0.08
N GLN A 19 -13.55 0.59 1.00
CA GLN A 19 -14.00 1.93 0.64
C GLN A 19 -12.89 2.71 -0.06
N ILE A 20 -11.69 2.69 0.53
CA ILE A 20 -10.55 3.38 -0.04
C ILE A 20 -10.30 2.95 -1.48
N LEU A 21 -10.37 1.64 -1.72
CA LEU A 21 -10.15 1.09 -3.05
C LEU A 21 -11.30 1.46 -3.98
N SER A 22 -12.52 1.15 -3.56
CA SER A 22 -13.70 1.44 -4.35
C SER A 22 -13.72 2.90 -4.79
N ASN A 23 -13.29 3.79 -3.89
CA ASN A 23 -13.27 5.22 -4.18
C ASN A 23 -11.82 5.72 -4.24
N LEU A 24 -10.92 4.88 -4.72
CA LEU A 24 -9.51 5.24 -4.84
C LEU A 24 -9.34 6.51 -5.67
N LYS A 25 -8.98 7.60 -5.00
CA LYS A 25 -8.78 8.88 -5.67
C LYS A 25 -7.84 8.73 -6.86
N LYS A 26 -8.38 8.89 -8.06
CA LYS A 26 -7.59 8.77 -9.28
C LYS A 26 -6.34 9.65 -9.21
N SER A 27 -5.20 9.02 -8.95
CA SER A 27 -3.93 9.74 -8.86
C SER A 27 -3.15 9.65 -10.16
N PRO A 28 -2.18 10.56 -10.34
CA PRO A 28 -1.34 10.60 -11.54
C PRO A 28 -0.37 9.43 -11.60
N PRO A 29 0.26 9.25 -12.77
CA PRO A 29 1.23 8.16 -12.99
C PRO A 29 2.52 8.36 -12.20
N LEU A 30 2.50 7.98 -10.93
CA LEU A 30 3.67 8.12 -10.07
C LEU A 30 4.79 7.20 -10.53
N ASN A 31 5.92 7.80 -10.91
CA ASN A 31 7.07 7.03 -11.36
C ASN A 31 7.79 6.37 -10.20
N LEU A 32 7.38 5.15 -9.87
CA LEU A 32 7.98 4.41 -8.77
C LEU A 32 9.08 3.47 -9.28
N ASN A 33 8.89 2.95 -10.48
CA ASN A 33 9.87 2.05 -11.09
C ASN A 33 9.98 0.75 -10.28
N ILE A 34 8.84 0.21 -9.88
CA ILE A 34 8.80 -1.02 -9.10
C ILE A 34 7.49 -1.76 -9.30
N SER A 35 7.53 -2.87 -10.03
CA SER A 35 6.33 -3.66 -10.29
C SER A 35 6.07 -4.64 -9.14
N LEU A 36 4.89 -5.25 -9.15
CA LEU A 36 4.51 -6.19 -8.11
C LEU A 36 4.34 -7.60 -8.69
N PRO A 37 5.17 -8.54 -8.22
CA PRO A 37 5.12 -9.94 -8.67
C PRO A 37 3.87 -10.66 -8.20
N THR A 38 3.45 -11.66 -8.97
CA THR A 38 2.26 -12.43 -8.63
C THR A 38 2.30 -12.90 -7.18
N ASP A 39 3.50 -13.22 -6.71
CA ASP A 39 3.69 -13.69 -5.33
C ASP A 39 2.98 -12.76 -4.35
N LEU A 40 3.09 -11.46 -4.59
CA LEU A 40 2.47 -10.46 -3.73
C LEU A 40 0.97 -10.73 -3.58
N THR A 41 0.35 -11.15 -4.68
CA THR A 41 -1.09 -11.43 -4.68
C THR A 41 -1.35 -12.93 -4.85
N SER A 42 -0.40 -13.74 -4.40
CA SER A 42 -0.52 -15.19 -4.49
C SER A 42 -1.75 -15.68 -3.74
N THR A 43 -1.86 -16.99 -3.59
CA THR A 43 -2.99 -17.59 -2.88
C THR A 43 -2.56 -18.15 -1.53
N ASP A 44 -1.52 -17.55 -0.96
CA ASP A 44 -1.01 -17.99 0.34
C ASP A 44 -0.38 -16.82 1.09
N PRO A 45 -0.36 -16.93 2.43
CA PRO A 45 0.22 -15.89 3.29
C PRO A 45 1.74 -15.82 3.18
N ALA A 46 2.38 -16.97 3.09
CA ALA A 46 3.83 -17.04 2.98
C ALA A 46 4.32 -16.28 1.75
N LYS A 47 3.78 -16.65 0.58
CA LYS A 47 4.16 -15.99 -0.66
C LYS A 47 3.74 -14.53 -0.67
N GLN A 48 2.56 -14.27 -0.12
CA GLN A 48 2.04 -12.90 -0.06
C GLN A 48 2.98 -11.99 0.73
N GLN A 49 3.32 -12.41 1.94
CA GLN A 49 4.21 -11.63 2.80
C GLN A 49 5.61 -11.56 2.19
N ALA A 50 6.12 -12.71 1.74
CA ALA A 50 7.45 -12.78 1.14
C ALA A 50 7.61 -11.72 0.06
N ALA A 51 6.63 -11.63 -0.84
CA ALA A 51 6.66 -10.67 -1.92
C ALA A 51 6.54 -9.24 -1.40
N LEU A 52 5.63 -9.06 -0.43
CA LEU A 52 5.41 -7.74 0.15
C LEU A 52 6.72 -7.11 0.60
N PHE A 53 7.45 -7.82 1.45
CA PHE A 53 8.74 -7.33 1.96
C PHE A 53 9.63 -6.86 0.81
N GLN A 54 9.51 -7.54 -0.34
CA GLN A 54 10.31 -7.19 -1.50
C GLN A 54 9.87 -5.85 -2.09
N VAL A 55 8.59 -5.76 -2.46
CA VAL A 55 8.05 -4.53 -3.03
C VAL A 55 8.25 -3.35 -2.08
N ILE A 56 8.08 -3.61 -0.79
CA ILE A 56 8.24 -2.57 0.22
C ILE A 56 9.70 -2.16 0.37
N ALA A 57 10.58 -3.16 0.47
CA ALA A 57 12.01 -2.90 0.61
C ALA A 57 12.51 -1.98 -0.50
N ALA A 58 12.15 -2.30 -1.73
CA ALA A 58 12.58 -1.50 -2.88
C ALA A 58 11.98 -0.11 -2.83
N LEU A 59 10.68 -0.04 -2.57
CA LEU A 59 9.97 1.24 -2.49
C LEU A 59 10.57 2.12 -1.39
N GLN A 60 10.99 1.49 -0.30
CA GLN A 60 11.58 2.21 0.82
C GLN A 60 12.94 2.78 0.44
N LYS A 61 13.87 1.89 0.10
CA LYS A 61 15.22 2.30 -0.29
C LYS A 61 15.18 3.39 -1.36
N HIS A 62 14.15 3.33 -2.21
CA HIS A 62 13.99 4.31 -3.28
C HIS A 62 13.35 5.60 -2.74
N PHE A 63 12.49 5.44 -1.75
CA PHE A 63 11.81 6.60 -1.15
C PHE A 63 12.76 7.40 -0.27
N LYS A 64 13.83 6.74 0.19
CA LYS A 64 14.82 7.39 1.04
C LYS A 64 15.90 8.05 0.21
N THR A 65 16.58 7.26 -0.61
CA THR A 65 17.65 7.78 -1.46
C THR A 65 18.36 6.65 -2.20
N ASN A 66 19.06 7.00 -3.28
CA ASN A 66 19.77 6.02 -4.07
C ASN A 66 20.76 5.24 -3.21
N MET A 67 21.13 5.82 -2.08
CA MET A 67 22.07 5.18 -1.16
C MET A 67 21.67 3.73 -0.91
N GLU A 68 20.38 3.45 -1.03
CA GLU A 68 19.88 2.09 -0.82
C GLU A 68 19.90 1.74 0.67
N ASN A 69 18.72 1.70 1.27
CA ASN A 69 18.59 1.39 2.69
C ASN A 69 17.22 0.77 2.99
N VAL A 70 17.16 -0.01 4.06
CA VAL A 70 15.91 -0.66 4.47
C VAL A 70 15.62 -0.41 5.94
N ASN A 71 14.46 0.19 6.21
CA ASN A 71 14.06 0.48 7.58
C ASN A 71 13.03 -0.54 8.08
N TYR A 72 13.53 -1.68 8.56
CA TYR A 72 12.65 -2.73 9.06
C TYR A 72 11.70 -2.19 10.13
N ASP A 73 12.17 -1.21 10.89
CA ASP A 73 11.37 -0.60 11.94
C ASP A 73 10.02 -0.14 11.40
N LEU A 74 10.06 0.69 10.36
CA LEU A 74 8.85 1.22 9.75
C LEU A 74 8.22 0.18 8.80
N LEU A 75 9.07 -0.68 8.24
CA LEU A 75 8.61 -1.71 7.32
C LEU A 75 7.53 -2.58 7.97
N GLN A 76 7.79 -3.02 9.20
CA GLN A 76 6.84 -3.85 9.93
C GLN A 76 5.47 -3.20 9.98
N LYS A 77 5.46 -1.87 10.07
CA LYS A 77 4.21 -1.12 10.13
C LYS A 77 3.53 -1.09 8.76
N GLN A 78 4.27 -0.63 7.75
CA GLN A 78 3.75 -0.56 6.39
C GLN A 78 3.22 -1.92 5.94
N VAL A 79 3.95 -2.97 6.28
CA VAL A 79 3.56 -4.32 5.90
C VAL A 79 2.36 -4.80 6.73
N LYS A 80 2.42 -4.58 8.03
CA LYS A 80 1.35 -4.99 8.93
C LYS A 80 0.00 -4.47 8.44
N TYR A 81 -0.04 -3.19 8.10
CA TYR A 81 -1.28 -2.57 7.62
C TYR A 81 -1.85 -3.35 6.45
N ILE A 82 -1.07 -3.46 5.38
CA ILE A 82 -1.51 -4.19 4.19
C ILE A 82 -1.94 -5.61 4.54
N MET A 83 -1.10 -6.31 5.30
CA MET A 83 -1.40 -7.67 5.71
C MET A 83 -2.78 -7.75 6.36
N ASP A 84 -2.97 -6.98 7.43
CA ASP A 84 -4.25 -6.96 8.14
C ASP A 84 -5.38 -6.57 7.21
N SER A 85 -5.18 -5.50 6.45
CA SER A 85 -6.20 -5.02 5.52
C SER A 85 -6.66 -6.15 4.59
N ASN A 86 -5.76 -7.07 4.29
CA ASN A 86 -6.07 -8.20 3.42
C ASN A 86 -6.40 -7.72 2.01
N MET A 87 -5.84 -6.57 1.63
CA MET A 87 -6.06 -6.00 0.31
C MET A 87 -5.54 -6.94 -0.78
N LEU A 88 -4.47 -7.67 -0.46
CA LEU A 88 -3.88 -8.60 -1.42
C LEU A 88 -4.90 -9.62 -1.90
N ASN A 89 -5.69 -10.16 -0.96
CA ASN A 89 -6.71 -11.14 -1.29
C ASN A 89 -8.03 -10.46 -1.66
N LEU A 90 -8.25 -9.29 -1.09
CA LEU A 90 -9.48 -8.53 -1.36
C LEU A 90 -9.71 -8.40 -2.86
N PRO A 91 -10.97 -8.60 -3.27
CA PRO A 91 -11.36 -8.51 -4.69
C PRO A 91 -11.31 -7.08 -5.21
N GLN A 92 -11.52 -6.12 -4.31
CA GLN A 92 -11.50 -4.72 -4.68
C GLN A 92 -10.13 -4.31 -5.22
N PHE A 93 -9.08 -4.77 -4.55
CA PHE A 93 -7.71 -4.46 -4.97
C PHE A 93 -7.23 -5.44 -6.03
N GLN A 94 -7.68 -6.68 -5.93
CA GLN A 94 -7.29 -7.71 -6.88
C GLN A 94 -7.93 -7.48 -8.24
N HIS A 95 -9.04 -6.73 -8.25
CA HIS A 95 -9.74 -6.42 -9.49
C HIS A 95 -8.99 -5.37 -10.30
N LEU A 96 -8.33 -4.45 -9.60
CA LEU A 96 -7.57 -3.39 -10.26
C LEU A 96 -6.34 -3.96 -10.96
N PRO A 97 -5.88 -3.26 -12.00
CA PRO A 97 -4.70 -3.67 -12.77
C PRO A 97 -3.41 -3.52 -11.98
N GLN A 98 -2.37 -4.22 -12.42
CA GLN A 98 -1.07 -4.16 -11.75
C GLN A 98 -0.63 -2.71 -11.53
N GLU A 99 -0.74 -1.91 -12.59
CA GLU A 99 -0.35 -0.50 -12.51
C GLU A 99 -1.10 0.21 -11.39
N GLU A 100 -2.38 -0.13 -11.23
CA GLU A 100 -3.21 0.48 -10.20
C GLU A 100 -2.88 -0.10 -8.82
N LYS A 101 -2.58 -1.39 -8.79
CA LYS A 101 -2.24 -2.06 -7.54
C LYS A 101 -1.16 -1.31 -6.79
N MET A 102 -0.04 -1.04 -7.47
CA MET A 102 1.07 -0.31 -6.87
C MET A 102 0.59 1.00 -6.24
N SER A 103 -0.05 1.83 -7.04
CA SER A 103 -0.57 3.12 -6.56
C SER A 103 -1.51 2.91 -5.38
N ALA A 104 -2.32 1.86 -5.45
CA ALA A 104 -3.27 1.56 -4.39
C ALA A 104 -2.56 1.24 -3.08
N ILE A 105 -1.58 0.34 -3.16
CA ILE A 105 -0.81 -0.06 -1.98
C ILE A 105 -0.15 1.14 -1.33
N LEU A 106 0.55 1.94 -2.13
CA LEU A 106 1.24 3.12 -1.63
C LEU A 106 0.25 4.10 -1.01
N ALA A 107 -0.79 4.43 -1.76
CA ALA A 107 -1.81 5.35 -1.27
C ALA A 107 -2.34 4.93 0.10
N MET A 108 -2.78 3.68 0.20
CA MET A 108 -3.30 3.15 1.46
C MET A 108 -2.24 3.22 2.56
N LEU A 109 -0.98 3.00 2.18
CA LEU A 109 0.12 3.04 3.13
C LEU A 109 0.21 4.41 3.80
N ASN A 110 -0.39 5.41 3.18
CA ASN A 110 -0.38 6.76 3.71
C ASN A 110 -1.60 7.02 4.59
N SER A 111 -2.16 5.94 5.14
CA SER A 111 -3.34 6.05 6.00
C SER A 111 -2.93 6.11 7.47
N ASN A 112 -1.95 5.30 7.84
CA ASN A 112 -1.46 5.26 9.21
C ASN A 112 -0.19 6.08 9.36
N SER A 113 0.02 6.64 10.55
CA SER A 113 1.20 7.46 10.83
C SER A 113 2.46 6.61 10.80
N ASP A 114 2.40 5.44 11.43
CA ASP A 114 3.54 4.53 11.47
C ASP A 114 4.08 4.27 10.07
N THR A 115 3.17 4.04 9.13
CA THR A 115 3.55 3.76 7.74
C THR A 115 3.50 5.03 6.91
N ALA A 116 3.75 6.17 7.54
CA ALA A 116 3.74 7.44 6.85
C ALA A 116 5.12 7.77 6.28
N LEU A 117 5.94 6.74 6.11
CA LEU A 117 7.29 6.93 5.57
C LEU A 117 7.24 7.54 4.18
N SER A 118 6.09 7.44 3.52
CA SER A 118 5.92 7.99 2.18
C SER A 118 6.44 9.42 2.12
N VAL A 119 6.32 10.14 3.23
CA VAL A 119 6.79 11.52 3.31
C VAL A 119 8.25 11.63 2.89
N PRO A 120 8.56 12.62 2.03
CA PRO A 120 9.91 12.86 1.54
C PRO A 120 10.84 13.39 2.64
N PRO A 121 12.15 13.40 2.35
CA PRO A 121 13.16 13.88 3.29
C PRO A 121 13.10 15.39 3.48
N HIS A 122 14.10 15.93 4.16
CA HIS A 122 14.17 17.36 4.42
C HIS A 122 15.20 18.03 3.52
N ASP A 123 16.30 17.33 3.27
CA ASP A 123 17.38 17.85 2.43
C ASP A 123 18.20 16.72 1.85
N SER A 124 18.45 16.78 0.55
CA SER A 124 19.24 15.76 -0.14
C SER A 124 20.60 16.30 -0.56
N THR A 125 21.45 15.42 -1.07
CA THR A 125 22.79 15.81 -1.50
C THR A 125 22.71 16.88 -2.59
N THR A 1 -26.24 21.54 1.84
CA THR A 1 -25.60 20.67 2.82
C THR A 1 -26.63 19.97 3.70
N ALA A 2 -26.33 18.72 4.07
CA ALA A 2 -27.23 17.95 4.91
C ALA A 2 -26.80 18.00 6.38
N ASN A 3 -27.71 17.63 7.27
CA ASN A 3 -27.42 17.63 8.70
C ASN A 3 -27.29 16.20 9.23
N THR A 4 -28.13 15.31 8.72
CA THR A 4 -28.10 13.92 9.14
C THR A 4 -27.31 13.06 8.16
N ALA A 5 -26.38 12.27 8.69
CA ALA A 5 -25.55 11.40 7.87
C ALA A 5 -24.88 12.18 6.75
N SER A 6 -24.39 13.38 7.06
CA SER A 6 -23.74 14.23 6.08
C SER A 6 -22.33 13.72 5.77
N GLN A 7 -21.52 13.56 6.81
CA GLN A 7 -20.16 13.08 6.65
C GLN A 7 -20.00 11.68 7.25
N GLN A 8 -19.46 10.76 6.46
CA GLN A 8 -19.26 9.39 6.92
C GLN A 8 -18.00 8.79 6.30
N LEU A 9 -17.12 8.26 7.14
CA LEU A 9 -15.89 7.66 6.66
C LEU A 9 -15.63 6.33 7.37
N SER A 10 -14.96 5.42 6.68
CA SER A 10 -14.65 4.10 7.24
C SER A 10 -13.94 4.24 8.58
N LEU A 11 -14.06 3.22 9.42
CA LEU A 11 -13.44 3.22 10.74
C LEU A 11 -12.41 2.10 10.86
N ASP A 12 -12.71 0.96 10.22
CA ASP A 12 -11.82 -0.19 10.27
C ASP A 12 -10.96 -0.25 9.01
N PRO A 13 -9.85 -0.99 9.08
CA PRO A 13 -8.91 -1.15 7.97
C PRO A 13 -9.50 -1.98 6.83
N LYS A 14 -10.13 -3.09 7.18
CA LYS A 14 -10.74 -3.97 6.20
C LYS A 14 -11.85 -3.25 5.44
N GLN A 15 -12.53 -2.32 6.12
CA GLN A 15 -13.61 -1.57 5.52
C GLN A 15 -13.07 -0.52 4.54
N ARG A 16 -12.18 0.34 5.05
CA ARG A 16 -11.59 1.39 4.23
C ARG A 16 -10.93 0.80 2.99
N SER A 17 -10.35 -0.39 3.13
CA SER A 17 -9.68 -1.05 2.02
C SER A 17 -10.60 -1.13 0.80
N LYS A 18 -11.90 -1.26 1.06
CA LYS A 18 -12.88 -1.35 -0.02
C LYS A 18 -13.13 0.02 -0.64
N GLN A 19 -13.08 1.07 0.19
CA GLN A 19 -13.30 2.43 -0.29
C GLN A 19 -12.10 2.92 -1.09
N ILE A 20 -10.90 2.73 -0.54
CA ILE A 20 -9.68 3.16 -1.20
C ILE A 20 -9.58 2.56 -2.61
N LEU A 21 -9.89 1.27 -2.71
CA LEU A 21 -9.84 0.57 -4.00
C LEU A 21 -10.89 1.13 -4.95
N SER A 22 -12.03 1.52 -4.40
CA SER A 22 -13.13 2.06 -5.22
C SER A 22 -12.66 3.27 -6.00
N ASN A 23 -11.85 4.12 -5.37
CA ASN A 23 -11.33 5.31 -6.01
C ASN A 23 -9.82 5.22 -6.22
N LEU A 24 -9.34 4.00 -6.44
CA LEU A 24 -7.91 3.78 -6.65
C LEU A 24 -7.43 4.46 -7.93
N LYS A 25 -8.32 4.54 -8.92
CA LYS A 25 -7.99 5.17 -10.19
C LYS A 25 -7.33 6.53 -9.97
N LYS A 26 -7.78 7.23 -8.92
CA LYS A 26 -7.23 8.54 -8.60
C LYS A 26 -6.13 8.44 -7.56
N SER A 27 -4.94 8.02 -8.00
CA SER A 27 -3.80 7.87 -7.10
C SER A 27 -2.79 8.99 -7.31
N PRO A 28 -1.93 9.21 -6.30
CA PRO A 28 -0.90 10.24 -6.35
C PRO A 28 0.20 9.92 -7.36
N PRO A 29 1.00 10.93 -7.72
CA PRO A 29 2.11 10.78 -8.67
C PRO A 29 3.26 9.95 -8.09
N LEU A 30 3.53 8.82 -8.73
CA LEU A 30 4.60 7.94 -8.29
C LEU A 30 5.26 7.24 -9.46
N ASN A 31 6.55 7.49 -9.65
CA ASN A 31 7.29 6.87 -10.75
C ASN A 31 8.13 5.69 -10.25
N LEU A 32 7.47 4.74 -9.60
CA LEU A 32 8.15 3.57 -9.07
C LEU A 32 8.62 2.66 -10.21
N ASN A 33 7.70 2.31 -11.10
CA ASN A 33 8.04 1.45 -12.23
C ASN A 33 8.42 0.05 -11.76
N ILE A 34 7.74 -0.43 -10.72
CA ILE A 34 8.01 -1.75 -10.18
C ILE A 34 6.98 -2.77 -10.65
N SER A 35 7.42 -3.98 -10.91
CA SER A 35 6.54 -5.04 -11.38
C SER A 35 5.95 -5.81 -10.20
N LEU A 36 4.91 -6.59 -10.48
CA LEU A 36 4.25 -7.38 -9.45
C LEU A 36 4.49 -8.87 -9.66
N PRO A 37 5.45 -9.43 -8.91
CA PRO A 37 5.79 -10.86 -8.99
C PRO A 37 4.69 -11.76 -8.44
N THR A 38 4.45 -12.87 -9.11
CA THR A 38 3.43 -13.82 -8.67
C THR A 38 3.56 -14.14 -7.20
N ASP A 39 4.81 -14.21 -6.72
CA ASP A 39 5.07 -14.51 -5.32
C ASP A 39 4.25 -13.61 -4.41
N LEU A 40 4.19 -12.33 -4.75
CA LEU A 40 3.43 -11.36 -3.95
C LEU A 40 1.98 -11.79 -3.82
N THR A 41 1.45 -12.40 -4.86
CA THR A 41 0.06 -12.86 -4.86
C THR A 41 -0.01 -14.39 -4.87
N SER A 42 1.02 -15.03 -4.33
CA SER A 42 1.07 -16.48 -4.28
C SER A 42 -0.10 -17.04 -3.47
N THR A 43 -0.22 -18.36 -3.44
CA THR A 43 -1.29 -19.02 -2.71
C THR A 43 -0.82 -19.44 -1.32
N ASP A 44 0.16 -18.73 -0.79
CA ASP A 44 0.69 -19.02 0.54
C ASP A 44 1.21 -17.75 1.21
N PRO A 45 1.23 -17.75 2.55
CA PRO A 45 1.71 -16.61 3.35
C PRO A 45 3.21 -16.41 3.22
N ALA A 46 3.94 -17.51 3.05
CA ALA A 46 5.39 -17.44 2.92
C ALA A 46 5.80 -16.61 1.71
N LYS A 47 5.29 -16.99 0.54
CA LYS A 47 5.60 -16.28 -0.69
C LYS A 47 4.93 -14.90 -0.71
N GLN A 48 3.69 -14.85 -0.23
CA GLN A 48 2.95 -13.59 -0.20
C GLN A 48 3.68 -12.54 0.65
N GLN A 49 4.03 -12.92 1.87
CA GLN A 49 4.74 -12.02 2.77
C GLN A 49 6.15 -11.74 2.27
N ALA A 50 6.84 -12.79 1.86
CA ALA A 50 8.20 -12.66 1.35
C ALA A 50 8.30 -11.56 0.31
N ALA A 51 7.40 -11.59 -0.67
CA ALA A 51 7.38 -10.59 -1.73
C ALA A 51 6.92 -9.24 -1.21
N LEU A 52 5.92 -9.27 -0.32
CA LEU A 52 5.38 -8.05 0.26
C LEU A 52 6.49 -7.18 0.85
N PHE A 53 7.27 -7.76 1.75
CA PHE A 53 8.37 -7.03 2.38
C PHE A 53 9.29 -6.41 1.32
N GLN A 54 9.75 -7.24 0.40
CA GLN A 54 10.63 -6.78 -0.67
C GLN A 54 10.02 -5.60 -1.42
N VAL A 55 8.75 -5.74 -1.79
CA VAL A 55 8.04 -4.69 -2.51
C VAL A 55 8.08 -3.37 -1.74
N ILE A 56 7.52 -3.39 -0.53
CA ILE A 56 7.49 -2.20 0.30
C ILE A 56 8.89 -1.64 0.52
N ALA A 57 9.80 -2.50 0.95
CA ALA A 57 11.18 -2.11 1.19
C ALA A 57 11.76 -1.36 -0.01
N ALA A 58 11.39 -1.80 -1.20
CA ALA A 58 11.87 -1.17 -2.42
C ALA A 58 11.26 0.22 -2.60
N LEU A 59 9.98 0.34 -2.29
CA LEU A 59 9.28 1.61 -2.41
C LEU A 59 9.97 2.70 -1.60
N GLN A 60 10.22 2.41 -0.32
CA GLN A 60 10.88 3.36 0.56
C GLN A 60 12.31 3.61 0.11
N LYS A 61 13.00 2.55 -0.31
CA LYS A 61 14.38 2.66 -0.77
C LYS A 61 14.48 3.61 -1.96
N HIS A 62 13.45 3.62 -2.79
CA HIS A 62 13.43 4.49 -3.97
C HIS A 62 13.06 5.91 -3.59
N PHE A 63 12.15 6.05 -2.62
CA PHE A 63 11.71 7.35 -2.15
C PHE A 63 12.87 8.15 -1.57
N LYS A 64 13.67 7.49 -0.73
CA LYS A 64 14.81 8.14 -0.10
C LYS A 64 16.01 8.16 -1.04
N THR A 65 16.48 6.98 -1.43
CA THR A 65 17.62 6.85 -2.33
C THR A 65 17.99 5.40 -2.54
N ASN A 66 18.34 5.06 -3.78
CA ASN A 66 18.73 3.70 -4.13
C ASN A 66 19.80 3.17 -3.16
N MET A 67 20.68 4.07 -2.73
CA MET A 67 21.75 3.70 -1.80
C MET A 67 21.21 3.55 -0.38
N GLU A 68 20.19 4.34 -0.06
CA GLU A 68 19.60 4.29 1.27
C GLU A 68 19.30 2.85 1.69
N ASN A 69 19.05 2.65 2.97
CA ASN A 69 18.76 1.32 3.50
C ASN A 69 17.25 1.11 3.62
N VAL A 70 16.86 -0.07 4.11
CA VAL A 70 15.45 -0.39 4.27
C VAL A 70 15.04 -0.32 5.74
N ASN A 71 14.37 0.78 6.10
CA ASN A 71 13.92 0.97 7.48
C ASN A 71 13.03 -0.19 7.92
N TYR A 72 13.61 -1.13 8.65
CA TYR A 72 12.88 -2.29 9.15
C TYR A 72 11.88 -1.88 10.23
N ASP A 73 12.29 -0.93 11.07
CA ASP A 73 11.44 -0.45 12.15
C ASP A 73 10.07 -0.04 11.62
N LEU A 74 10.07 0.69 10.51
CA LEU A 74 8.82 1.15 9.90
C LEU A 74 8.21 0.07 9.01
N LEU A 75 9.07 -0.79 8.46
CA LEU A 75 8.63 -1.87 7.60
C LEU A 75 7.59 -2.74 8.29
N GLN A 76 7.84 -3.05 9.56
CA GLN A 76 6.92 -3.87 10.34
C GLN A 76 5.51 -3.32 10.27
N LYS A 77 5.39 -2.00 10.37
CA LYS A 77 4.08 -1.34 10.33
C LYS A 77 3.52 -1.35 8.90
N GLN A 78 4.39 -1.05 7.93
CA GLN A 78 3.98 -1.01 6.53
C GLN A 78 3.34 -2.34 6.12
N VAL A 79 4.01 -3.44 6.46
CA VAL A 79 3.51 -4.77 6.14
C VAL A 79 2.32 -5.14 7.01
N LYS A 80 2.44 -4.87 8.31
CA LYS A 80 1.38 -5.18 9.26
C LYS A 80 0.04 -4.63 8.77
N TYR A 81 0.06 -3.42 8.24
CA TYR A 81 -1.15 -2.79 7.73
C TYR A 81 -1.77 -3.61 6.61
N ILE A 82 -0.97 -3.95 5.60
CA ILE A 82 -1.44 -4.73 4.48
C ILE A 82 -1.90 -6.12 4.93
N MET A 83 -1.17 -6.69 5.88
CA MET A 83 -1.48 -8.02 6.40
C MET A 83 -2.89 -8.03 7.01
N ASP A 84 -3.11 -7.17 7.99
CA ASP A 84 -4.40 -7.08 8.66
C ASP A 84 -5.51 -6.75 7.66
N SER A 85 -5.20 -5.86 6.72
CA SER A 85 -6.18 -5.47 5.72
C SER A 85 -6.49 -6.62 4.77
N ASN A 86 -5.49 -7.45 4.51
CA ASN A 86 -5.66 -8.60 3.62
C ASN A 86 -5.97 -8.15 2.21
N MET A 87 -5.48 -6.97 1.84
CA MET A 87 -5.70 -6.42 0.51
C MET A 87 -5.13 -7.35 -0.57
N LEU A 88 -4.02 -7.99 -0.25
CA LEU A 88 -3.37 -8.90 -1.18
C LEU A 88 -4.27 -10.08 -1.52
N ASN A 89 -4.95 -10.61 -0.50
CA ASN A 89 -5.85 -11.74 -0.67
C ASN A 89 -7.22 -11.26 -1.17
N LEU A 90 -7.57 -10.03 -0.81
CA LEU A 90 -8.85 -9.46 -1.22
C LEU A 90 -9.09 -9.66 -2.70
N PRO A 91 -10.37 -9.84 -3.08
CA PRO A 91 -10.76 -10.05 -4.48
C PRO A 91 -10.61 -8.78 -5.31
N GLN A 92 -10.97 -7.65 -4.74
CA GLN A 92 -10.86 -6.37 -5.43
C GLN A 92 -9.45 -6.15 -5.95
N PHE A 93 -8.47 -6.67 -5.22
CA PHE A 93 -7.07 -6.52 -5.61
C PHE A 93 -6.71 -7.50 -6.73
N GLN A 94 -7.03 -8.77 -6.50
CA GLN A 94 -6.74 -9.81 -7.48
C GLN A 94 -7.50 -9.57 -8.78
N HIS A 95 -8.61 -8.85 -8.67
CA HIS A 95 -9.43 -8.54 -9.85
C HIS A 95 -9.03 -7.20 -10.45
N LEU A 96 -7.76 -6.84 -10.31
CA LEU A 96 -7.26 -5.58 -10.84
C LEU A 96 -5.94 -5.79 -11.60
N PRO A 97 -5.64 -4.87 -12.52
CA PRO A 97 -4.42 -4.93 -13.33
C PRO A 97 -3.17 -4.67 -12.51
N GLN A 98 -2.03 -5.18 -12.98
CA GLN A 98 -0.76 -5.00 -12.28
C GLN A 98 -0.48 -3.52 -12.05
N GLU A 99 -0.87 -2.69 -13.02
CA GLU A 99 -0.66 -1.25 -12.91
C GLU A 99 -1.44 -0.66 -11.75
N GLU A 100 -2.67 -1.14 -11.58
CA GLU A 100 -3.53 -0.66 -10.50
C GLU A 100 -3.14 -1.29 -9.17
N LYS A 101 -2.74 -2.56 -9.21
CA LYS A 101 -2.34 -3.27 -8.01
C LYS A 101 -1.24 -2.54 -7.27
N MET A 102 -0.12 -2.29 -7.96
CA MET A 102 1.00 -1.58 -7.37
C MET A 102 0.55 -0.27 -6.75
N SER A 103 -0.07 0.58 -7.56
CA SER A 103 -0.55 1.88 -7.09
C SER A 103 -1.48 1.72 -5.89
N ALA A 104 -2.24 0.63 -5.89
CA ALA A 104 -3.16 0.35 -4.80
C ALA A 104 -2.43 0.16 -3.48
N ILE A 105 -1.45 -0.74 -3.48
CA ILE A 105 -0.66 -1.01 -2.28
C ILE A 105 0.04 0.24 -1.79
N LEU A 106 0.80 0.87 -2.68
CA LEU A 106 1.53 2.09 -2.34
C LEU A 106 0.59 3.16 -1.79
N ALA A 107 -0.48 3.42 -2.54
CA ALA A 107 -1.46 4.42 -2.12
C ALA A 107 -2.06 4.08 -0.76
N MET A 108 -2.25 2.79 -0.52
CA MET A 108 -2.81 2.33 0.75
C MET A 108 -1.86 2.61 1.91
N LEU A 109 -0.57 2.45 1.65
CA LEU A 109 0.46 2.69 2.66
C LEU A 109 0.35 4.10 3.21
N ASN A 110 0.01 5.05 2.34
CA ASN A 110 -0.12 6.44 2.74
C ASN A 110 -1.19 6.60 3.81
N SER A 111 -2.21 5.75 3.77
CA SER A 111 -3.30 5.80 4.73
C SER A 111 -2.76 5.84 6.16
N ASN A 112 -2.28 4.69 6.64
CA ASN A 112 -1.73 4.60 7.98
C ASN A 112 -0.59 5.60 8.18
N SER A 113 -0.60 6.28 9.32
CA SER A 113 0.43 7.26 9.63
C SER A 113 1.78 6.58 9.84
N ASP A 114 1.80 5.58 10.70
CA ASP A 114 3.03 4.83 11.00
C ASP A 114 3.68 4.35 9.70
N THR A 115 2.86 3.95 8.74
CA THR A 115 3.36 3.46 7.47
C THR A 115 3.31 4.54 6.40
N ALA A 116 3.40 5.80 6.83
CA ALA A 116 3.37 6.92 5.90
C ALA A 116 4.75 7.19 5.32
N LEU A 117 5.61 6.18 5.33
CA LEU A 117 6.96 6.31 4.81
C LEU A 117 6.93 6.73 3.34
N SER A 118 5.81 6.48 2.68
CA SER A 118 5.66 6.83 1.28
C SER A 118 6.05 8.28 1.03
N VAL A 119 5.94 9.10 2.07
CA VAL A 119 6.27 10.51 1.97
C VAL A 119 7.69 10.71 1.44
N PRO A 120 7.83 11.56 0.41
CA PRO A 120 9.13 11.84 -0.20
C PRO A 120 10.04 12.65 0.71
N PRO A 121 11.33 12.72 0.34
CA PRO A 121 12.33 13.47 1.12
C PRO A 121 12.11 14.97 1.06
N HIS A 122 13.08 15.72 1.58
CA HIS A 122 13.00 17.18 1.58
C HIS A 122 11.78 17.66 2.37
N ASP A 123 11.53 17.02 3.51
CA ASP A 123 10.40 17.38 4.35
C ASP A 123 10.64 18.71 5.04
N SER A 124 9.66 19.16 5.82
CA SER A 124 9.76 20.42 6.53
C SER A 124 9.35 20.26 7.99
N THR A 125 10.30 20.53 8.89
CA THR A 125 10.04 20.40 10.32
C THR A 125 9.39 19.06 10.66
N THR A 1 -26.90 -14.77 -2.49
CA THR A 1 -26.07 -13.62 -2.12
C THR A 1 -26.91 -12.45 -1.65
N ALA A 2 -26.41 -11.72 -0.67
CA ALA A 2 -27.13 -10.56 -0.13
C ALA A 2 -26.16 -9.53 0.40
N ASN A 3 -26.39 -8.27 0.06
CA ASN A 3 -25.54 -7.17 0.51
C ASN A 3 -26.38 -6.00 1.02
N THR A 4 -25.83 -5.25 1.98
CA THR A 4 -26.51 -4.11 2.55
C THR A 4 -25.63 -2.87 2.53
N ALA A 5 -26.24 -1.72 2.22
CA ALA A 5 -25.50 -0.46 2.17
C ALA A 5 -25.55 0.26 3.52
N SER A 6 -24.39 0.67 4.01
CA SER A 6 -24.30 1.36 5.28
C SER A 6 -24.37 2.88 5.08
N GLN A 7 -23.63 3.38 4.10
CA GLN A 7 -23.61 4.80 3.81
C GLN A 7 -23.13 5.59 5.02
N GLN A 8 -22.12 5.07 5.71
CA GLN A 8 -21.57 5.73 6.88
C GLN A 8 -20.07 5.96 6.72
N LEU A 9 -19.55 6.93 7.46
CA LEU A 9 -18.13 7.26 7.39
C LEU A 9 -17.31 6.35 8.31
N SER A 10 -16.74 5.30 7.73
CA SER A 10 -15.94 4.35 8.51
C SER A 10 -14.89 5.07 9.33
N LEU A 11 -14.58 4.53 10.50
CA LEU A 11 -13.59 5.12 11.39
C LEU A 11 -12.38 4.22 11.53
N ASP A 12 -12.03 3.52 10.45
CA ASP A 12 -10.88 2.62 10.45
C ASP A 12 -10.34 2.43 9.03
N PRO A 13 -9.05 2.06 8.94
CA PRO A 13 -8.38 1.84 7.65
C PRO A 13 -8.90 0.60 6.94
N LYS A 14 -9.31 -0.40 7.72
CA LYS A 14 -9.83 -1.64 7.16
C LYS A 14 -10.97 -1.37 6.19
N GLN A 15 -11.94 -0.58 6.63
CA GLN A 15 -13.09 -0.24 5.80
C GLN A 15 -12.78 0.95 4.90
N ARG A 16 -12.06 1.92 5.44
CA ARG A 16 -11.69 3.11 4.68
C ARG A 16 -10.99 2.74 3.39
N SER A 17 -10.25 1.63 3.41
CA SER A 17 -9.53 1.16 2.23
C SER A 17 -10.46 1.11 1.02
N LYS A 18 -11.72 0.77 1.27
CA LYS A 18 -12.71 0.67 0.20
C LYS A 18 -13.10 2.06 -0.31
N GLN A 19 -13.14 3.02 0.60
CA GLN A 19 -13.50 4.38 0.23
C GLN A 19 -12.36 5.07 -0.50
N ILE A 20 -11.16 5.00 0.08
CA ILE A 20 -9.98 5.63 -0.52
C ILE A 20 -9.75 5.10 -1.93
N LEU A 21 -10.06 3.83 -2.14
CA LEU A 21 -9.88 3.20 -3.44
C LEU A 21 -10.90 3.73 -4.44
N SER A 22 -12.01 4.25 -3.93
CA SER A 22 -13.07 4.79 -4.78
C SER A 22 -12.57 5.99 -5.58
N ASN A 23 -12.02 6.97 -4.88
CA ASN A 23 -11.49 8.18 -5.52
C ASN A 23 -9.98 8.07 -5.74
N LEU A 24 -9.32 7.34 -4.85
CA LEU A 24 -7.88 7.17 -4.93
C LEU A 24 -7.16 8.51 -5.02
N LYS A 25 -7.82 9.55 -4.53
CA LYS A 25 -7.26 10.89 -4.54
C LYS A 25 -6.73 11.25 -5.94
N LYS A 26 -7.34 10.66 -6.95
CA LYS A 26 -6.95 10.91 -8.33
C LYS A 26 -5.44 10.85 -8.49
N SER A 27 -4.81 9.94 -7.74
CA SER A 27 -3.36 9.78 -7.80
C SER A 27 -2.92 9.27 -9.17
N PRO A 28 -1.88 9.91 -9.72
CA PRO A 28 -1.33 9.54 -11.03
C PRO A 28 -0.63 8.18 -11.00
N PRO A 29 -0.33 7.66 -12.19
CA PRO A 29 0.35 6.36 -12.33
C PRO A 29 1.81 6.42 -11.89
N LEU A 30 2.19 5.50 -11.02
CA LEU A 30 3.56 5.45 -10.52
C LEU A 30 4.55 5.19 -11.65
N ASN A 31 5.49 6.11 -11.83
CA ASN A 31 6.50 5.98 -12.88
C ASN A 31 7.12 4.59 -12.86
N LEU A 32 7.47 4.13 -11.67
CA LEU A 32 8.08 2.81 -11.51
C LEU A 32 7.10 1.70 -11.89
N ASN A 33 5.83 1.91 -11.56
CA ASN A 33 4.79 0.94 -11.86
C ASN A 33 5.29 -0.48 -11.62
N ILE A 34 6.02 -0.66 -10.52
CA ILE A 34 6.57 -1.98 -10.18
C ILE A 34 5.48 -3.05 -10.25
N SER A 35 5.81 -4.18 -10.86
CA SER A 35 4.86 -5.28 -10.99
C SER A 35 4.73 -6.04 -9.67
N LEU A 36 3.54 -6.59 -9.43
CA LEU A 36 3.27 -7.34 -8.22
C LEU A 36 2.99 -8.81 -8.53
N PRO A 37 3.74 -9.70 -7.87
CA PRO A 37 3.60 -11.15 -8.06
C PRO A 37 2.29 -11.68 -7.48
N THR A 38 1.76 -12.74 -8.09
CA THR A 38 0.51 -13.34 -7.63
C THR A 38 0.54 -13.59 -6.13
N ASP A 39 1.73 -13.85 -5.60
CA ASP A 39 1.88 -14.11 -4.17
C ASP A 39 1.21 -13.00 -3.35
N LEU A 40 1.45 -11.76 -3.73
CA LEU A 40 0.87 -10.61 -3.04
C LEU A 40 -0.65 -10.75 -2.94
N THR A 41 -1.24 -11.42 -3.91
CA THR A 41 -2.68 -11.62 -3.94
C THR A 41 -3.03 -13.10 -4.09
N SER A 42 -2.20 -13.95 -3.51
CA SER A 42 -2.42 -15.40 -3.59
C SER A 42 -3.44 -15.84 -2.54
N THR A 43 -4.44 -15.00 -2.31
CA THR A 43 -5.48 -15.31 -1.33
C THR A 43 -4.90 -16.00 -0.10
N ASP A 44 -3.74 -15.52 0.33
CA ASP A 44 -3.07 -16.09 1.50
C ASP A 44 -2.22 -15.03 2.21
N PRO A 45 -2.11 -15.16 3.54
CA PRO A 45 -1.32 -14.23 4.36
C PRO A 45 0.17 -14.34 4.11
N ALA A 46 0.67 -15.58 4.13
CA ALA A 46 2.09 -15.84 3.91
C ALA A 46 2.57 -15.18 2.62
N LYS A 47 1.89 -15.48 1.52
CA LYS A 47 2.24 -14.92 0.22
C LYS A 47 1.99 -13.41 0.20
N GLN A 48 0.93 -12.98 0.87
CA GLN A 48 0.59 -11.56 0.92
C GLN A 48 1.72 -10.75 1.54
N GLN A 49 2.16 -11.16 2.73
CA GLN A 49 3.23 -10.47 3.42
C GLN A 49 4.56 -10.65 2.71
N ALA A 50 4.85 -11.89 2.31
CA ALA A 50 6.08 -12.21 1.61
C ALA A 50 6.29 -11.26 0.43
N ALA A 51 5.28 -11.13 -0.41
CA ALA A 51 5.35 -10.26 -1.58
C ALA A 51 5.35 -8.79 -1.17
N LEU A 52 4.53 -8.45 -0.18
CA LEU A 52 4.45 -7.08 0.31
C LEU A 52 5.83 -6.53 0.63
N PHE A 53 6.52 -7.19 1.55
CA PHE A 53 7.85 -6.77 1.95
C PHE A 53 8.74 -6.53 0.73
N GLN A 54 8.61 -7.39 -0.26
CA GLN A 54 9.40 -7.27 -1.49
C GLN A 54 9.04 -6.00 -2.24
N VAL A 55 7.75 -5.76 -2.43
CA VAL A 55 7.27 -4.58 -3.13
C VAL A 55 7.78 -3.31 -2.48
N ILE A 56 7.44 -3.12 -1.21
CA ILE A 56 7.86 -1.94 -0.47
C ILE A 56 9.38 -1.78 -0.53
N ALA A 57 10.10 -2.86 -0.23
CA ALA A 57 11.56 -2.82 -0.26
C ALA A 57 12.08 -2.26 -1.57
N ALA A 58 11.45 -2.68 -2.68
CA ALA A 58 11.85 -2.21 -4.00
C ALA A 58 11.65 -0.71 -4.13
N LEU A 59 10.55 -0.21 -3.58
CA LEU A 59 10.24 1.21 -3.64
C LEU A 59 11.31 2.04 -2.94
N GLN A 60 11.66 1.64 -1.72
CA GLN A 60 12.68 2.34 -0.94
C GLN A 60 14.01 2.36 -1.69
N LYS A 61 14.54 1.18 -1.99
CA LYS A 61 15.80 1.06 -2.71
C LYS A 61 15.77 1.87 -4.00
N HIS A 62 14.60 1.93 -4.63
CA HIS A 62 14.43 2.67 -5.88
C HIS A 62 14.57 4.18 -5.64
N PHE A 63 13.98 4.65 -4.56
CA PHE A 63 14.02 6.07 -4.22
C PHE A 63 15.47 6.52 -3.99
N LYS A 64 16.18 5.81 -3.13
CA LYS A 64 17.57 6.14 -2.83
C LYS A 64 18.51 5.12 -3.45
N THR A 65 18.27 4.79 -4.72
CA THR A 65 19.09 3.83 -5.44
C THR A 65 20.57 4.22 -5.39
N ASN A 66 20.82 5.53 -5.36
CA ASN A 66 22.18 6.05 -5.31
C ASN A 66 22.98 5.36 -4.21
N MET A 67 22.32 5.06 -3.10
CA MET A 67 22.97 4.41 -1.98
C MET A 67 22.51 2.95 -1.86
N GLU A 68 21.28 2.69 -2.27
CA GLU A 68 20.73 1.34 -2.21
C GLU A 68 20.58 0.87 -0.76
N ASN A 69 19.72 1.55 -0.01
CA ASN A 69 19.50 1.21 1.39
C ASN A 69 18.05 0.76 1.62
N VAL A 70 17.85 -0.10 2.60
CA VAL A 70 16.51 -0.59 2.92
C VAL A 70 16.21 -0.44 4.40
N ASN A 71 15.29 0.48 4.72
CA ASN A 71 14.90 0.72 6.10
C ASN A 71 13.94 -0.34 6.60
N TYR A 72 14.47 -1.35 7.27
CA TYR A 72 13.65 -2.44 7.81
C TYR A 72 12.62 -1.91 8.79
N ASP A 73 13.05 -1.04 9.70
CA ASP A 73 12.17 -0.46 10.69
C ASP A 73 10.94 0.16 10.03
N LEU A 74 11.18 0.94 8.98
CA LEU A 74 10.10 1.61 8.26
C LEU A 74 9.34 0.61 7.39
N LEU A 75 10.05 -0.37 6.86
CA LEU A 75 9.44 -1.40 6.02
C LEU A 75 8.29 -2.08 6.76
N GLN A 76 8.56 -2.55 7.98
CA GLN A 76 7.56 -3.22 8.78
C GLN A 76 6.32 -2.34 8.98
N LYS A 77 6.56 -1.04 9.13
CA LYS A 77 5.47 -0.08 9.33
C LYS A 77 4.69 0.11 8.04
N GLN A 78 5.38 0.51 6.98
CA GLN A 78 4.74 0.74 5.69
C GLN A 78 3.99 -0.51 5.23
N VAL A 79 4.58 -1.67 5.46
CA VAL A 79 3.96 -2.93 5.07
C VAL A 79 2.79 -3.28 5.99
N LYS A 80 3.00 -3.08 7.29
CA LYS A 80 1.96 -3.38 8.28
C LYS A 80 0.66 -2.68 7.93
N TYR A 81 0.77 -1.41 7.55
CA TYR A 81 -0.42 -0.62 7.18
C TYR A 81 -1.24 -1.35 6.12
N ILE A 82 -0.60 -1.70 5.01
CA ILE A 82 -1.27 -2.40 3.93
C ILE A 82 -1.90 -3.71 4.42
N MET A 83 -1.15 -4.45 5.24
CA MET A 83 -1.64 -5.71 5.77
C MET A 83 -2.89 -5.50 6.61
N ASP A 84 -2.82 -4.57 7.55
CA ASP A 84 -3.97 -4.27 8.41
C ASP A 84 -5.14 -3.76 7.60
N SER A 85 -4.85 -2.92 6.61
CA SER A 85 -5.89 -2.35 5.76
C SER A 85 -6.68 -3.45 5.07
N ASN A 86 -6.04 -4.59 4.84
CA ASN A 86 -6.69 -5.72 4.18
C ASN A 86 -7.02 -5.38 2.74
N MET A 87 -6.31 -4.41 2.17
CA MET A 87 -6.53 -4.00 0.79
C MET A 87 -6.31 -5.17 -0.16
N LEU A 88 -5.24 -5.93 0.07
CA LEU A 88 -4.92 -7.07 -0.78
C LEU A 88 -6.09 -8.05 -0.84
N ASN A 89 -6.84 -8.14 0.24
CA ASN A 89 -7.99 -9.03 0.31
C ASN A 89 -9.26 -8.32 -0.18
N LEU A 90 -9.29 -7.01 -0.02
CA LEU A 90 -10.44 -6.21 -0.44
C LEU A 90 -10.83 -6.54 -1.88
N PRO A 91 -12.14 -6.52 -2.16
CA PRO A 91 -12.67 -6.81 -3.49
C PRO A 91 -12.33 -5.71 -4.50
N GLN A 92 -12.24 -4.48 -4.02
CA GLN A 92 -11.92 -3.35 -4.88
C GLN A 92 -10.51 -3.47 -5.45
N PHE A 93 -9.58 -3.96 -4.63
CA PHE A 93 -8.20 -4.13 -5.05
C PHE A 93 -8.10 -5.14 -6.18
N GLN A 94 -8.60 -6.34 -5.94
CA GLN A 94 -8.57 -7.40 -6.95
C GLN A 94 -9.32 -6.99 -8.20
N HIS A 95 -10.24 -6.03 -8.04
CA HIS A 95 -11.03 -5.55 -9.17
C HIS A 95 -10.37 -4.34 -9.82
N LEU A 96 -9.05 -4.29 -9.76
CA LEU A 96 -8.29 -3.18 -10.35
C LEU A 96 -7.06 -3.69 -11.09
N PRO A 97 -6.59 -2.90 -12.06
CA PRO A 97 -5.42 -3.25 -12.87
C PRO A 97 -4.13 -3.20 -12.06
N GLN A 98 -3.10 -3.89 -12.56
CA GLN A 98 -1.81 -3.93 -11.88
C GLN A 98 -1.27 -2.52 -11.65
N GLU A 99 -1.50 -1.64 -12.61
CA GLU A 99 -1.04 -0.26 -12.51
C GLU A 99 -1.73 0.46 -11.35
N GLU A 100 -3.06 0.53 -11.40
CA GLU A 100 -3.82 1.19 -10.36
C GLU A 100 -3.55 0.55 -9.00
N LYS A 101 -3.35 -0.76 -9.00
CA LYS A 101 -3.08 -1.50 -7.77
C LYS A 101 -1.88 -0.91 -7.04
N MET A 102 -0.74 -0.85 -7.73
CA MET A 102 0.48 -0.32 -7.15
C MET A 102 0.24 1.08 -6.58
N SER A 103 -0.26 1.98 -7.42
CA SER A 103 -0.52 3.35 -6.99
C SER A 103 -1.45 3.37 -5.78
N ALA A 104 -2.44 2.49 -5.79
CA ALA A 104 -3.40 2.40 -4.69
C ALA A 104 -2.71 2.04 -3.39
N ILE A 105 -1.77 1.10 -3.45
CA ILE A 105 -1.03 0.67 -2.28
C ILE A 105 -0.15 1.78 -1.74
N LEU A 106 0.71 2.31 -2.61
CA LEU A 106 1.61 3.39 -2.22
C LEU A 106 0.84 4.61 -1.74
N ALA A 107 -0.25 4.94 -2.43
CA ALA A 107 -1.08 6.07 -2.07
C ALA A 107 -1.83 5.80 -0.77
N MET A 108 -2.19 4.54 -0.55
CA MET A 108 -2.92 4.16 0.66
C MET A 108 -2.07 4.38 1.90
N LEU A 109 -0.88 3.80 1.91
CA LEU A 109 0.03 3.94 3.04
C LEU A 109 0.45 5.40 3.23
N ASN A 110 0.43 6.15 2.14
CA ASN A 110 0.80 7.56 2.19
C ASN A 110 -0.06 8.33 3.18
N SER A 111 -1.23 7.79 3.47
CA SER A 111 -2.16 8.42 4.41
C SER A 111 -1.43 8.85 5.68
N ASN A 112 -0.45 8.05 6.09
CA ASN A 112 0.32 8.34 7.29
C ASN A 112 1.69 8.91 6.93
N SER A 113 1.98 10.12 7.42
CA SER A 113 3.25 10.78 7.14
C SER A 113 4.41 9.87 7.49
N ASP A 114 4.27 9.12 8.59
CA ASP A 114 5.32 8.21 9.03
C ASP A 114 5.68 7.22 7.93
N THR A 115 4.66 6.77 7.20
CA THR A 115 4.87 5.81 6.11
C THR A 115 4.65 6.46 4.75
N ALA A 116 4.71 7.79 4.72
CA ALA A 116 4.53 8.53 3.48
C ALA A 116 5.39 7.97 2.37
N LEU A 117 6.71 8.16 2.49
CA LEU A 117 7.65 7.68 1.49
C LEU A 117 8.80 6.92 2.14
N SER A 118 9.50 7.59 3.06
CA SER A 118 10.62 6.99 3.76
C SER A 118 10.58 7.31 5.25
N VAL A 119 11.68 7.02 5.95
CA VAL A 119 11.75 7.29 7.38
C VAL A 119 11.52 8.77 7.68
N PRO A 120 11.05 9.06 8.90
CA PRO A 120 10.78 10.43 9.34
C PRO A 120 12.06 11.24 9.54
N PRO A 121 11.91 12.56 9.70
CA PRO A 121 13.03 13.47 9.90
C PRO A 121 13.69 13.28 11.26
N HIS A 122 14.94 13.73 11.38
CA HIS A 122 15.69 13.61 12.63
C HIS A 122 17.00 14.39 12.55
N ASP A 123 17.25 15.19 13.58
CA ASP A 123 18.47 15.99 13.65
C ASP A 123 19.71 15.11 13.60
N SER A 124 19.62 13.93 14.22
CA SER A 124 20.74 13.00 14.25
C SER A 124 21.27 12.74 12.84
N THR A 125 20.37 12.71 11.86
CA THR A 125 20.75 12.48 10.48
C THR A 125 20.40 13.69 9.60
N THR A 1 -29.96 14.21 -8.68
CA THR A 1 -31.13 13.34 -8.56
C THR A 1 -31.35 12.92 -7.12
N ALA A 2 -30.26 12.71 -6.39
CA ALA A 2 -30.33 12.31 -4.99
C ALA A 2 -31.23 11.10 -4.81
N ASN A 3 -31.09 10.12 -5.70
CA ASN A 3 -31.89 8.91 -5.64
C ASN A 3 -31.40 7.99 -4.53
N THR A 4 -30.15 7.55 -4.63
CA THR A 4 -29.57 6.66 -3.63
C THR A 4 -28.28 7.25 -3.06
N ALA A 5 -27.93 6.84 -1.85
CA ALA A 5 -26.73 7.32 -1.19
C ALA A 5 -26.20 6.29 -0.20
N SER A 6 -24.88 6.05 -0.25
CA SER A 6 -24.25 5.09 0.64
C SER A 6 -23.20 5.78 1.53
N GLN A 7 -23.14 5.35 2.79
CA GLN A 7 -22.19 5.92 3.73
C GLN A 7 -21.33 4.83 4.37
N GLN A 8 -20.04 4.86 4.08
CA GLN A 8 -19.11 3.88 4.63
C GLN A 8 -18.08 4.54 5.55
N LEU A 9 -18.12 4.18 6.82
CA LEU A 9 -17.20 4.74 7.80
C LEU A 9 -17.08 3.82 9.02
N SER A 10 -15.85 3.46 9.36
CA SER A 10 -15.60 2.59 10.50
C SER A 10 -14.24 2.87 11.12
N LEU A 11 -13.93 2.18 12.22
CA LEU A 11 -12.65 2.37 12.90
C LEU A 11 -11.81 1.11 12.81
N ASP A 12 -11.69 0.57 11.59
CA ASP A 12 -10.90 -0.64 11.37
C ASP A 12 -10.17 -0.57 10.03
N PRO A 13 -9.08 -1.34 9.90
CA PRO A 13 -8.27 -1.38 8.69
C PRO A 13 -9.01 -2.06 7.54
N LYS A 14 -9.69 -3.15 7.84
CA LYS A 14 -10.44 -3.90 6.83
C LYS A 14 -11.56 -3.04 6.25
N GLN A 15 -12.28 -2.34 7.13
CA GLN A 15 -13.38 -1.50 6.70
C GLN A 15 -12.87 -0.27 5.95
N ARG A 16 -11.99 0.49 6.60
CA ARG A 16 -11.43 1.69 6.00
C ARG A 16 -10.76 1.37 4.67
N SER A 17 -10.18 0.17 4.57
CA SER A 17 -9.50 -0.26 3.36
C SER A 17 -10.41 -0.07 2.14
N LYS A 18 -11.71 -0.21 2.34
CA LYS A 18 -12.67 -0.05 1.26
C LYS A 18 -12.92 1.42 0.96
N GLN A 19 -12.88 2.25 2.00
CA GLN A 19 -13.09 3.68 1.84
C GLN A 19 -11.88 4.34 1.19
N ILE A 20 -10.70 3.85 1.53
CA ILE A 20 -9.46 4.40 0.99
C ILE A 20 -9.28 3.98 -0.47
N LEU A 21 -9.58 2.71 -0.76
CA LEU A 21 -9.43 2.18 -2.11
C LEU A 21 -10.40 2.89 -3.06
N SER A 22 -11.54 3.31 -2.54
CA SER A 22 -12.55 3.99 -3.35
C SER A 22 -12.15 5.45 -3.59
N ASN A 23 -11.37 6.01 -2.66
CA ASN A 23 -10.93 7.39 -2.78
C ASN A 23 -9.45 7.46 -3.13
N LEU A 24 -8.99 6.49 -3.93
CA LEU A 24 -7.60 6.45 -4.35
C LEU A 24 -7.29 7.55 -5.35
N LYS A 25 -8.21 7.76 -6.29
CA LYS A 25 -8.04 8.79 -7.30
C LYS A 25 -7.64 10.12 -6.68
N LYS A 26 -8.20 10.41 -5.51
CA LYS A 26 -7.90 11.65 -4.80
C LYS A 26 -6.39 11.83 -4.64
N SER A 27 -5.70 10.74 -4.27
CA SER A 27 -4.27 10.79 -4.08
C SER A 27 -3.54 11.12 -5.38
N PRO A 28 -2.31 11.61 -5.27
CA PRO A 28 -1.49 11.98 -6.43
C PRO A 28 -1.03 10.77 -7.23
N PRO A 29 -0.53 11.02 -8.45
CA PRO A 29 -0.04 9.96 -9.33
C PRO A 29 1.24 9.32 -8.82
N LEU A 30 1.34 8.00 -8.93
CA LEU A 30 2.51 7.27 -8.47
C LEU A 30 3.35 6.80 -9.66
N ASN A 31 4.54 7.37 -9.81
CA ASN A 31 5.43 7.01 -10.90
C ASN A 31 6.58 6.15 -10.39
N LEU A 32 6.29 5.29 -9.43
CA LEU A 32 7.30 4.39 -8.86
C LEU A 32 7.75 3.36 -9.88
N ASN A 33 6.82 2.89 -10.70
CA ASN A 33 7.12 1.91 -11.72
C ASN A 33 7.66 0.61 -11.10
N ILE A 34 7.02 0.19 -10.00
CA ILE A 34 7.43 -1.02 -9.31
C ILE A 34 6.49 -2.18 -9.63
N SER A 35 6.98 -3.13 -10.41
CA SER A 35 6.18 -4.30 -10.79
C SER A 35 5.87 -5.16 -9.57
N LEU A 36 4.66 -5.71 -9.54
CA LEU A 36 4.24 -6.56 -8.43
C LEU A 36 4.00 -7.99 -8.91
N PRO A 37 4.79 -8.94 -8.37
CA PRO A 37 4.68 -10.36 -8.72
C PRO A 37 3.40 -10.99 -8.19
N THR A 38 2.91 -12.00 -8.90
CA THR A 38 1.69 -12.69 -8.50
C THR A 38 1.74 -13.09 -7.03
N ASP A 39 2.94 -13.44 -6.55
CA ASP A 39 3.13 -13.85 -5.17
C ASP A 39 2.49 -12.84 -4.22
N LEU A 40 2.67 -11.56 -4.50
CA LEU A 40 2.11 -10.50 -3.68
C LEU A 40 0.59 -10.65 -3.55
N THR A 41 -0.05 -11.09 -4.63
CA THR A 41 -1.49 -11.28 -4.64
C THR A 41 -1.85 -12.76 -4.73
N SER A 42 -0.96 -13.62 -4.22
CA SER A 42 -1.18 -15.05 -4.25
C SER A 42 -2.40 -15.42 -3.39
N THR A 43 -2.57 -16.72 -3.15
CA THR A 43 -3.68 -17.21 -2.36
C THR A 43 -3.20 -17.76 -1.03
N ASP A 44 -2.09 -17.24 -0.54
CA ASP A 44 -1.52 -17.69 0.73
C ASP A 44 -0.76 -16.55 1.42
N PRO A 45 -0.65 -16.63 2.75
CA PRO A 45 0.06 -15.63 3.54
C PRO A 45 1.57 -15.67 3.32
N ALA A 46 2.12 -16.88 3.21
CA ALA A 46 3.55 -17.04 3.00
C ALA A 46 4.02 -16.28 1.76
N LYS A 47 3.37 -16.54 0.63
CA LYS A 47 3.71 -15.88 -0.62
C LYS A 47 3.35 -14.40 -0.57
N GLN A 48 2.22 -14.09 0.06
CA GLN A 48 1.77 -12.71 0.18
C GLN A 48 2.80 -11.85 0.90
N GLN A 49 3.23 -12.32 2.07
CA GLN A 49 4.22 -11.59 2.86
C GLN A 49 5.57 -11.59 2.17
N ALA A 50 6.00 -12.76 1.72
CA ALA A 50 7.29 -12.90 1.03
C ALA A 50 7.42 -11.86 -0.08
N ALA A 51 6.36 -11.70 -0.85
CA ALA A 51 6.37 -10.74 -1.95
C ALA A 51 6.36 -9.31 -1.44
N LEU A 52 5.50 -9.05 -0.44
CA LEU A 52 5.40 -7.72 0.15
C LEU A 52 6.77 -7.17 0.50
N PHE A 53 7.58 -8.00 1.17
CA PHE A 53 8.92 -7.59 1.58
C PHE A 53 9.71 -7.08 0.38
N GLN A 54 9.55 -7.75 -0.76
CA GLN A 54 10.26 -7.36 -1.98
C GLN A 54 9.76 -6.02 -2.50
N VAL A 55 8.45 -5.91 -2.64
CA VAL A 55 7.83 -4.67 -3.13
C VAL A 55 8.22 -3.48 -2.26
N ILE A 56 7.98 -3.61 -0.96
CA ILE A 56 8.31 -2.55 -0.01
C ILE A 56 9.80 -2.23 -0.04
N ALA A 57 10.63 -3.27 -0.06
CA ALA A 57 12.07 -3.11 -0.08
C ALA A 57 12.51 -2.22 -1.24
N ALA A 58 12.11 -2.61 -2.46
CA ALA A 58 12.45 -1.86 -3.65
C ALA A 58 11.96 -0.42 -3.56
N LEU A 59 10.70 -0.26 -3.16
CA LEU A 59 10.10 1.07 -3.03
C LEU A 59 10.86 1.91 -2.02
N GLN A 60 11.19 1.31 -0.87
CA GLN A 60 11.93 2.02 0.16
C GLN A 60 13.32 2.39 -0.31
N LYS A 61 13.97 1.46 -1.01
CA LYS A 61 15.32 1.69 -1.53
C LYS A 61 15.35 2.91 -2.44
N HIS A 62 14.65 2.81 -3.57
CA HIS A 62 14.60 3.90 -4.54
C HIS A 62 14.10 5.19 -3.88
N PHE A 63 13.36 5.03 -2.78
CA PHE A 63 12.82 6.18 -2.06
C PHE A 63 13.95 7.00 -1.44
N LYS A 64 14.68 6.39 -0.51
CA LYS A 64 15.78 7.06 0.16
C LYS A 64 17.12 6.42 -0.23
N THR A 65 17.26 5.12 0.05
CA THR A 65 18.49 4.40 -0.26
C THR A 65 19.08 4.88 -1.58
N ASN A 66 20.33 5.35 -1.53
CA ASN A 66 21.01 5.84 -2.72
C ASN A 66 22.04 4.82 -3.20
N MET A 67 22.72 4.18 -2.26
CA MET A 67 23.73 3.18 -2.59
C MET A 67 23.43 1.85 -1.92
N GLU A 68 22.85 1.91 -0.73
CA GLU A 68 22.51 0.71 0.02
C GLU A 68 21.89 1.06 1.36
N ASN A 69 20.69 0.55 1.62
CA ASN A 69 20.00 0.81 2.87
C ASN A 69 18.61 0.15 2.87
N VAL A 70 18.17 -0.28 4.05
CA VAL A 70 16.87 -0.92 4.19
C VAL A 70 16.30 -0.72 5.59
N ASN A 71 15.21 0.03 5.69
CA ASN A 71 14.58 0.30 6.97
C ASN A 71 13.69 -0.88 7.39
N TYR A 72 14.32 -1.94 7.88
CA TYR A 72 13.61 -3.13 8.32
C TYR A 72 12.68 -2.80 9.49
N ASP A 73 13.16 -1.96 10.40
CA ASP A 73 12.38 -1.56 11.56
C ASP A 73 11.01 -1.03 11.15
N LEU A 74 11.00 -0.20 10.11
CA LEU A 74 9.75 0.37 9.61
C LEU A 74 9.06 -0.58 8.66
N LEU A 75 9.84 -1.32 7.88
CA LEU A 75 9.29 -2.29 6.92
C LEU A 75 8.34 -3.25 7.61
N GLN A 76 8.76 -3.75 8.78
CA GLN A 76 7.95 -4.70 9.53
C GLN A 76 6.52 -4.16 9.72
N LYS A 77 6.42 -2.89 10.07
CA LYS A 77 5.12 -2.26 10.27
C LYS A 77 4.40 -2.03 8.94
N GLN A 78 5.15 -1.56 7.95
CA GLN A 78 4.59 -1.29 6.63
C GLN A 78 3.93 -2.54 6.07
N VAL A 79 4.64 -3.66 6.11
CA VAL A 79 4.13 -4.93 5.61
C VAL A 79 3.06 -5.50 6.54
N LYS A 80 3.24 -5.27 7.83
CA LYS A 80 2.29 -5.76 8.84
C LYS A 80 0.90 -5.16 8.60
N TYR A 81 0.84 -3.84 8.45
CA TYR A 81 -0.43 -3.17 8.22
C TYR A 81 -1.18 -3.78 7.04
N ILE A 82 -0.47 -3.96 5.93
CA ILE A 82 -1.06 -4.55 4.73
C ILE A 82 -1.59 -5.95 5.01
N MET A 83 -0.80 -6.74 5.71
CA MET A 83 -1.18 -8.11 6.05
C MET A 83 -2.53 -8.13 6.78
N ASP A 84 -2.59 -7.40 7.88
CA ASP A 84 -3.82 -7.33 8.68
C ASP A 84 -4.99 -6.85 7.83
N SER A 85 -4.77 -5.77 7.08
CA SER A 85 -5.81 -5.21 6.23
C SER A 85 -6.35 -6.25 5.27
N ASN A 86 -5.48 -7.16 4.84
CA ASN A 86 -5.87 -8.22 3.91
C ASN A 86 -6.24 -7.63 2.55
N MET A 87 -5.67 -6.48 2.23
CA MET A 87 -5.95 -5.82 0.96
C MET A 87 -5.52 -6.70 -0.21
N LEU A 88 -4.47 -7.49 0.00
CA LEU A 88 -3.97 -8.37 -1.04
C LEU A 88 -5.06 -9.31 -1.54
N ASN A 89 -5.85 -9.84 -0.61
CA ASN A 89 -6.94 -10.75 -0.96
C ASN A 89 -8.22 -9.97 -1.27
N LEU A 90 -8.33 -8.78 -0.71
CA LEU A 90 -9.50 -7.93 -0.93
C LEU A 90 -9.85 -7.86 -2.40
N PRO A 91 -11.15 -7.98 -2.72
CA PRO A 91 -11.65 -7.94 -4.09
C PRO A 91 -11.53 -6.53 -4.70
N GLN A 92 -11.75 -5.51 -3.87
CA GLN A 92 -11.67 -4.14 -4.33
C GLN A 92 -10.25 -3.79 -4.77
N PHE A 93 -9.26 -4.40 -4.12
CA PHE A 93 -7.87 -4.16 -4.44
C PHE A 93 -7.40 -5.04 -5.59
N GLN A 94 -7.93 -6.26 -5.64
CA GLN A 94 -7.58 -7.21 -6.68
C GLN A 94 -8.29 -6.86 -7.99
N HIS A 95 -9.42 -6.17 -7.88
CA HIS A 95 -10.19 -5.79 -9.06
C HIS A 95 -9.78 -4.39 -9.54
N LEU A 96 -8.52 -4.05 -9.33
CA LEU A 96 -8.00 -2.75 -9.74
C LEU A 96 -6.82 -2.91 -10.69
N PRO A 97 -6.56 -1.87 -11.49
CA PRO A 97 -5.45 -1.88 -12.46
C PRO A 97 -4.09 -1.81 -11.79
N GLN A 98 -3.05 -2.21 -12.51
CA GLN A 98 -1.70 -2.21 -11.98
C GLN A 98 -1.32 -0.83 -11.43
N GLU A 99 -1.79 0.21 -12.12
CA GLU A 99 -1.51 1.58 -11.70
C GLU A 99 -2.17 1.89 -10.35
N GLU A 100 -3.48 1.73 -10.30
CA GLU A 100 -4.23 1.99 -9.07
C GLU A 100 -3.72 1.12 -7.93
N LYS A 101 -3.28 -0.09 -8.27
CA LYS A 101 -2.77 -1.04 -7.28
C LYS A 101 -1.61 -0.43 -6.50
N MET A 102 -0.54 -0.10 -7.21
CA MET A 102 0.63 0.50 -6.59
C MET A 102 0.25 1.71 -5.74
N SER A 103 -0.52 2.62 -6.34
CA SER A 103 -0.95 3.83 -5.65
C SER A 103 -1.74 3.48 -4.38
N ALA A 104 -2.52 2.40 -4.46
CA ALA A 104 -3.32 1.96 -3.32
C ALA A 104 -2.43 1.54 -2.16
N ILE A 105 -1.47 0.66 -2.44
CA ILE A 105 -0.55 0.18 -1.42
C ILE A 105 0.23 1.32 -0.79
N LEU A 106 0.88 2.12 -1.63
CA LEU A 106 1.66 3.25 -1.15
C LEU A 106 0.81 4.20 -0.33
N ALA A 107 -0.31 4.62 -0.90
CA ALA A 107 -1.22 5.53 -0.21
C ALA A 107 -1.74 4.91 1.08
N MET A 108 -1.89 3.60 1.09
CA MET A 108 -2.37 2.88 2.26
C MET A 108 -1.37 2.99 3.41
N LEU A 109 -0.09 2.87 3.10
CA LEU A 109 0.96 2.95 4.11
C LEU A 109 0.89 4.28 4.85
N ASN A 110 0.65 5.36 4.09
CA ASN A 110 0.56 6.69 4.68
C ASN A 110 -0.37 6.70 5.88
N SER A 111 -1.38 5.84 5.85
CA SER A 111 -2.35 5.76 6.93
C SER A 111 -1.64 5.62 8.28
N ASN A 112 -1.10 4.43 8.53
CA ASN A 112 -0.40 4.16 9.78
C ASN A 112 0.76 5.13 9.97
N SER A 113 0.98 5.56 11.22
CA SER A 113 2.06 6.49 11.52
C SER A 113 3.42 5.84 11.29
N ASP A 114 3.64 4.71 11.94
CA ASP A 114 4.91 3.99 11.82
C ASP A 114 5.20 3.65 10.35
N THR A 115 4.13 3.31 9.62
CA THR A 115 4.27 2.96 8.21
C THR A 115 4.05 4.18 7.32
N ALA A 116 4.35 5.36 7.85
CA ALA A 116 4.18 6.60 7.10
C ALA A 116 5.43 6.91 6.27
N LEU A 117 6.24 5.88 6.03
CA LEU A 117 7.46 6.05 5.25
C LEU A 117 7.14 6.53 3.84
N SER A 118 5.90 6.33 3.42
CA SER A 118 5.46 6.75 2.09
C SER A 118 5.74 8.23 1.86
N VAL A 119 5.89 8.97 2.96
CA VAL A 119 6.17 10.40 2.87
C VAL A 119 7.37 10.69 1.99
N PRO A 120 7.27 11.75 1.17
CA PRO A 120 8.35 12.14 0.26
C PRO A 120 9.56 12.69 0.99
N PRO A 121 10.69 12.81 0.27
CA PRO A 121 11.94 13.32 0.84
C PRO A 121 11.87 14.81 1.14
N HIS A 122 13.02 15.40 1.46
CA HIS A 122 13.09 16.82 1.77
C HIS A 122 14.02 17.55 0.81
N ASP A 123 15.14 16.91 0.49
CA ASP A 123 16.12 17.50 -0.42
C ASP A 123 15.46 17.89 -1.74
N SER A 124 15.08 16.88 -2.53
CA SER A 124 14.45 17.12 -3.82
C SER A 124 13.17 17.95 -3.65
N THR A 125 13.03 18.98 -4.48
CA THR A 125 11.86 19.84 -4.43
C THR A 125 10.68 19.21 -5.17
N THR A 1 -23.81 0.50 -12.45
CA THR A 1 -25.23 0.31 -12.71
C THR A 1 -25.95 -0.25 -11.47
N ALA A 2 -25.38 -1.29 -10.87
CA ALA A 2 -25.95 -1.91 -9.69
C ALA A 2 -25.96 -0.92 -8.51
N ASN A 3 -24.78 -0.50 -8.10
CA ASN A 3 -24.66 0.44 -6.98
C ASN A 3 -24.00 1.74 -7.44
N THR A 4 -24.76 2.83 -7.39
CA THR A 4 -24.25 4.13 -7.79
C THR A 4 -23.79 4.94 -6.58
N ALA A 5 -24.50 4.79 -5.47
CA ALA A 5 -24.15 5.50 -4.24
C ALA A 5 -24.00 4.54 -3.07
N SER A 6 -22.83 4.52 -2.45
CA SER A 6 -22.57 3.65 -1.33
C SER A 6 -21.50 4.24 -0.41
N GLN A 7 -21.86 4.45 0.85
CA GLN A 7 -20.94 5.02 1.83
C GLN A 7 -21.09 4.35 3.19
N GLN A 8 -20.04 4.39 3.99
CA GLN A 8 -20.07 3.79 5.32
C GLN A 8 -18.92 4.32 6.18
N LEU A 9 -19.16 4.39 7.49
CA LEU A 9 -18.15 4.87 8.42
C LEU A 9 -17.97 3.90 9.58
N SER A 10 -16.82 3.23 9.61
CA SER A 10 -16.53 2.27 10.66
C SER A 10 -15.46 2.81 11.61
N LEU A 11 -15.08 2.01 12.59
CA LEU A 11 -14.08 2.41 13.56
C LEU A 11 -12.87 1.47 13.52
N ASP A 12 -12.53 1.01 12.33
CA ASP A 12 -11.40 0.11 12.14
C ASP A 12 -10.81 0.25 10.75
N PRO A 13 -9.53 -0.14 10.60
CA PRO A 13 -8.83 -0.07 9.31
C PRO A 13 -9.36 -1.08 8.29
N LYS A 14 -9.86 -2.21 8.79
CA LYS A 14 -10.40 -3.25 7.94
C LYS A 14 -11.49 -2.70 7.03
N GLN A 15 -12.45 -2.01 7.64
CA GLN A 15 -13.56 -1.43 6.88
C GLN A 15 -13.16 -0.08 6.30
N ARG A 16 -12.42 0.70 7.08
CA ARG A 16 -11.99 2.02 6.64
C ARG A 16 -11.24 1.93 5.32
N SER A 17 -10.45 0.87 5.15
CA SER A 17 -9.68 0.68 3.93
C SER A 17 -10.57 0.80 2.70
N LYS A 18 -11.84 0.43 2.85
CA LYS A 18 -12.80 0.50 1.76
C LYS A 18 -13.02 1.94 1.33
N GLN A 19 -13.11 2.84 2.30
CA GLN A 19 -13.34 4.25 2.02
C GLN A 19 -12.06 4.91 1.49
N ILE A 20 -10.96 4.72 2.22
CA ILE A 20 -9.68 5.29 1.84
C ILE A 20 -9.26 4.82 0.45
N LEU A 21 -9.68 3.61 0.09
CA LEU A 21 -9.36 3.04 -1.22
C LEU A 21 -10.08 3.79 -2.33
N SER A 22 -11.28 4.25 -2.05
CA SER A 22 -12.08 4.98 -3.03
C SER A 22 -11.66 6.45 -3.07
N ASN A 23 -11.10 6.93 -1.98
CA ASN A 23 -10.66 8.32 -1.89
C ASN A 23 -9.14 8.42 -2.05
N LEU A 24 -8.57 7.54 -2.86
CA LEU A 24 -7.14 7.52 -3.11
C LEU A 24 -6.69 8.77 -3.85
N LYS A 25 -7.59 9.32 -4.67
CA LYS A 25 -7.30 10.52 -5.44
C LYS A 25 -6.75 11.63 -4.54
N LYS A 26 -7.16 11.61 -3.28
CA LYS A 26 -6.71 12.61 -2.33
C LYS A 26 -5.19 12.79 -2.40
N SER A 27 -4.48 11.69 -2.64
CA SER A 27 -3.03 11.73 -2.74
C SER A 27 -2.58 12.54 -3.97
N PRO A 28 -1.34 13.03 -3.93
CA PRO A 28 -0.77 13.81 -5.03
C PRO A 28 -0.49 12.97 -6.27
N PRO A 29 -0.37 13.63 -7.42
CA PRO A 29 -0.10 12.95 -8.70
C PRO A 29 1.31 12.37 -8.76
N LEU A 30 1.50 11.22 -8.12
CA LEU A 30 2.80 10.56 -8.10
C LEU A 30 2.73 9.20 -8.79
N ASN A 31 3.62 8.98 -9.74
CA ASN A 31 3.65 7.72 -10.49
C ASN A 31 4.91 6.92 -10.14
N LEU A 32 4.76 5.94 -9.27
CA LEU A 32 5.88 5.10 -8.86
C LEU A 32 6.34 4.20 -10.00
N ASN A 33 5.39 3.73 -10.79
CA ASN A 33 5.71 2.87 -11.93
C ASN A 33 6.27 1.53 -11.45
N ILE A 34 5.77 1.05 -10.32
CA ILE A 34 6.23 -0.21 -9.76
C ILE A 34 5.20 -1.31 -9.97
N SER A 35 5.65 -2.46 -10.48
CA SER A 35 4.76 -3.59 -10.72
C SER A 35 4.76 -4.56 -9.54
N LEU A 36 3.63 -5.24 -9.34
CA LEU A 36 3.51 -6.19 -8.25
C LEU A 36 3.33 -7.60 -8.78
N PRO A 37 4.18 -8.53 -8.32
CA PRO A 37 4.14 -9.94 -8.74
C PRO A 37 2.92 -10.65 -8.18
N THR A 38 2.51 -11.73 -8.87
CA THR A 38 1.36 -12.51 -8.44
C THR A 38 1.44 -12.87 -6.96
N ASP A 39 2.66 -13.08 -6.48
CA ASP A 39 2.88 -13.43 -5.08
C ASP A 39 2.15 -12.46 -4.16
N LEU A 40 2.21 -11.18 -4.48
CA LEU A 40 1.55 -10.15 -3.68
C LEU A 40 0.06 -10.45 -3.53
N THR A 41 -0.54 -10.98 -4.60
CA THR A 41 -1.95 -11.32 -4.59
C THR A 41 -2.16 -12.83 -4.63
N SER A 42 -1.19 -13.58 -4.10
CA SER A 42 -1.27 -15.03 -4.08
C SER A 42 -2.45 -15.50 -3.23
N THR A 43 -2.50 -16.81 -2.97
CA THR A 43 -3.58 -17.38 -2.17
C THR A 43 -3.03 -17.98 -0.88
N ASP A 44 -1.93 -17.42 -0.39
CA ASP A 44 -1.32 -17.91 0.84
C ASP A 44 -0.59 -16.79 1.56
N PRO A 45 -0.43 -16.94 2.89
CA PRO A 45 0.26 -15.94 3.73
C PRO A 45 1.76 -15.87 3.44
N ALA A 46 2.37 -17.05 3.30
CA ALA A 46 3.81 -17.12 3.03
C ALA A 46 4.18 -16.30 1.79
N LYS A 47 3.51 -16.60 0.68
CA LYS A 47 3.76 -15.90 -0.57
C LYS A 47 3.32 -14.44 -0.48
N GLN A 48 2.20 -14.21 0.20
CA GLN A 48 1.67 -12.86 0.37
C GLN A 48 2.70 -11.95 1.04
N GLN A 49 3.21 -12.39 2.18
CA GLN A 49 4.21 -11.61 2.92
C GLN A 49 5.50 -11.51 2.14
N ALA A 50 5.95 -12.63 1.59
CA ALA A 50 7.19 -12.68 0.82
C ALA A 50 7.21 -11.57 -0.24
N ALA A 51 6.13 -11.48 -1.01
CA ALA A 51 6.03 -10.48 -2.06
C ALA A 51 5.85 -9.09 -1.46
N LEU A 52 5.08 -8.99 -0.39
CA LEU A 52 4.83 -7.72 0.28
C LEU A 52 6.14 -7.02 0.60
N PHE A 53 7.00 -7.70 1.37
CA PHE A 53 8.28 -7.14 1.76
C PHE A 53 9.04 -6.60 0.54
N GLN A 54 9.01 -7.37 -0.54
CA GLN A 54 9.69 -6.97 -1.77
C GLN A 54 9.16 -5.65 -2.28
N VAL A 55 7.84 -5.55 -2.42
CA VAL A 55 7.20 -4.34 -2.90
C VAL A 55 7.60 -3.14 -2.05
N ILE A 56 7.42 -3.26 -0.74
CA ILE A 56 7.75 -2.18 0.18
C ILE A 56 9.19 -1.70 -0.04
N ALA A 57 10.13 -2.65 -0.02
CA ALA A 57 11.54 -2.32 -0.21
C ALA A 57 11.74 -1.49 -1.47
N ALA A 58 11.04 -1.86 -2.54
CA ALA A 58 11.13 -1.15 -3.81
C ALA A 58 10.72 0.30 -3.65
N LEU A 59 9.64 0.54 -2.90
CA LEU A 59 9.14 1.89 -2.68
C LEU A 59 10.16 2.73 -1.93
N GLN A 60 10.70 2.17 -0.85
CA GLN A 60 11.70 2.89 -0.05
C GLN A 60 12.87 3.33 -0.91
N LYS A 61 13.40 2.41 -1.71
CA LYS A 61 14.53 2.71 -2.59
C LYS A 61 14.16 3.80 -3.58
N HIS A 62 12.93 3.74 -4.10
CA HIS A 62 12.45 4.73 -5.06
C HIS A 62 12.24 6.09 -4.40
N PHE A 63 11.99 6.07 -3.09
CA PHE A 63 11.77 7.29 -2.34
C PHE A 63 13.08 8.03 -2.09
N LYS A 64 14.02 7.36 -1.44
CA LYS A 64 15.33 7.94 -1.14
C LYS A 64 16.32 7.65 -2.27
N THR A 65 16.59 6.37 -2.51
CA THR A 65 17.52 5.96 -3.55
C THR A 65 17.70 4.45 -3.57
N ASN A 66 17.98 3.91 -4.74
CA ASN A 66 18.18 2.47 -4.90
C ASN A 66 19.37 1.99 -4.08
N MET A 67 20.40 2.83 -4.01
CA MET A 67 21.61 2.49 -3.25
C MET A 67 21.35 2.57 -1.75
N GLU A 68 20.44 3.47 -1.36
CA GLU A 68 20.11 3.64 0.05
C GLU A 68 19.69 2.32 0.68
N ASN A 69 19.43 2.34 1.98
CA ASN A 69 19.02 1.14 2.70
C ASN A 69 17.53 1.16 2.99
N VAL A 70 16.93 -0.02 3.10
CA VAL A 70 15.51 -0.13 3.38
C VAL A 70 15.25 -0.33 4.87
N ASN A 71 14.68 0.69 5.50
CA ASN A 71 14.38 0.62 6.93
C ASN A 71 13.62 -0.65 7.27
N TYR A 72 14.33 -1.63 7.82
CA TYR A 72 13.72 -2.89 8.20
C TYR A 72 12.75 -2.72 9.36
N ASP A 73 13.22 -2.04 10.41
CA ASP A 73 12.40 -1.80 11.59
C ASP A 73 11.07 -1.16 11.21
N LEU A 74 11.10 -0.30 10.20
CA LEU A 74 9.90 0.37 9.73
C LEU A 74 9.11 -0.51 8.77
N LEU A 75 9.83 -1.30 7.98
CA LEU A 75 9.19 -2.20 7.02
C LEU A 75 8.19 -3.12 7.71
N GLN A 76 8.57 -3.61 8.89
CA GLN A 76 7.71 -4.51 9.65
C GLN A 76 6.32 -3.90 9.85
N LYS A 77 6.29 -2.59 10.10
CA LYS A 77 5.02 -1.89 10.31
C LYS A 77 4.30 -1.70 8.98
N GLN A 78 5.03 -1.27 7.96
CA GLN A 78 4.45 -1.05 6.64
C GLN A 78 3.79 -2.33 6.11
N VAL A 79 4.49 -3.45 6.27
CA VAL A 79 3.98 -4.73 5.81
C VAL A 79 2.86 -5.23 6.72
N LYS A 80 3.11 -5.21 8.02
CA LYS A 80 2.13 -5.66 8.99
C LYS A 80 0.78 -4.99 8.76
N TYR A 81 0.82 -3.70 8.40
CA TYR A 81 -0.40 -2.94 8.16
C TYR A 81 -1.14 -3.48 6.93
N ILE A 82 -0.39 -3.74 5.86
CA ILE A 82 -0.97 -4.25 4.64
C ILE A 82 -1.59 -5.64 4.86
N MET A 83 -0.78 -6.55 5.40
CA MET A 83 -1.24 -7.91 5.67
C MET A 83 -2.42 -7.90 6.64
N ASP A 84 -2.38 -6.98 7.59
CA ASP A 84 -3.44 -6.87 8.59
C ASP A 84 -4.74 -6.37 7.96
N SER A 85 -4.61 -5.45 7.01
CA SER A 85 -5.77 -4.89 6.32
C SER A 85 -6.36 -5.89 5.34
N ASN A 86 -5.50 -6.78 4.83
CA ASN A 86 -5.93 -7.80 3.87
C ASN A 86 -6.36 -7.15 2.56
N MET A 87 -5.85 -5.95 2.31
CA MET A 87 -6.19 -5.23 1.08
C MET A 87 -5.72 -6.01 -0.15
N LEU A 88 -4.68 -6.81 0.02
CA LEU A 88 -4.14 -7.60 -1.08
C LEU A 88 -5.14 -8.66 -1.53
N ASN A 89 -5.91 -9.18 -0.57
CA ASN A 89 -6.92 -10.20 -0.87
C ASN A 89 -8.26 -9.56 -1.19
N LEU A 90 -8.48 -8.37 -0.65
CA LEU A 90 -9.74 -7.65 -0.87
C LEU A 90 -10.11 -7.65 -2.36
N PRO A 91 -11.41 -7.60 -2.63
CA PRO A 91 -11.94 -7.60 -4.01
C PRO A 91 -11.63 -6.30 -4.74
N GLN A 92 -11.53 -5.21 -3.98
CA GLN A 92 -11.24 -3.91 -4.57
C GLN A 92 -9.86 -3.89 -5.22
N PHE A 93 -8.88 -4.47 -4.54
CA PHE A 93 -7.52 -4.52 -5.06
C PHE A 93 -7.45 -5.42 -6.30
N GLN A 94 -8.24 -6.48 -6.31
CA GLN A 94 -8.27 -7.42 -7.43
C GLN A 94 -9.05 -6.83 -8.60
N HIS A 95 -10.10 -6.07 -8.29
CA HIS A 95 -10.93 -5.46 -9.31
C HIS A 95 -10.25 -4.23 -9.91
N LEU A 96 -9.50 -3.51 -9.07
CA LEU A 96 -8.79 -2.31 -9.51
C LEU A 96 -7.67 -2.67 -10.47
N PRO A 97 -7.30 -1.71 -11.34
CA PRO A 97 -6.23 -1.89 -12.32
C PRO A 97 -4.85 -1.98 -11.68
N GLN A 98 -3.90 -2.56 -12.41
CA GLN A 98 -2.54 -2.70 -11.91
C GLN A 98 -1.96 -1.34 -11.50
N GLU A 99 -2.32 -0.31 -12.23
CA GLU A 99 -1.84 1.05 -11.95
C GLU A 99 -2.39 1.54 -10.61
N GLU A 100 -3.70 1.60 -10.50
CA GLU A 100 -4.36 2.06 -9.28
C GLU A 100 -3.92 1.22 -8.08
N LYS A 101 -3.69 -0.06 -8.32
CA LYS A 101 -3.27 -0.98 -7.27
C LYS A 101 -2.07 -0.42 -6.52
N MET A 102 -0.98 -0.18 -7.24
CA MET A 102 0.24 0.36 -6.64
C MET A 102 -0.07 1.63 -5.83
N SER A 103 -0.73 2.58 -6.48
CA SER A 103 -1.08 3.84 -5.82
C SER A 103 -1.87 3.59 -4.54
N ALA A 104 -2.76 2.60 -4.59
CA ALA A 104 -3.59 2.25 -3.45
C ALA A 104 -2.72 1.81 -2.26
N ILE A 105 -1.84 0.85 -2.51
CA ILE A 105 -0.95 0.33 -1.47
C ILE A 105 -0.12 1.45 -0.86
N LEU A 106 0.45 2.30 -1.71
CA LEU A 106 1.26 3.41 -1.25
C LEU A 106 0.48 4.31 -0.30
N ALA A 107 -0.68 4.80 -0.77
CA ALA A 107 -1.53 5.67 0.03
C ALA A 107 -1.83 5.03 1.38
N MET A 108 -2.18 3.74 1.36
CA MET A 108 -2.49 3.02 2.59
C MET A 108 -1.33 3.06 3.56
N LEU A 109 -0.12 2.81 3.05
CA LEU A 109 1.08 2.81 3.87
C LEU A 109 1.26 4.16 4.58
N ASN A 110 0.66 5.20 4.00
CA ASN A 110 0.75 6.54 4.58
C ASN A 110 -0.43 6.81 5.50
N SER A 111 -1.02 5.75 6.04
CA SER A 111 -2.16 5.87 6.94
C SER A 111 -1.70 5.88 8.39
N ASN A 112 -0.71 5.04 8.70
CA ASN A 112 -0.18 4.95 10.06
C ASN A 112 1.18 5.62 10.16
N SER A 113 1.51 6.11 11.35
CA SER A 113 2.77 6.79 11.58
C SER A 113 3.94 5.80 11.47
N ASP A 114 3.77 4.63 12.08
CA ASP A 114 4.81 3.61 12.05
C ASP A 114 5.28 3.34 10.63
N THR A 115 4.33 3.32 9.69
CA THR A 115 4.66 3.08 8.29
C THR A 115 4.70 4.38 7.51
N ALA A 116 5.11 5.46 8.17
CA ALA A 116 5.20 6.76 7.53
C ALA A 116 6.54 6.95 6.85
N LEU A 117 7.20 5.84 6.51
CA LEU A 117 8.49 5.88 5.85
C LEU A 117 8.42 6.67 4.55
N SER A 118 7.26 6.63 3.90
CA SER A 118 7.06 7.34 2.65
C SER A 118 7.49 8.80 2.78
N VAL A 119 8.69 9.10 2.31
CA VAL A 119 9.23 10.45 2.37
C VAL A 119 9.84 10.86 1.04
N PRO A 120 9.49 12.07 0.57
CA PRO A 120 9.99 12.61 -0.69
C PRO A 120 11.46 12.97 -0.63
N PRO A 121 12.06 13.24 -1.80
CA PRO A 121 13.48 13.59 -1.90
C PRO A 121 13.77 14.98 -1.32
N HIS A 122 14.48 15.01 -0.20
CA HIS A 122 14.83 16.26 0.46
C HIS A 122 16.31 16.57 0.30
N ASP A 123 17.15 15.59 0.64
CA ASP A 123 18.59 15.74 0.54
C ASP A 123 19.29 14.39 0.59
N SER A 124 20.39 14.27 -0.16
CA SER A 124 21.14 13.02 -0.19
C SER A 124 22.18 12.99 0.92
N THR A 125 22.61 11.78 1.27
CA THR A 125 23.60 11.61 2.33
C THR A 125 24.94 11.15 1.76
#